data_7Q7P
#
_entry.id   7Q7P
#
_cell.length_a   84.900
_cell.length_b   125.300
_cell.length_c   182.700
_cell.angle_alpha   90.000
_cell.angle_beta   90.000
_cell.angle_gamma   90.000
#
_symmetry.space_group_name_H-M   'P 21 21 2'
#
loop_
_entity.id
_entity.type
_entity.pdbx_description
1 polymer 'Photosynthetic reaction center cytochrome c subunit'
2 polymer 'Reaction center protein H chain'
3 polymer 'Reaction center protein L chain'
4 polymer 'Reaction center protein M chain'
5 non-polymer 'HEME C'
6 non-polymer 'DIACYL GLYCEROL'
7 non-polymer HEPTANE-1,2,3-TRIOL
8 non-polymer '(2R)-2,3-dihydroxypropyl (9Z)-octadec-9-enoate'
9 non-polymer 'SULFATE ION'
10 non-polymer 'BACTERIOCHLOROPHYLL B'
11 non-polymer 'BACTERIOPHEOPHYTIN B'
12 non-polymer UBIQUINONE-1
13 non-polymer 'LAURYL DIMETHYLAMINE-N-OXIDE'
14 non-polymer 'FE (II) ION'
15 non-polymer MENAQUINONE-7
16 non-polymer 15-cis-1,2-dihydroneurosporene
17 water water
#
loop_
_entity_poly.entity_id
_entity_poly.type
_entity_poly.pdbx_seq_one_letter_code
_entity_poly.pdbx_strand_id
1 'polypeptide(L)'
;MKQLIVNSVATVALASLVAGCFEPPPATTTQTGFRGLSMGEVLHPATVKAKKERDAQYPPALAAVKAEGPPVSQVYKNVK
VLGNLTEAEFLRTMTAITEWVSPQEGCTYCHDENNLASEAKYPYVVARRMLEMTRAINTNWTQHVAQTGVTCYTCHRGTP
LPPYVRYLEPTLPLNNRETPTHVERVETRSGYVVRLAKYTAYSALNYDPFTMFLANDKRQVRVVPQTALPLVGVSRGKER
RPLSDAYATFALMMSISDSLGTNCTFCHNAQTFESWGKKSTPQRAIAWWGIRMVRDLNMNYLAPLNASLPASRLGRQGEA
PQADCRTCHQGVTKPLFGASRLKDYPELGPIKAAAK
;
CCC
2 'polypeptide(L)'
;(FME)YHGALAQHLDIAQLVWYAQWLVIWTVVLLYLRREDRREGYPLVEPLGLVKLAPEDGQVYELPYPKTFVLPHGGTV
TVPRRRPETRELKLAQTDGFEGAPLQPTGNPLVDAVGPASYAERAEVVDATVDGKAKIVPLRVATDFSIAEGDVDPRGLP
VVAADGVEAGTVTDLWVDRSEHYFRYLELSVAGSARTALIPLGFCDVKKDKIVVTSILSEQFANVPRLQSRDQITLREED
KVSAYYAGGLLYATPERAESLL
;
HHH
3 'polypeptide(L)'
;ALLSFERKYRVRGGTLIGGDLFDFWVGPYFVGFFGVSAIFFIFLGVSLIGYAASQGPTWDPFAISINPPDLKYGLGAAPL
LEGGFWQAITVCALGAFISWMLREVEISRKLGIGWHVPLAFCVPIFMFCVLQVFRPLLLGSWGHAFPYGILSHLDWVNNF
GYQYLNWHYNPGHMSSVSFLFVNAMALGLHGGLILSVANPGDGDKVKTAEHENQYFRDVVGYSIGALSIHRLGLFLASNI
FLTGAFGTIASGPFWTRGWPEWWGWWLDIPFWS
;
LLL
4 'polypeptide(L)'
;ADYQTIYTQIQARGPHITVSGEWGDNDRVGKPFYSYWLGKIGDAQIGPIYLGASGIAAFAFGSTAILIILFNMAAEVHFD
PLQFFRQFFWLGLYPPKAQYGMGIPPLHDGGWWLMAGLFMTLSLGSWWIRVYSRARALGLGTHIAWNFAAAIFFVLCIGC
IHPTLVGSWSEGVPFGIWPHIDWLTAFSIRYGNFYYCPWHGFSIGFAYGCGLLFAAHGATILAVARFGGDREIEQITDRG
TAVERAALFWRWTIGFNATIESVHRWGWFFSLMVMVSASVGILLTGTFVDNWYLWCVKHGAAPDYPAYLPATPDPASLPG
APK
;
MMM
#
loop_
_chem_comp.id
_chem_comp.type
_chem_comp.name
_chem_comp.formula
BCB non-polymer 'BACTERIOCHLOROPHYLL B' 'C55 H72 Mg N4 O6 2'
BPB non-polymer 'BACTERIOPHEOPHYTIN B' 'C55 H74 N4 O6'
DGA non-polymer 'DIACYL GLYCEROL' 'C39 H76 O5'
FE2 non-polymer 'FE (II) ION' 'Fe 2'
HEC non-polymer 'HEME C' 'C34 H34 Fe N4 O4'
HTO non-polymer HEPTANE-1,2,3-TRIOL 'C7 H16 O3'
LDA non-polymer 'LAURYL DIMETHYLAMINE-N-OXIDE' 'C14 H31 N O'
MQ7 non-polymer MENAQUINONE-7 'C46 H64 O2'
NS5 non-polymer 15-cis-1,2-dihydroneurosporene 'C40 H60'
OLC non-polymer '(2R)-2,3-dihydroxypropyl (9Z)-octadec-9-enoate' 'C21 H40 O4'
SO4 non-polymer 'SULFATE ION' 'O4 S -2'
UQ1 non-polymer UBIQUINONE-1 'C14 H18 O4'
#
# COMPACT_ATOMS: atom_id res chain seq x y z
N CYS A 21 -5.13 -21.37 7.07
CA CYS A 21 -4.14 -20.88 6.10
C CYS A 21 -2.89 -20.30 6.83
N PHE A 22 -2.71 -20.56 8.14
CA PHE A 22 -1.84 -19.80 9.08
C PHE A 22 -0.89 -20.73 9.86
N GLU A 23 0.14 -20.16 10.49
CA GLU A 23 1.13 -20.86 11.37
C GLU A 23 1.15 -20.19 12.74
N PRO A 24 0.82 -20.91 13.84
CA PRO A 24 0.75 -20.28 15.16
C PRO A 24 2.08 -19.90 15.78
N PRO A 25 2.10 -18.79 16.56
CA PRO A 25 3.32 -18.35 17.24
C PRO A 25 3.67 -19.28 18.41
N PRO A 26 4.86 -19.16 19.05
CA PRO A 26 5.87 -18.18 18.69
C PRO A 26 6.61 -18.53 17.40
N ALA A 27 7.31 -17.53 16.86
CA ALA A 27 8.26 -17.62 15.74
C ALA A 27 9.68 -17.44 16.30
N THR A 28 10.66 -18.10 15.67
CA THR A 28 12.10 -17.96 15.98
C THR A 28 12.69 -16.95 14.99
N THR A 29 13.40 -15.93 15.49
CA THR A 29 13.96 -14.84 14.66
C THR A 29 15.44 -14.69 14.97
N THR A 30 16.24 -14.40 13.95
CA THR A 30 17.68 -14.11 14.06
C THR A 30 17.92 -12.73 13.46
N GLN A 31 19.12 -12.21 13.62
CA GLN A 31 19.53 -10.89 13.14
C GLN A 31 20.76 -11.13 12.26
N THR A 32 20.78 -10.59 11.04
CA THR A 32 21.91 -10.77 10.08
C THR A 32 22.41 -9.41 9.59
N GLY A 33 21.83 -8.32 10.09
CA GLY A 33 22.24 -6.94 9.76
C GLY A 33 22.16 -6.05 10.98
N PHE A 34 22.66 -4.83 10.84
CA PHE A 34 22.62 -3.78 11.88
C PHE A 34 21.18 -3.68 12.41
N ARG A 35 21.02 -3.44 13.72
CA ARG A 35 19.70 -3.23 14.37
C ARG A 35 18.88 -2.18 13.59
N GLY A 36 17.58 -2.44 13.43
CA GLY A 36 16.67 -1.56 12.67
C GLY A 36 16.72 -1.69 11.15
N LEU A 37 17.37 -2.72 10.59
CA LEU A 37 17.35 -3.01 9.13
C LEU A 37 16.36 -4.14 8.80
N SER A 38 15.75 -4.79 9.79
CA SER A 38 14.81 -5.93 9.64
C SER A 38 15.44 -7.01 8.76
N MET A 39 16.72 -7.33 8.98
CA MET A 39 17.46 -8.45 8.35
C MET A 39 17.52 -9.65 9.30
N GLY A 40 17.21 -10.85 8.85
CA GLY A 40 17.33 -12.06 9.68
C GLY A 40 16.36 -13.14 9.25
N GLU A 41 16.43 -14.30 9.90
CA GLU A 41 15.62 -15.48 9.53
C GLU A 41 14.31 -15.41 10.29
N VAL A 42 13.29 -16.11 9.78
CA VAL A 42 11.93 -16.26 10.40
C VAL A 42 11.55 -17.72 10.21
N LEU A 43 11.41 -18.44 11.32
CA LEU A 43 11.28 -19.92 11.34
C LEU A 43 10.10 -20.32 12.22
N HIS A 44 9.22 -21.17 11.70
CA HIS A 44 8.20 -21.93 12.45
C HIS A 44 8.86 -23.12 13.13
N PRO A 45 8.96 -23.18 14.49
CA PRO A 45 9.56 -24.32 15.20
C PRO A 45 9.14 -25.75 14.82
N ALA A 46 7.83 -26.02 14.65
CA ALA A 46 7.32 -27.33 14.17
C ALA A 46 8.05 -27.77 12.88
N THR A 47 8.27 -26.85 11.94
CA THR A 47 8.85 -27.12 10.61
C THR A 47 10.34 -27.42 10.77
N VAL A 48 11.03 -26.61 11.57
CA VAL A 48 12.45 -26.88 11.94
C VAL A 48 12.51 -28.27 12.60
N LYS A 49 11.62 -28.57 13.56
CA LYS A 49 11.61 -29.85 14.31
C LYS A 49 11.47 -31.03 13.31
N ALA A 50 10.55 -30.94 12.34
CA ALA A 50 10.26 -32.02 11.37
C ALA A 50 11.48 -32.28 10.48
N LYS A 51 12.20 -31.24 10.09
CA LYS A 51 13.38 -31.36 9.20
C LYS A 51 14.54 -31.98 9.99
N LYS A 52 14.67 -31.58 11.24
CA LYS A 52 15.72 -32.07 12.18
C LYS A 52 15.53 -33.58 12.36
N GLU A 53 14.27 -34.03 12.42
CA GLU A 53 13.91 -35.45 12.66
C GLU A 53 14.23 -36.24 11.39
N ARG A 54 13.78 -35.76 10.23
CA ARG A 54 14.11 -36.34 8.91
C ARG A 54 15.63 -36.55 8.82
N ASP A 55 16.42 -35.52 9.17
CA ASP A 55 17.88 -35.43 8.92
C ASP A 55 18.67 -36.17 10.02
N ALA A 56 18.01 -36.53 11.12
CA ALA A 56 18.62 -37.27 12.25
C ALA A 56 18.81 -38.74 11.85
N GLN A 57 18.13 -39.19 10.78
CA GLN A 57 18.21 -40.57 10.25
C GLN A 57 19.62 -40.86 9.68
N TYR A 58 20.41 -39.84 9.39
CA TYR A 58 21.85 -39.99 8.98
C TYR A 58 22.47 -41.12 9.79
N PRO A 59 22.75 -42.28 9.19
CA PRO A 59 23.44 -43.34 9.92
C PRO A 59 24.70 -42.87 10.63
N PRO A 60 24.98 -43.37 11.86
CA PRO A 60 26.26 -43.10 12.52
C PRO A 60 27.44 -43.64 11.71
N ALA A 61 28.60 -42.99 11.82
CA ALA A 61 29.90 -43.52 11.38
C ALA A 61 30.08 -44.96 11.89
N LEU A 62 30.56 -45.87 11.05
CA LEU A 62 30.92 -47.25 11.49
C LEU A 62 32.19 -47.13 12.32
N ALA A 63 32.34 -48.02 13.32
CA ALA A 63 33.54 -48.19 14.18
C ALA A 63 34.82 -48.10 13.33
N ALA A 64 35.82 -47.32 13.79
CA ALA A 64 37.12 -47.15 13.12
C ALA A 64 37.88 -48.49 13.13
N VAL A 65 38.84 -48.66 12.22
CA VAL A 65 39.66 -49.90 12.09
C VAL A 65 41.12 -49.49 11.90
N LYS A 66 42.07 -50.21 12.52
CA LYS A 66 43.53 -49.98 12.35
C LYS A 66 43.92 -50.44 10.94
N ALA A 67 44.85 -49.74 10.30
CA ALA A 67 45.33 -49.97 8.91
C ALA A 67 46.35 -51.10 8.85
N GLU A 68 45.97 -52.30 9.30
CA GLU A 68 46.75 -53.56 9.22
C GLU A 68 46.68 -54.09 7.78
N GLY A 69 47.82 -54.28 7.12
CA GLY A 69 47.92 -55.11 5.91
C GLY A 69 48.43 -54.31 4.72
N PRO A 70 48.55 -54.94 3.54
CA PRO A 70 48.88 -54.23 2.29
C PRO A 70 47.73 -53.43 1.67
N PRO A 71 48.04 -52.48 0.76
CA PRO A 71 47.00 -51.70 0.07
C PRO A 71 46.21 -52.58 -0.89
N VAL A 72 44.89 -52.43 -0.96
CA VAL A 72 44.01 -53.29 -1.82
C VAL A 72 44.40 -53.18 -3.30
N SER A 73 45.24 -52.21 -3.70
CA SER A 73 45.68 -52.06 -5.11
C SER A 73 46.42 -53.32 -5.59
N GLN A 74 46.86 -54.17 -4.66
CA GLN A 74 47.68 -55.37 -4.93
C GLN A 74 47.12 -56.55 -4.13
N VAL A 75 45.80 -56.56 -3.93
CA VAL A 75 45.04 -57.67 -3.30
C VAL A 75 43.83 -57.94 -4.21
N TYR A 76 42.99 -56.92 -4.39
CA TYR A 76 41.80 -56.94 -5.29
C TYR A 76 42.26 -56.56 -6.70
N LYS A 77 41.41 -56.82 -7.70
CA LYS A 77 41.76 -56.88 -9.14
C LYS A 77 41.29 -55.62 -9.88
N ASN A 78 40.25 -54.91 -9.41
CA ASN A 78 39.64 -53.80 -10.18
C ASN A 78 39.28 -52.64 -9.23
N VAL A 79 40.28 -52.08 -8.55
CA VAL A 79 40.17 -50.87 -7.69
C VAL A 79 40.92 -49.71 -8.37
N LYS A 80 40.22 -48.70 -8.87
CA LYS A 80 40.85 -47.57 -9.60
C LYS A 80 40.84 -46.32 -8.72
N VAL A 81 40.09 -46.28 -7.62
CA VAL A 81 39.94 -45.01 -6.85
C VAL A 81 40.50 -45.20 -5.44
N LEU A 82 40.00 -46.18 -4.71
CA LEU A 82 40.34 -46.45 -3.30
C LEU A 82 41.52 -47.45 -3.18
N GLY A 83 42.51 -47.40 -4.09
CA GLY A 83 43.60 -48.41 -4.20
C GLY A 83 44.60 -48.37 -3.05
N ASN A 84 44.92 -47.17 -2.55
CA ASN A 84 45.81 -46.92 -1.38
C ASN A 84 45.18 -47.45 -0.08
N LEU A 85 43.88 -47.75 -0.06
CA LEU A 85 43.21 -48.22 1.19
C LEU A 85 43.60 -49.68 1.48
N THR A 86 43.32 -50.09 2.70
CA THR A 86 43.71 -51.37 3.34
C THR A 86 42.45 -52.21 3.34
N GLU A 87 42.58 -53.54 3.35
CA GLU A 87 41.44 -54.47 3.14
C GLU A 87 40.32 -54.14 4.13
N ALA A 88 40.63 -53.92 5.41
CA ALA A 88 39.62 -53.72 6.49
C ALA A 88 38.89 -52.39 6.27
N GLU A 89 39.66 -51.34 5.94
CA GLU A 89 39.21 -49.97 5.61
C GLU A 89 38.25 -50.02 4.41
N PHE A 90 38.71 -50.61 3.29
CA PHE A 90 38.00 -50.67 1.99
C PHE A 90 36.61 -51.32 2.18
N LEU A 91 36.58 -52.45 2.87
CA LEU A 91 35.32 -53.16 3.18
C LEU A 91 34.43 -52.27 4.03
N ARG A 92 35.02 -51.36 4.83
CA ARG A 92 34.27 -50.41 5.72
C ARG A 92 33.62 -49.33 4.83
N THR A 93 34.37 -48.78 3.89
CA THR A 93 33.85 -47.89 2.83
C THR A 93 32.64 -48.56 2.17
N MET A 94 32.80 -49.82 1.74
CA MET A 94 31.77 -50.54 0.94
C MET A 94 30.50 -50.73 1.77
N THR A 95 30.63 -50.97 3.07
CA THR A 95 29.46 -51.15 4.00
C THR A 95 28.75 -49.79 4.21
N ALA A 96 29.50 -48.68 4.30
CA ALA A 96 28.96 -47.30 4.39
C ALA A 96 28.21 -46.96 3.11
N ILE A 97 28.92 -47.02 1.98
CA ILE A 97 28.33 -46.79 0.64
C ILE A 97 27.00 -47.54 0.53
N THR A 98 26.95 -48.80 0.99
CA THR A 98 25.77 -49.68 0.86
C THR A 98 24.61 -49.13 1.71
N GLU A 99 24.82 -48.77 2.98
CA GLU A 99 23.71 -48.28 3.85
C GLU A 99 23.26 -46.88 3.36
N TRP A 100 24.18 -46.11 2.75
CA TRP A 100 23.92 -44.73 2.28
C TRP A 100 23.07 -44.72 1.01
N VAL A 101 23.27 -45.68 0.10
CA VAL A 101 22.75 -45.62 -1.30
C VAL A 101 21.75 -46.75 -1.61
N SER A 102 21.96 -47.97 -1.09
CA SER A 102 21.18 -49.18 -1.48
C SER A 102 21.08 -50.17 -0.32
N PRO A 103 20.54 -49.75 0.85
CA PRO A 103 20.54 -50.61 2.03
C PRO A 103 19.65 -51.84 1.80
N GLN A 104 18.50 -51.66 1.14
CA GLN A 104 17.49 -52.70 0.84
C GLN A 104 18.08 -53.82 -0.03
N GLU A 105 18.68 -53.48 -1.18
CA GLU A 105 19.18 -54.45 -2.20
C GLU A 105 20.58 -54.99 -1.82
N GLY A 106 21.31 -54.32 -0.92
CA GLY A 106 22.64 -54.76 -0.44
C GLY A 106 23.73 -54.67 -1.50
N CYS A 107 24.87 -55.32 -1.25
CA CYS A 107 26.09 -55.33 -2.11
C CYS A 107 25.77 -55.74 -3.55
N THR A 108 24.74 -56.55 -3.77
CA THR A 108 24.42 -57.12 -5.12
C THR A 108 23.78 -56.03 -6.00
N TYR A 109 23.44 -54.85 -5.45
CA TYR A 109 22.98 -53.69 -6.26
C TYR A 109 24.04 -53.36 -7.32
N CYS A 110 25.32 -53.48 -6.98
CA CYS A 110 26.46 -53.03 -7.83
C CYS A 110 27.32 -54.24 -8.28
N HIS A 111 27.09 -55.42 -7.70
CA HIS A 111 28.04 -56.55 -7.78
C HIS A 111 27.38 -57.82 -8.30
N ASP A 112 28.11 -58.54 -9.16
CA ASP A 112 27.90 -59.98 -9.46
C ASP A 112 28.52 -60.79 -8.31
N GLU A 113 27.73 -61.63 -7.61
CA GLU A 113 28.27 -62.56 -6.58
C GLU A 113 29.44 -63.38 -7.15
N ASN A 114 29.38 -63.80 -8.42
CA ASN A 114 30.33 -64.83 -8.91
CA ASN A 114 30.29 -64.81 -9.03
C ASN A 114 31.67 -64.18 -9.28
N ASN A 115 31.77 -62.83 -9.16
CA ASN A 115 32.97 -62.05 -9.57
C ASN A 115 32.86 -60.55 -9.16
N LEU A 116 33.49 -60.16 -8.05
CA LEU A 116 33.33 -58.82 -7.44
C LEU A 116 34.09 -57.74 -8.24
N ALA A 117 34.94 -58.15 -9.21
CA ALA A 117 35.66 -57.23 -10.12
C ALA A 117 34.84 -56.99 -11.40
N SER A 118 33.70 -57.63 -11.58
CA SER A 118 32.86 -57.50 -12.80
C SER A 118 32.11 -56.15 -12.77
N GLU A 119 32.20 -55.39 -13.87
CA GLU A 119 31.46 -54.13 -14.13
C GLU A 119 30.15 -54.41 -14.89
N ALA A 120 29.52 -55.59 -14.72
CA ALA A 120 28.38 -56.07 -15.54
C ALA A 120 27.08 -55.31 -15.19
N LYS A 121 26.97 -54.79 -13.97
CA LYS A 121 25.76 -54.04 -13.54
C LYS A 121 25.98 -52.53 -13.71
N TYR A 122 24.96 -51.82 -14.22
CA TYR A 122 25.06 -50.38 -14.58
C TYR A 122 25.45 -49.58 -13.33
N PRO A 123 24.90 -49.87 -12.12
CA PRO A 123 25.24 -49.10 -10.92
C PRO A 123 26.73 -49.08 -10.52
N TYR A 124 27.51 -50.09 -10.93
CA TYR A 124 28.95 -50.23 -10.56
C TYR A 124 29.72 -49.05 -11.18
N VAL A 125 29.58 -48.85 -12.48
CA VAL A 125 30.36 -47.83 -13.23
C VAL A 125 29.94 -46.42 -12.79
N VAL A 126 28.65 -46.21 -12.53
CA VAL A 126 28.11 -44.91 -12.01
C VAL A 126 28.71 -44.66 -10.61
N ALA A 127 28.71 -45.68 -9.76
CA ALA A 127 29.27 -45.61 -8.38
C ALA A 127 30.75 -45.18 -8.42
N ARG A 128 31.53 -45.68 -9.36
CA ARG A 128 32.95 -45.31 -9.42
C ARG A 128 33.03 -43.80 -9.69
N ARG A 129 32.30 -43.34 -10.71
CA ARG A 129 32.21 -41.92 -11.08
C ARG A 129 31.70 -41.11 -9.87
N MET A 130 30.77 -41.64 -9.08
CA MET A 130 30.22 -40.97 -7.87
C MET A 130 31.30 -40.84 -6.78
N LEU A 131 32.18 -41.84 -6.61
CA LEU A 131 33.34 -41.73 -5.68
C LEU A 131 34.24 -40.59 -6.15
N GLU A 132 34.58 -40.55 -7.44
CA GLU A 132 35.46 -39.48 -7.98
C GLU A 132 34.82 -38.13 -7.63
N MET A 133 33.51 -38.02 -7.85
CA MET A 133 32.74 -36.75 -7.74
C MET A 133 32.70 -36.30 -6.28
N THR A 134 32.41 -37.21 -5.36
CA THR A 134 32.33 -36.92 -3.90
C THR A 134 33.68 -36.42 -3.38
N ARG A 135 34.78 -37.05 -3.80
CA ARG A 135 36.16 -36.65 -3.46
C ARG A 135 36.49 -35.26 -4.05
N ALA A 136 36.02 -34.96 -5.26
CA ALA A 136 36.28 -33.66 -5.93
C ALA A 136 35.53 -32.55 -5.16
N ILE A 137 34.33 -32.81 -4.68
CA ILE A 137 33.57 -31.84 -3.84
C ILE A 137 34.39 -31.49 -2.59
N ASN A 138 34.78 -32.51 -1.84
CA ASN A 138 35.40 -32.41 -0.49
C ASN A 138 36.83 -31.87 -0.60
N THR A 139 37.41 -31.84 -1.81
CA THR A 139 38.81 -31.45 -2.09
C THR A 139 38.84 -30.09 -2.79
N ASN A 140 38.11 -29.95 -3.90
CA ASN A 140 38.20 -28.76 -4.80
C ASN A 140 37.13 -27.72 -4.47
N TRP A 141 36.18 -28.02 -3.60
CA TRP A 141 35.06 -27.07 -3.29
C TRP A 141 34.90 -26.90 -1.77
N THR A 142 36.02 -26.83 -1.05
CA THR A 142 36.10 -26.48 0.40
C THR A 142 35.55 -25.07 0.63
N GLN A 143 35.70 -24.17 -0.35
CA GLN A 143 35.13 -22.78 -0.34
C GLN A 143 33.60 -22.81 -0.17
N HIS A 144 32.92 -23.91 -0.55
CA HIS A 144 31.48 -24.12 -0.27
C HIS A 144 31.26 -25.11 0.89
N VAL A 145 31.90 -26.27 0.89
CA VAL A 145 31.51 -27.37 1.83
C VAL A 145 32.36 -27.29 3.11
N ALA A 146 33.44 -26.49 3.07
CA ALA A 146 34.33 -26.25 4.24
C ALA A 146 34.79 -27.60 4.80
N GLN A 147 34.65 -27.84 6.10
CA GLN A 147 35.16 -29.04 6.81
C GLN A 147 33.98 -29.93 7.24
N THR A 148 32.76 -29.51 6.93
CA THR A 148 31.54 -30.34 6.99
C THR A 148 31.58 -31.45 5.92
N GLY A 149 31.77 -31.07 4.66
CA GLY A 149 31.88 -31.99 3.50
C GLY A 149 30.57 -32.70 3.18
N VAL A 150 30.62 -33.64 2.25
CA VAL A 150 29.45 -34.49 1.88
C VAL A 150 29.85 -35.96 1.89
N THR A 151 28.86 -36.82 2.11
CA THR A 151 28.92 -38.26 1.83
C THR A 151 27.91 -38.56 0.71
N CYS A 152 27.85 -39.81 0.29
CA CYS A 152 26.80 -40.33 -0.61
C CYS A 152 25.44 -39.96 0.00
N TYR A 153 25.32 -40.03 1.32
CA TYR A 153 24.03 -39.85 2.04
C TYR A 153 23.48 -38.44 1.82
N THR A 154 24.34 -37.42 1.83
CA THR A 154 23.93 -35.99 1.70
C THR A 154 22.86 -35.86 0.62
N CYS A 155 23.08 -36.46 -0.57
CA CYS A 155 22.16 -36.44 -1.72
C CYS A 155 21.22 -37.65 -1.70
N HIS A 156 21.76 -38.86 -1.54
CA HIS A 156 21.03 -40.14 -1.81
C HIS A 156 19.99 -40.42 -0.71
N ARG A 157 20.30 -40.11 0.55
CA ARG A 157 19.39 -40.31 1.70
C ARG A 157 18.82 -41.75 1.68
N GLY A 158 19.64 -42.74 1.36
CA GLY A 158 19.29 -44.17 1.52
C GLY A 158 18.57 -44.79 0.33
N THR A 159 18.53 -44.12 -0.82
CA THR A 159 17.89 -44.67 -2.05
C THR A 159 18.83 -44.44 -3.23
N PRO A 160 18.85 -45.38 -4.20
CA PRO A 160 19.68 -45.20 -5.39
C PRO A 160 19.33 -43.91 -6.16
N LEU A 161 18.03 -43.63 -6.34
CA LEU A 161 17.52 -42.34 -6.88
C LEU A 161 17.48 -41.33 -5.73
N PRO A 162 18.27 -40.22 -5.80
CA PRO A 162 18.16 -39.14 -4.82
C PRO A 162 16.77 -38.51 -4.90
N PRO A 163 16.15 -38.14 -3.75
CA PRO A 163 14.77 -37.64 -3.75
C PRO A 163 14.54 -36.28 -4.43
N TYR A 164 15.57 -35.44 -4.54
CA TYR A 164 15.49 -34.08 -5.13
C TYR A 164 16.52 -33.94 -6.26
N VAL A 165 16.06 -34.14 -7.50
CA VAL A 165 16.89 -34.05 -8.74
C VAL A 165 16.18 -33.13 -9.70
N ARG A 166 16.86 -32.64 -10.75
N ARG A 166 16.83 -32.73 -10.78
CA ARG A 166 16.24 -31.78 -11.81
CA ARG A 166 16.20 -31.83 -11.79
C ARG A 166 16.49 -32.41 -13.19
C ARG A 166 16.50 -32.34 -13.21
N TYR A 167 15.48 -32.31 -14.06
CA TYR A 167 15.55 -32.62 -15.52
C TYR A 167 15.66 -31.26 -16.22
N LEU A 168 15.73 -31.25 -17.56
CA LEU A 168 15.86 -29.99 -18.34
C LEU A 168 14.49 -29.34 -18.48
N GLU A 169 13.45 -29.89 -17.83
CA GLU A 169 12.15 -29.21 -17.69
C GLU A 169 11.62 -29.44 -16.28
N PRO A 170 10.85 -28.48 -15.73
CA PRO A 170 10.38 -28.59 -14.35
C PRO A 170 9.45 -29.80 -14.19
N THR A 171 9.61 -30.52 -13.07
CA THR A 171 8.77 -31.68 -12.70
C THR A 171 8.21 -31.52 -11.29
N LEU A 172 7.04 -32.12 -11.07
CA LEU A 172 6.42 -32.29 -9.73
C LEU A 172 6.08 -33.76 -9.54
N PRO A 173 5.97 -34.23 -8.28
CA PRO A 173 6.40 -33.44 -7.12
C PRO A 173 7.94 -33.20 -7.02
N LEU A 174 8.37 -32.28 -6.17
CA LEU A 174 9.82 -31.96 -6.00
C LEU A 174 10.52 -33.20 -5.45
N ASN A 175 9.87 -33.86 -4.51
CA ASN A 175 10.30 -35.16 -3.93
C ASN A 175 9.80 -36.29 -4.85
N ASN A 176 10.71 -37.03 -5.48
CA ASN A 176 10.33 -38.08 -6.48
C ASN A 176 9.79 -39.33 -5.78
N ARG A 177 9.88 -39.43 -4.44
CA ARG A 177 9.29 -40.52 -3.61
C ARG A 177 7.77 -40.36 -3.45
N GLU A 178 7.22 -39.17 -3.67
CA GLU A 178 5.76 -38.89 -3.65
C GLU A 178 5.22 -39.19 -5.06
N THR A 179 3.92 -39.53 -5.17
CA THR A 179 3.27 -39.94 -6.44
C THR A 179 2.71 -38.69 -7.11
N PRO A 180 2.92 -38.51 -8.43
CA PRO A 180 2.31 -37.40 -9.16
C PRO A 180 0.80 -37.61 -9.34
N THR A 181 0.05 -36.50 -9.33
CA THR A 181 -1.33 -36.38 -9.86
C THR A 181 -1.24 -36.42 -11.38
N HIS A 182 -2.38 -36.59 -12.08
CA HIS A 182 -2.46 -36.52 -13.56
C HIS A 182 -1.86 -35.18 -14.00
N VAL A 183 -2.16 -34.08 -13.28
CA VAL A 183 -1.80 -32.68 -13.71
C VAL A 183 -0.31 -32.40 -13.43
N GLU A 184 0.27 -33.00 -12.38
CA GLU A 184 1.71 -32.84 -12.04
C GLU A 184 2.58 -33.51 -13.12
N ARG A 185 2.14 -34.64 -13.70
CA ARG A 185 2.91 -35.42 -14.70
C ARG A 185 3.36 -34.48 -15.82
N VAL A 186 4.59 -34.64 -16.29
CA VAL A 186 5.24 -33.68 -17.22
C VAL A 186 4.47 -33.65 -18.55
N GLU A 187 3.70 -34.70 -18.88
CA GLU A 187 3.04 -34.86 -20.20
C GLU A 187 1.75 -34.03 -20.23
N THR A 188 1.09 -33.81 -19.08
CA THR A 188 -0.13 -32.98 -18.97
C THR A 188 0.25 -31.50 -19.17
N ARG A 189 0.02 -30.96 -20.37
CA ARG A 189 0.54 -29.63 -20.77
C ARG A 189 -0.10 -28.53 -19.91
N SER A 190 -1.28 -28.77 -19.33
CA SER A 190 -2.08 -27.78 -18.55
C SER A 190 -1.47 -27.51 -17.15
N GLY A 191 -0.55 -28.34 -16.67
CA GLY A 191 0.09 -28.20 -15.36
C GLY A 191 1.45 -27.49 -15.41
N TYR A 192 1.88 -27.01 -16.58
CA TYR A 192 3.23 -26.43 -16.75
C TYR A 192 3.40 -25.23 -15.77
N VAL A 193 2.49 -24.26 -15.82
CA VAL A 193 2.58 -23.02 -15.01
C VAL A 193 2.71 -23.40 -13.52
N VAL A 194 2.10 -24.49 -13.08
CA VAL A 194 2.10 -24.91 -11.65
C VAL A 194 3.43 -25.62 -11.31
N ARG A 195 3.98 -26.38 -12.27
CA ARG A 195 5.33 -27.02 -12.17
C ARG A 195 6.41 -25.93 -12.01
N LEU A 196 6.37 -24.91 -12.86
CA LEU A 196 7.24 -23.70 -12.82
C LEU A 196 7.09 -22.97 -11.46
N ALA A 197 5.86 -22.81 -10.96
CA ALA A 197 5.51 -21.96 -9.79
C ALA A 197 6.09 -22.59 -8.52
N LYS A 198 5.88 -23.89 -8.36
CA LYS A 198 6.34 -24.64 -7.17
C LYS A 198 7.86 -24.79 -7.16
N TYR A 199 8.56 -24.42 -8.22
CA TYR A 199 10.04 -24.38 -8.24
C TYR A 199 10.56 -22.98 -7.88
N THR A 200 9.67 -21.97 -7.87
CA THR A 200 10.01 -20.53 -7.67
C THR A 200 9.21 -19.99 -6.49
N ALA A 201 8.90 -20.86 -5.53
CA ALA A 201 8.28 -20.50 -4.22
C ALA A 201 6.89 -19.91 -4.48
N TYR A 202 6.16 -20.50 -5.45
CA TYR A 202 4.76 -20.22 -5.80
C TYR A 202 4.64 -18.87 -6.52
N SER A 203 5.74 -18.30 -6.98
CA SER A 203 5.70 -17.06 -7.81
C SER A 203 5.10 -17.39 -9.17
N ALA A 204 4.72 -16.37 -9.92
CA ALA A 204 4.22 -16.51 -11.30
C ALA A 204 5.35 -16.25 -12.29
N LEU A 205 6.59 -16.12 -11.82
CA LEU A 205 7.74 -15.78 -12.71
C LEU A 205 7.85 -16.86 -13.77
N ASN A 206 7.93 -16.44 -15.03
CA ASN A 206 7.75 -17.31 -16.22
C ASN A 206 9.10 -17.82 -16.74
N TYR A 207 9.99 -18.28 -15.86
CA TYR A 207 11.38 -18.70 -16.19
C TYR A 207 11.73 -19.93 -15.36
N ASP A 208 12.48 -20.85 -15.98
CA ASP A 208 13.07 -22.06 -15.34
C ASP A 208 14.51 -21.76 -14.96
N PRO A 209 14.80 -21.36 -13.70
CA PRO A 209 16.15 -20.94 -13.34
C PRO A 209 17.17 -22.10 -13.27
N PHE A 210 16.72 -23.33 -13.11
CA PHE A 210 17.64 -24.50 -13.21
C PHE A 210 18.28 -24.51 -14.59
N THR A 211 17.51 -24.62 -15.68
CA THR A 211 18.11 -24.79 -17.03
C THR A 211 18.85 -23.51 -17.44
N MET A 212 18.37 -22.34 -17.05
CA MET A 212 19.00 -21.04 -17.43
C MET A 212 20.33 -20.83 -16.69
N PHE A 213 20.47 -21.22 -15.41
CA PHE A 213 21.61 -20.77 -14.56
C PHE A 213 22.43 -21.92 -13.97
N LEU A 214 21.87 -23.12 -13.76
CA LEU A 214 22.51 -24.17 -12.93
C LEU A 214 22.99 -25.37 -13.77
N ALA A 215 22.42 -25.59 -14.96
CA ALA A 215 22.75 -26.73 -15.85
C ALA A 215 24.15 -26.52 -16.48
N ASN A 216 24.55 -25.26 -16.65
CA ASN A 216 25.82 -24.87 -17.30
C ASN A 216 26.18 -23.43 -16.93
N ASP A 217 27.20 -22.87 -17.57
CA ASP A 217 27.84 -21.57 -17.23
C ASP A 217 27.67 -20.57 -18.38
N LYS A 218 26.62 -20.70 -19.18
CA LYS A 218 26.35 -19.81 -20.35
C LYS A 218 25.87 -18.44 -19.88
N ARG A 219 25.03 -18.36 -18.86
CA ARG A 219 24.35 -17.09 -18.48
C ARG A 219 24.93 -16.51 -17.19
N GLN A 220 24.91 -15.18 -17.09
CA GLN A 220 25.37 -14.39 -15.92
C GLN A 220 24.14 -14.09 -15.06
N VAL A 221 24.26 -14.31 -13.74
CA VAL A 221 23.17 -14.05 -12.75
C VAL A 221 23.06 -12.53 -12.52
N ARG A 222 24.16 -11.79 -12.62
CA ARG A 222 24.20 -10.32 -12.35
C ARG A 222 23.53 -9.59 -13.51
N VAL A 223 22.62 -8.65 -13.20
CA VAL A 223 21.83 -7.87 -14.19
C VAL A 223 21.88 -6.38 -13.86
N VAL A 224 22.31 -6.00 -12.66
CA VAL A 224 22.14 -4.60 -12.19
C VAL A 224 23.40 -3.85 -12.58
N PRO A 225 23.30 -2.73 -13.33
CA PRO A 225 24.45 -1.89 -13.64
C PRO A 225 25.21 -1.43 -12.38
N GLN A 226 26.51 -1.28 -12.53
CA GLN A 226 27.47 -0.85 -11.48
C GLN A 226 27.85 0.60 -11.72
N THR A 227 27.06 1.33 -12.50
CA THR A 227 27.21 2.81 -12.67
C THR A 227 25.87 3.51 -12.40
N ALA A 228 25.93 4.73 -11.91
CA ALA A 228 24.78 5.62 -11.68
C ALA A 228 24.11 5.94 -13.02
N LEU A 229 24.88 6.35 -14.03
CA LEU A 229 24.32 6.76 -15.34
C LEU A 229 24.48 5.63 -16.34
N PRO A 230 23.60 5.54 -17.38
CA PRO A 230 23.69 4.48 -18.39
C PRO A 230 24.95 4.69 -19.23
N LEU A 231 25.75 3.65 -19.36
CA LEU A 231 26.96 3.62 -20.21
C LEU A 231 26.51 3.71 -21.67
N VAL A 232 27.16 4.57 -22.47
CA VAL A 232 26.95 4.66 -23.94
C VAL A 232 27.47 3.39 -24.64
N GLY A 233 26.66 2.79 -25.50
CA GLY A 233 27.01 1.57 -26.25
C GLY A 233 26.56 0.28 -25.59
N VAL A 234 25.82 0.32 -24.46
CA VAL A 234 25.17 -0.89 -23.86
C VAL A 234 23.71 -0.59 -23.45
N SER A 235 23.17 0.58 -23.77
CA SER A 235 21.97 1.13 -23.09
C SER A 235 20.82 1.48 -24.06
N ARG A 236 20.91 1.13 -25.35
CA ARG A 236 19.84 1.44 -26.35
C ARG A 236 19.67 0.27 -27.34
N GLY A 237 18.42 -0.07 -27.69
CA GLY A 237 18.10 -1.02 -28.76
C GLY A 237 18.62 -2.42 -28.47
N LYS A 238 19.28 -3.04 -29.46
CA LYS A 238 19.65 -4.48 -29.44
C LYS A 238 20.94 -4.70 -28.64
N GLU A 239 21.57 -3.64 -28.12
CA GLU A 239 22.84 -3.74 -27.36
C GLU A 239 22.55 -3.96 -25.86
N ARG A 240 21.30 -3.77 -25.43
CA ARG A 240 20.94 -3.91 -23.99
C ARG A 240 20.30 -5.26 -23.77
N ARG A 241 20.64 -5.88 -22.62
CA ARG A 241 19.99 -7.13 -22.17
C ARG A 241 18.51 -6.83 -21.93
N PRO A 242 17.61 -7.76 -22.29
CA PRO A 242 16.18 -7.53 -22.10
C PRO A 242 15.82 -7.57 -20.61
N LEU A 243 14.65 -7.03 -20.24
CA LEU A 243 14.25 -6.97 -18.80
C LEU A 243 14.01 -8.39 -18.29
N SER A 244 13.71 -9.34 -19.19
CA SER A 244 13.52 -10.79 -18.89
C SER A 244 14.71 -11.33 -18.07
N ASP A 245 15.91 -10.78 -18.26
CA ASP A 245 17.09 -11.16 -17.44
C ASP A 245 16.81 -10.87 -15.95
N ALA A 246 16.30 -9.68 -15.62
CA ALA A 246 16.01 -9.28 -14.22
C ALA A 246 15.03 -10.28 -13.60
N TYR A 247 14.00 -10.63 -14.36
CA TYR A 247 12.93 -11.56 -13.94
C TYR A 247 13.54 -12.93 -13.64
N ALA A 248 14.42 -13.41 -14.52
CA ALA A 248 15.06 -14.74 -14.45
C ALA A 248 15.95 -14.82 -13.20
N THR A 249 16.73 -13.76 -12.97
CA THR A 249 17.59 -13.64 -11.76
C THR A 249 16.71 -13.67 -10.52
N PHE A 250 15.57 -12.99 -10.53
CA PHE A 250 14.61 -12.98 -9.40
C PHE A 250 14.09 -14.41 -9.17
N ALA A 251 13.82 -15.17 -10.22
CA ALA A 251 13.26 -16.54 -10.12
C ALA A 251 14.32 -17.51 -9.56
N LEU A 252 15.58 -17.36 -9.96
CA LEU A 252 16.70 -18.10 -9.33
C LEU A 252 16.69 -17.79 -7.84
N MET A 253 16.56 -16.51 -7.48
CA MET A 253 16.69 -16.11 -6.05
C MET A 253 15.52 -16.66 -5.25
N MET A 254 14.31 -16.72 -5.82
CA MET A 254 13.13 -17.35 -5.15
C MET A 254 13.43 -18.84 -4.98
N SER A 255 13.94 -19.51 -6.02
CA SER A 255 14.30 -20.96 -5.98
C SER A 255 15.35 -21.25 -4.92
N ILE A 256 16.44 -20.49 -4.91
CA ILE A 256 17.58 -20.61 -3.96
C ILE A 256 17.08 -20.42 -2.53
N SER A 257 16.17 -19.47 -2.32
CA SER A 257 15.61 -19.14 -0.98
C SER A 257 14.82 -20.33 -0.41
N ASP A 258 13.86 -20.84 -1.18
CA ASP A 258 13.00 -21.99 -0.80
C ASP A 258 13.85 -23.27 -0.66
N SER A 259 14.83 -23.51 -1.54
CA SER A 259 15.78 -24.66 -1.45
C SER A 259 16.50 -24.71 -0.10
N LEU A 260 16.87 -23.56 0.50
CA LEU A 260 17.55 -23.45 1.83
C LEU A 260 16.56 -23.19 2.97
N GLY A 261 15.28 -23.00 2.69
CA GLY A 261 14.29 -22.61 3.73
C GLY A 261 14.66 -21.31 4.42
N THR A 262 15.08 -20.30 3.66
CA THR A 262 15.46 -18.97 4.20
C THR A 262 14.84 -17.87 3.33
N ASN A 263 15.31 -16.63 3.51
CA ASN A 263 14.78 -15.44 2.81
C ASN A 263 15.97 -14.62 2.33
N CYS A 264 15.69 -13.55 1.58
CA CYS A 264 16.69 -12.70 0.87
C CYS A 264 17.70 -12.12 1.87
N THR A 265 17.25 -11.78 3.09
CA THR A 265 18.05 -11.03 4.11
C THR A 265 19.10 -11.93 4.79
N PHE A 266 19.04 -13.25 4.56
CA PHE A 266 20.09 -14.20 4.99
C PHE A 266 21.42 -13.88 4.29
N CYS A 267 21.34 -13.30 3.08
CA CYS A 267 22.49 -13.12 2.15
C CYS A 267 22.66 -11.64 1.78
N HIS A 268 21.57 -10.88 1.67
CA HIS A 268 21.58 -9.47 1.18
C HIS A 268 20.98 -8.48 2.17
N ASN A 269 21.50 -7.27 2.15
CA ASN A 269 20.77 -6.03 2.52
C ASN A 269 20.06 -5.54 1.26
N ALA A 270 18.72 -5.61 1.25
CA ALA A 270 17.88 -5.30 0.07
C ALA A 270 18.08 -3.85 -0.37
N GLN A 271 18.73 -3.03 0.45
CA GLN A 271 19.11 -1.63 0.08
C GLN A 271 19.81 -1.66 -1.29
N THR A 272 20.71 -2.61 -1.51
CA THR A 272 21.48 -2.78 -2.77
C THR A 272 21.84 -4.25 -2.94
N PHE A 273 20.98 -5.02 -3.61
CA PHE A 273 21.17 -6.46 -3.93
C PHE A 273 22.53 -6.65 -4.64
N GLU A 274 22.97 -5.65 -5.39
CA GLU A 274 24.15 -5.75 -6.31
C GLU A 274 25.47 -5.51 -5.56
N SER A 275 25.44 -5.03 -4.32
CA SER A 275 26.65 -4.60 -3.57
C SER A 275 27.12 -5.70 -2.61
N TRP A 276 28.44 -5.84 -2.52
CA TRP A 276 29.14 -6.66 -1.50
C TRP A 276 29.60 -5.74 -0.35
N GLY A 277 30.65 -6.10 0.39
CA GLY A 277 31.10 -5.34 1.57
C GLY A 277 30.14 -5.53 2.71
N LYS A 278 29.67 -4.44 3.31
CA LYS A 278 28.71 -4.51 4.44
C LYS A 278 27.30 -4.86 3.92
N LYS A 279 27.06 -4.78 2.60
CA LYS A 279 25.70 -4.96 2.02
C LYS A 279 25.41 -6.44 1.76
N SER A 280 26.36 -7.34 2.02
CA SER A 280 26.22 -8.81 1.94
C SER A 280 26.80 -9.47 3.20
N THR A 281 26.18 -10.58 3.61
CA THR A 281 26.64 -11.50 4.69
C THR A 281 27.66 -12.48 4.11
N PRO A 282 28.49 -13.14 4.95
CA PRO A 282 29.40 -14.20 4.48
C PRO A 282 28.66 -15.34 3.75
N GLN A 283 27.42 -15.65 4.16
CA GLN A 283 26.59 -16.72 3.54
C GLN A 283 26.41 -16.44 2.04
N ARG A 284 26.38 -15.18 1.63
CA ARG A 284 26.19 -14.82 0.20
C ARG A 284 27.40 -15.29 -0.60
N ALA A 285 28.63 -15.04 -0.11
CA ALA A 285 29.88 -15.48 -0.79
C ALA A 285 29.91 -17.00 -0.86
N ILE A 286 29.50 -17.68 0.20
CA ILE A 286 29.44 -19.17 0.19
C ILE A 286 28.45 -19.63 -0.90
N ALA A 287 27.29 -18.97 -1.01
CA ALA A 287 26.26 -19.26 -2.04
C ALA A 287 26.84 -19.08 -3.45
N TRP A 288 27.68 -18.07 -3.64
CA TRP A 288 28.36 -17.80 -4.93
C TRP A 288 29.24 -18.99 -5.31
N TRP A 289 30.00 -19.52 -4.35
CA TRP A 289 30.85 -20.73 -4.58
C TRP A 289 29.93 -21.92 -4.90
N GLY A 290 28.76 -21.99 -4.25
CA GLY A 290 27.75 -23.04 -4.46
C GLY A 290 27.28 -23.08 -5.91
N ILE A 291 27.12 -21.92 -6.53
CA ILE A 291 26.61 -21.82 -7.92
C ILE A 291 27.67 -22.43 -8.82
N ARG A 292 28.95 -22.12 -8.57
CA ARG A 292 30.10 -22.60 -9.38
C ARG A 292 30.25 -24.11 -9.19
N MET A 293 30.02 -24.59 -7.98
CA MET A 293 30.17 -26.02 -7.65
C MET A 293 29.10 -26.80 -8.43
N VAL A 294 27.85 -26.35 -8.39
CA VAL A 294 26.69 -27.06 -9.01
C VAL A 294 26.94 -27.17 -10.52
N ARG A 295 27.38 -26.08 -11.14
CA ARG A 295 27.70 -26.04 -12.58
C ARG A 295 28.76 -27.09 -12.91
N ASP A 296 29.85 -27.17 -12.11
CA ASP A 296 30.92 -28.20 -12.25
C ASP A 296 30.30 -29.60 -12.15
N LEU A 297 29.58 -29.90 -11.07
CA LEU A 297 28.91 -31.20 -10.86
C LEU A 297 28.10 -31.55 -12.12
N ASN A 298 27.28 -30.62 -12.60
CA ASN A 298 26.29 -30.88 -13.68
C ASN A 298 27.05 -31.10 -15.00
N MET A 299 27.86 -30.14 -15.42
CA MET A 299 28.56 -30.18 -16.72
C MET A 299 29.49 -31.40 -16.82
N ASN A 300 30.23 -31.74 -15.75
CA ASN A 300 31.42 -32.63 -15.84
C ASN A 300 31.23 -33.98 -15.14
N TYR A 301 30.19 -34.18 -14.33
CA TYR A 301 29.96 -35.45 -13.59
C TYR A 301 28.53 -35.98 -13.82
N LEU A 302 27.48 -35.16 -13.85
CA LEU A 302 26.08 -35.68 -13.86
C LEU A 302 25.48 -35.72 -15.28
N ALA A 303 25.53 -34.63 -16.06
CA ALA A 303 25.00 -34.60 -17.43
C ALA A 303 25.57 -35.78 -18.24
N PRO A 304 26.91 -36.02 -18.25
CA PRO A 304 27.51 -37.08 -19.06
C PRO A 304 27.14 -38.50 -18.64
N LEU A 305 26.50 -38.69 -17.47
CA LEU A 305 26.07 -40.06 -17.03
C LEU A 305 24.88 -40.58 -17.84
N ASN A 306 24.26 -39.78 -18.71
CA ASN A 306 23.09 -40.24 -19.53
C ASN A 306 23.51 -41.40 -20.44
N ALA A 307 24.78 -41.45 -20.86
CA ALA A 307 25.37 -42.56 -21.64
C ALA A 307 25.53 -43.86 -20.82
N SER A 308 25.39 -43.85 -19.49
CA SER A 308 25.65 -45.00 -18.58
C SER A 308 24.38 -45.44 -17.84
N LEU A 309 23.26 -44.75 -18.04
CA LEU A 309 22.03 -45.01 -17.24
C LEU A 309 21.01 -45.67 -18.15
N PRO A 310 20.10 -46.51 -17.61
CA PRO A 310 18.98 -47.02 -18.41
C PRO A 310 18.04 -45.90 -18.83
N ALA A 311 17.25 -46.13 -19.88
CA ALA A 311 16.25 -45.18 -20.44
C ALA A 311 15.21 -44.83 -19.38
N SER A 312 14.89 -45.73 -18.44
CA SER A 312 13.87 -45.49 -17.39
C SER A 312 14.31 -44.39 -16.42
N ARG A 313 15.59 -43.97 -16.46
CA ARG A 313 16.21 -42.98 -15.54
C ARG A 313 16.33 -41.62 -16.25
N LEU A 314 16.11 -41.55 -17.56
CA LEU A 314 16.36 -40.35 -18.39
C LEU A 314 15.08 -39.51 -18.50
N GLY A 315 15.21 -38.21 -18.76
CA GLY A 315 14.08 -37.32 -19.06
C GLY A 315 13.69 -37.40 -20.52
N ARG A 316 12.74 -36.58 -20.96
CA ARG A 316 12.11 -36.69 -22.31
C ARG A 316 13.09 -36.20 -23.39
N GLN A 317 14.17 -35.51 -23.01
CA GLN A 317 15.23 -35.08 -23.95
C GLN A 317 16.49 -35.97 -23.80
N GLY A 318 16.35 -37.18 -23.27
CA GLY A 318 17.45 -38.11 -22.98
C GLY A 318 18.48 -37.60 -21.97
N GLU A 319 18.13 -36.62 -21.13
CA GLU A 319 19.05 -36.03 -20.11
C GLU A 319 19.08 -36.90 -18.85
N ALA A 320 20.24 -36.97 -18.20
CA ALA A 320 20.39 -37.58 -16.84
C ALA A 320 19.84 -36.62 -15.79
N PRO A 321 19.30 -37.13 -14.65
CA PRO A 321 18.96 -36.26 -13.53
C PRO A 321 20.19 -35.50 -13.01
N GLN A 322 20.02 -34.22 -12.71
CA GLN A 322 21.10 -33.31 -12.28
C GLN A 322 20.73 -32.67 -10.94
N ALA A 323 21.64 -31.85 -10.41
CA ALA A 323 21.57 -31.34 -9.03
C ALA A 323 21.26 -29.85 -9.03
N ASP A 324 20.40 -29.40 -8.12
CA ASP A 324 20.29 -27.97 -7.75
C ASP A 324 20.72 -27.83 -6.29
N CYS A 325 20.44 -26.70 -5.65
CA CYS A 325 20.80 -26.39 -4.24
C CYS A 325 20.07 -27.37 -3.32
N ARG A 326 18.81 -27.67 -3.63
CA ARG A 326 17.92 -28.51 -2.78
C ARG A 326 18.43 -29.95 -2.73
N THR A 327 19.09 -30.44 -3.77
CA THR A 327 19.58 -31.84 -3.84
C THR A 327 20.31 -32.21 -2.55
N CYS A 328 21.21 -31.33 -2.09
CA CYS A 328 21.96 -31.46 -0.81
C CYS A 328 21.15 -30.85 0.37
N HIS A 329 20.68 -29.60 0.25
CA HIS A 329 20.17 -28.77 1.37
C HIS A 329 18.77 -29.24 1.83
N GLN A 330 17.91 -29.60 0.90
CA GLN A 330 16.53 -30.09 1.22
C GLN A 330 15.89 -29.19 2.28
N GLY A 331 15.85 -27.88 2.00
CA GLY A 331 15.10 -26.89 2.78
C GLY A 331 15.80 -26.46 4.06
N VAL A 332 17.12 -26.66 4.17
CA VAL A 332 17.91 -26.23 5.37
C VAL A 332 19.15 -25.45 4.89
N THR A 333 19.53 -24.43 5.65
CA THR A 333 20.64 -23.50 5.26
C THR A 333 21.95 -24.28 5.22
N LYS A 334 22.13 -25.25 6.10
CA LYS A 334 23.27 -26.20 6.12
C LYS A 334 22.66 -27.57 5.90
N PRO A 335 23.15 -28.39 4.94
CA PRO A 335 22.55 -29.70 4.73
C PRO A 335 22.69 -30.53 6.01
N LEU A 336 21.58 -31.15 6.45
CA LEU A 336 21.52 -32.05 7.64
C LEU A 336 21.99 -31.28 8.89
N PHE A 337 21.74 -29.97 8.96
CA PHE A 337 22.10 -29.09 10.10
C PHE A 337 23.59 -29.16 10.44
N GLY A 338 24.45 -29.38 9.44
CA GLY A 338 25.91 -29.37 9.61
C GLY A 338 26.49 -30.70 10.08
N ALA A 339 25.69 -31.76 10.19
CA ALA A 339 26.20 -33.14 10.45
C ALA A 339 27.35 -33.41 9.48
N SER A 340 28.50 -33.85 10.02
CA SER A 340 29.73 -34.18 9.25
C SER A 340 30.12 -35.64 9.48
N ARG A 341 30.73 -36.27 8.47
CA ARG A 341 31.40 -37.59 8.59
C ARG A 341 32.79 -37.49 7.95
N LEU A 342 33.30 -36.26 7.83
CA LEU A 342 34.54 -36.00 7.07
C LEU A 342 35.71 -36.73 7.74
N LYS A 343 35.85 -36.62 9.06
CA LYS A 343 36.98 -37.21 9.83
C LYS A 343 36.76 -38.72 9.99
N ASP A 344 35.52 -39.19 9.83
CA ASP A 344 35.17 -40.63 9.90
C ASP A 344 35.53 -41.36 8.59
N TYR A 345 35.61 -40.66 7.44
CA TYR A 345 35.80 -41.27 6.09
C TYR A 345 36.76 -40.42 5.27
N PRO A 346 38.06 -40.34 5.65
CA PRO A 346 39.02 -39.50 4.94
C PRO A 346 39.18 -39.89 3.47
N GLU A 347 38.78 -41.11 3.09
CA GLU A 347 38.85 -41.63 1.70
C GLU A 347 37.85 -40.91 0.79
N LEU A 348 36.78 -40.30 1.34
CA LEU A 348 35.84 -39.42 0.59
C LEU A 348 36.43 -38.01 0.43
N GLY A 349 37.62 -37.76 0.96
CA GLY A 349 38.36 -36.49 0.80
C GLY A 349 38.28 -35.63 2.06
N PRO A 350 39.02 -34.50 2.14
CA PRO A 350 39.91 -34.03 1.07
C PRO A 350 41.14 -34.91 0.82
N ILE A 351 41.65 -34.93 -0.42
CA ILE A 351 42.77 -35.79 -0.89
C ILE A 351 43.96 -34.89 -1.29
N LYS A 352 45.09 -35.00 -0.58
CA LYS A 352 46.35 -34.22 -0.82
C LYS A 352 47.11 -34.81 -2.01
N FME B 1 43.20 20.25 -3.57
CN FME B 1 43.84 19.60 -4.55
O1 FME B 1 43.41 19.44 -5.69
CA FME B 1 41.81 20.64 -3.69
CB FME B 1 40.93 20.16 -2.52
CG FME B 1 41.58 19.19 -1.55
SD FME B 1 41.23 19.68 0.16
CE FME B 1 39.45 19.91 0.10
C FME B 1 41.64 22.15 -3.87
O FME B 1 42.60 22.92 -3.86
N TYR B 2 40.37 22.54 -4.05
CA TYR B 2 39.99 23.90 -4.41
C TYR B 2 38.94 24.44 -3.44
N HIS B 3 39.15 25.66 -2.92
CA HIS B 3 38.09 26.45 -2.25
C HIS B 3 36.92 26.62 -3.24
N GLY B 4 35.68 26.28 -2.85
CA GLY B 4 34.47 26.53 -3.67
C GLY B 4 34.07 25.35 -4.55
N ALA B 5 34.91 24.31 -4.66
CA ALA B 5 34.56 23.02 -5.32
C ALA B 5 33.49 22.32 -4.47
N LEU B 6 32.58 21.59 -5.12
CA LEU B 6 31.68 20.59 -4.48
C LEU B 6 31.99 19.24 -5.15
N ALA B 7 31.52 18.13 -4.56
CA ALA B 7 31.78 16.75 -5.06
C ALA B 7 30.61 16.29 -5.93
N GLN B 8 30.14 17.15 -6.84
CA GLN B 8 28.92 16.94 -7.67
C GLN B 8 29.26 17.16 -9.15
N HIS B 9 29.37 16.08 -9.94
CA HIS B 9 29.22 16.13 -11.42
C HIS B 9 27.71 16.23 -11.72
N LEU B 10 27.30 17.30 -12.41
CA LEU B 10 25.88 17.62 -12.74
C LEU B 10 25.37 16.60 -13.75
N ASP B 11 24.16 16.07 -13.56
CA ASP B 11 23.47 15.22 -14.54
C ASP B 11 22.03 15.73 -14.64
N ILE B 12 21.28 15.27 -15.64
CA ILE B 12 19.89 15.77 -15.94
C ILE B 12 18.97 15.52 -14.72
N ALA B 13 19.02 14.34 -14.11
CA ALA B 13 18.12 13.95 -12.99
C ALA B 13 18.31 14.93 -11.82
N GLN B 14 19.55 15.30 -11.51
CA GLN B 14 19.87 16.29 -10.46
C GLN B 14 19.20 17.63 -10.79
N LEU B 15 19.28 18.05 -12.05
CA LEU B 15 18.63 19.30 -12.53
C LEU B 15 17.13 19.20 -12.30
N VAL B 16 16.50 18.12 -12.75
CA VAL B 16 15.03 17.95 -12.67
C VAL B 16 14.61 17.86 -11.19
N TRP B 17 15.52 17.46 -10.29
CA TRP B 17 15.26 17.36 -8.83
C TRP B 17 14.99 18.75 -8.24
N TYR B 18 15.87 19.71 -8.54
CA TYR B 18 15.76 21.14 -8.12
C TYR B 18 14.51 21.75 -8.76
N ALA B 19 14.26 21.51 -10.04
CA ALA B 19 13.10 22.09 -10.76
C ALA B 19 11.80 21.58 -10.12
N GLN B 20 11.70 20.28 -9.81
CA GLN B 20 10.47 19.71 -9.20
C GLN B 20 10.18 20.43 -7.88
N TRP B 21 11.17 20.57 -7.01
CA TRP B 21 11.01 21.28 -5.72
C TRP B 21 10.55 22.71 -5.96
N LEU B 22 11.09 23.36 -6.98
CA LEU B 22 10.74 24.77 -7.30
C LEU B 22 9.25 24.84 -7.64
N VAL B 23 8.80 23.98 -8.55
CA VAL B 23 7.38 23.89 -8.98
C VAL B 23 6.50 23.65 -7.74
N ILE B 24 6.91 22.79 -6.81
CA ILE B 24 6.05 22.45 -5.65
C ILE B 24 5.91 23.68 -4.76
N TRP B 25 7.01 24.33 -4.34
CA TRP B 25 6.96 25.47 -3.39
C TRP B 25 6.27 26.68 -4.05
N THR B 26 6.38 26.82 -5.36
CA THR B 26 5.66 27.86 -6.15
C THR B 26 4.15 27.62 -6.07
N VAL B 27 3.64 26.45 -6.49
CA VAL B 27 2.18 26.14 -6.48
C VAL B 27 1.62 26.32 -5.05
N VAL B 28 2.28 25.83 -4.01
CA VAL B 28 1.74 25.83 -2.61
C VAL B 28 1.69 27.28 -2.10
N LEU B 29 2.84 27.94 -2.02
CA LEU B 29 2.98 29.27 -1.34
C LEU B 29 2.30 30.39 -2.14
N LEU B 30 2.39 30.38 -3.48
CA LEU B 30 2.02 31.52 -4.35
C LEU B 30 0.69 31.30 -5.06
N TYR B 31 0.12 30.10 -5.09
CA TYR B 31 -1.23 29.86 -5.67
C TYR B 31 -2.16 29.31 -4.59
N LEU B 32 -1.88 28.13 -4.01
CA LEU B 32 -2.82 27.44 -3.09
C LEU B 32 -3.05 28.30 -1.84
N ARG B 33 -1.99 28.84 -1.25
CA ARG B 33 -2.09 29.64 -0.01
C ARG B 33 -2.77 30.98 -0.31
N ARG B 34 -2.70 31.49 -1.54
CA ARG B 34 -3.45 32.71 -1.95
C ARG B 34 -4.96 32.39 -1.99
N GLU B 35 -5.35 31.28 -2.62
CA GLU B 35 -6.75 30.81 -2.73
C GLU B 35 -7.36 30.57 -1.34
N ASP B 36 -6.53 30.10 -0.41
CA ASP B 36 -6.90 29.80 1.00
C ASP B 36 -7.36 31.06 1.72
N ARG B 37 -7.01 32.25 1.21
CA ARG B 37 -7.20 33.53 1.96
C ARG B 37 -8.38 34.35 1.38
N ARG B 38 -9.25 33.73 0.58
CA ARG B 38 -10.36 34.42 -0.10
C ARG B 38 -11.50 34.68 0.90
N GLU B 39 -11.54 33.97 2.03
CA GLU B 39 -12.58 34.11 3.07
C GLU B 39 -11.91 34.47 4.40
N GLY B 40 -12.36 35.55 5.04
CA GLY B 40 -11.95 35.94 6.41
C GLY B 40 -10.76 36.89 6.42
N TYR B 41 -10.21 37.20 5.25
CA TYR B 41 -9.05 38.12 5.07
C TYR B 41 -9.55 39.33 4.31
N PRO B 42 -9.04 40.54 4.59
CA PRO B 42 -7.99 40.76 5.58
C PRO B 42 -8.40 40.51 7.04
N LEU B 43 -7.42 40.11 7.86
CA LEU B 43 -7.55 39.84 9.32
C LEU B 43 -7.91 41.14 10.06
N VAL B 44 -8.49 41.04 11.26
CA VAL B 44 -9.03 42.18 12.07
C VAL B 44 -8.48 42.14 13.49
N GLU B 45 -8.79 43.18 14.29
CA GLU B 45 -8.66 43.27 15.78
C GLU B 45 -10.07 43.38 16.38
N PRO B 46 -10.29 43.57 17.71
CA PRO B 46 -9.25 43.60 18.73
C PRO B 46 -9.06 42.24 19.41
N GLN B 58 -1.48 38.21 4.23
CA GLN B 58 -2.12 39.35 4.96
C GLN B 58 -1.70 40.69 4.30
N VAL B 59 -2.67 41.45 3.78
CA VAL B 59 -2.52 42.73 3.02
C VAL B 59 -1.87 42.44 1.64
N TYR B 60 -0.56 42.13 1.61
CA TYR B 60 0.32 41.99 0.40
C TYR B 60 0.10 40.66 -0.33
N GLU B 61 -0.23 39.58 0.39
CA GLU B 61 -0.34 38.18 -0.14
C GLU B 61 -1.81 37.78 -0.30
N LEU B 62 -2.71 38.76 -0.45
CA LEU B 62 -4.15 38.54 -0.74
C LEU B 62 -4.36 38.69 -2.23
N PRO B 63 -5.21 37.84 -2.82
CA PRO B 63 -5.57 37.99 -4.21
C PRO B 63 -6.69 39.03 -4.35
N TYR B 64 -6.83 39.57 -5.56
CA TYR B 64 -7.99 40.40 -6.02
C TYR B 64 -9.28 39.62 -5.80
N PRO B 65 -10.34 40.24 -5.24
CA PRO B 65 -11.60 39.53 -4.99
C PRO B 65 -12.11 38.80 -6.24
N LYS B 66 -12.76 37.66 -6.02
CA LYS B 66 -13.30 36.76 -7.05
C LYS B 66 -14.80 37.02 -7.22
N THR B 67 -15.30 36.97 -8.45
CA THR B 67 -16.72 37.20 -8.79
C THR B 67 -17.31 35.91 -9.33
N PHE B 68 -18.42 35.45 -8.74
CA PHE B 68 -19.21 34.27 -9.20
C PHE B 68 -20.51 34.75 -9.85
N VAL B 69 -20.85 34.17 -11.00
CA VAL B 69 -22.16 34.39 -11.67
C VAL B 69 -23.10 33.30 -11.14
N LEU B 70 -24.07 33.69 -10.33
CA LEU B 70 -24.98 32.73 -9.67
C LEU B 70 -25.93 32.11 -10.70
N PRO B 71 -26.50 30.93 -10.40
CA PRO B 71 -27.37 30.21 -11.34
C PRO B 71 -28.66 30.93 -11.76
N HIS B 72 -29.27 31.71 -10.87
CA HIS B 72 -30.61 32.32 -11.05
C HIS B 72 -30.47 33.85 -11.11
N GLY B 73 -29.41 34.34 -11.76
CA GLY B 73 -29.18 35.78 -11.94
C GLY B 73 -28.49 36.39 -10.72
N GLY B 74 -27.75 37.48 -10.95
CA GLY B 74 -26.94 38.15 -9.93
C GLY B 74 -25.51 37.66 -9.97
N THR B 75 -24.67 38.32 -9.17
CA THR B 75 -23.25 37.99 -8.96
C THR B 75 -22.92 38.22 -7.49
N VAL B 76 -22.05 37.40 -6.92
CA VAL B 76 -21.42 37.67 -5.60
C VAL B 76 -19.94 37.86 -5.88
N THR B 77 -19.31 38.74 -5.10
CA THR B 77 -17.86 38.98 -5.04
C THR B 77 -17.40 38.50 -3.65
N VAL B 78 -16.36 37.66 -3.58
CA VAL B 78 -15.83 37.16 -2.28
C VAL B 78 -14.45 37.78 -2.06
N PRO B 79 -14.12 38.21 -0.84
CA PRO B 79 -15.01 38.11 0.32
C PRO B 79 -16.17 39.13 0.38
N ARG B 80 -17.35 38.65 0.78
CA ARG B 80 -18.58 39.44 1.08
C ARG B 80 -18.22 40.59 2.03
N ARG B 81 -18.86 41.75 1.90
CA ARG B 81 -18.53 42.94 2.74
C ARG B 81 -19.58 43.11 3.85
N ARG B 82 -20.65 42.32 3.88
CA ARG B 82 -21.62 42.25 5.01
C ARG B 82 -20.88 42.17 6.34
N PRO B 83 -21.20 43.03 7.33
CA PRO B 83 -20.50 43.02 8.62
C PRO B 83 -21.04 41.95 9.57
N GLU B 84 -20.28 41.66 10.63
CA GLU B 84 -20.62 40.66 11.68
C GLU B 84 -21.39 41.39 12.79
N THR B 85 -22.52 40.82 13.26
CA THR B 85 -23.58 41.56 14.01
C THR B 85 -23.62 41.19 15.51
N ARG B 86 -22.88 40.19 15.97
CA ARG B 86 -23.01 39.71 17.37
C ARG B 86 -21.73 40.09 18.13
N GLU B 87 -21.35 41.36 18.02
CA GLU B 87 -20.07 41.90 18.51
C GLU B 87 -20.29 42.57 19.87
N LEU B 88 -21.44 43.21 20.07
CA LEU B 88 -21.86 43.73 21.41
C LEU B 88 -22.22 42.55 22.32
N LYS B 89 -22.53 41.37 21.76
CA LYS B 89 -23.04 40.21 22.55
C LYS B 89 -21.89 39.45 23.22
N LEU B 90 -20.64 39.88 23.04
CA LEU B 90 -19.45 39.30 23.71
C LEU B 90 -18.59 40.43 24.27
N ALA B 91 -17.85 40.18 25.35
CA ALA B 91 -17.06 41.20 26.07
C ALA B 91 -15.67 40.66 26.43
N GLN B 92 -14.64 41.49 26.30
CA GLN B 92 -13.24 41.17 26.66
C GLN B 92 -13.11 41.18 28.18
N THR B 93 -13.19 39.99 28.78
CA THR B 93 -12.85 39.70 30.21
C THR B 93 -11.46 40.29 30.54
N ASP B 94 -10.51 40.17 29.60
CA ASP B 94 -9.05 40.37 29.86
C ASP B 94 -8.42 41.22 28.75
N GLY B 95 -7.22 41.75 28.99
CA GLY B 95 -6.49 42.61 28.03
C GLY B 95 -5.69 41.81 27.03
N PHE B 96 -5.44 40.52 27.33
CA PHE B 96 -4.67 39.55 26.51
C PHE B 96 -5.58 39.06 25.37
N GLU B 97 -5.11 39.14 24.11
CA GLU B 97 -5.94 38.89 22.89
C GLU B 97 -6.33 37.40 22.84
N GLY B 98 -5.54 36.55 23.50
CA GLY B 98 -5.76 35.09 23.55
C GLY B 98 -6.91 34.71 24.46
N ALA B 99 -7.39 35.64 25.30
CA ALA B 99 -8.38 35.35 26.36
C ALA B 99 -9.73 35.08 25.69
N PRO B 100 -10.48 34.06 26.15
CA PRO B 100 -11.83 33.85 25.63
C PRO B 100 -12.68 35.09 25.96
N LEU B 101 -13.68 35.33 25.12
CA LEU B 101 -14.67 36.41 25.31
C LEU B 101 -15.85 35.84 26.11
N GLN B 102 -16.55 36.72 26.83
CA GLN B 102 -17.63 36.36 27.77
C GLN B 102 -18.95 36.90 27.22
N PRO B 103 -20.03 36.08 27.14
CA PRO B 103 -21.35 36.58 26.74
C PRO B 103 -21.91 37.64 27.70
N THR B 104 -22.64 38.60 27.15
CA THR B 104 -23.27 39.74 27.87
C THR B 104 -24.68 39.35 28.34
N GLY B 105 -25.27 38.33 27.69
CA GLY B 105 -26.63 37.85 27.94
C GLY B 105 -26.71 36.34 27.83
N ASN B 106 -27.86 35.83 27.41
CA ASN B 106 -28.08 34.38 27.20
C ASN B 106 -27.51 34.00 25.83
N PRO B 107 -26.41 33.21 25.75
CA PRO B 107 -25.70 33.03 24.48
C PRO B 107 -26.50 32.20 23.47
N LEU B 108 -27.40 31.33 23.93
CA LEU B 108 -28.33 30.57 23.05
C LEU B 108 -29.17 31.55 22.22
N VAL B 109 -29.68 32.61 22.86
CA VAL B 109 -30.63 33.58 22.23
C VAL B 109 -29.83 34.62 21.45
N ASP B 110 -28.76 35.14 22.07
CA ASP B 110 -27.85 36.14 21.45
C ASP B 110 -27.11 35.51 20.24
N ALA B 111 -27.02 34.18 20.15
CA ALA B 111 -26.44 33.42 19.01
C ALA B 111 -24.93 33.71 18.88
N VAL B 112 -24.13 33.39 19.91
CA VAL B 112 -22.64 33.53 19.92
C VAL B 112 -22.06 32.16 20.26
N GLY B 113 -20.73 32.05 20.22
CA GLY B 113 -20.01 30.76 20.34
C GLY B 113 -20.64 29.72 19.43
N PRO B 114 -20.87 28.48 19.90
CA PRO B 114 -21.45 27.44 19.05
C PRO B 114 -22.93 27.65 18.70
N ALA B 115 -23.57 28.71 19.18
CA ALA B 115 -24.94 29.09 18.75
C ALA B 115 -24.88 30.16 17.63
N SER B 116 -23.68 30.52 17.16
CA SER B 116 -23.47 31.53 16.08
C SER B 116 -24.00 31.02 14.74
N TYR B 117 -24.83 31.81 14.06
CA TYR B 117 -25.20 31.64 12.63
C TYR B 117 -24.21 32.49 11.82
N ALA B 118 -24.06 32.21 10.54
CA ALA B 118 -23.28 33.07 9.62
C ALA B 118 -24.23 34.09 8.99
N GLU B 119 -23.71 35.24 8.56
CA GLU B 119 -24.48 36.29 7.84
C GLU B 119 -24.79 35.82 6.41
N ARG B 120 -25.41 34.64 6.27
CA ARG B 120 -25.86 34.08 4.97
C ARG B 120 -26.95 34.99 4.42
N ALA B 121 -27.32 34.82 3.16
CA ALA B 121 -28.25 35.69 2.42
C ALA B 121 -29.67 35.32 2.84
N GLU B 122 -30.59 36.29 2.90
CA GLU B 122 -32.04 36.08 3.17
C GLU B 122 -32.74 35.72 1.85
N VAL B 123 -32.24 34.70 1.14
CA VAL B 123 -32.88 34.16 -0.09
C VAL B 123 -33.16 32.68 0.15
N VAL B 124 -34.21 32.14 -0.50
CA VAL B 124 -34.54 30.69 -0.42
C VAL B 124 -33.65 29.99 -1.45
N ASP B 125 -32.91 28.98 -1.01
CA ASP B 125 -32.10 28.11 -1.90
C ASP B 125 -33.06 27.50 -2.93
N ALA B 126 -32.65 27.42 -4.19
CA ALA B 126 -33.50 27.00 -5.32
C ALA B 126 -32.99 25.71 -5.96
N THR B 127 -33.89 24.98 -6.60
CA THR B 127 -33.62 23.82 -7.48
C THR B 127 -33.03 24.37 -8.78
N VAL B 128 -32.51 23.49 -9.64
CA VAL B 128 -31.98 23.88 -10.97
C VAL B 128 -33.06 24.69 -11.71
N ASP B 129 -34.32 24.29 -11.59
CA ASP B 129 -35.46 24.82 -12.40
C ASP B 129 -36.20 25.93 -11.63
N GLY B 130 -35.64 26.47 -10.55
CA GLY B 130 -36.10 27.74 -9.97
C GLY B 130 -37.11 27.60 -8.84
N LYS B 131 -37.59 26.39 -8.55
CA LYS B 131 -38.46 26.11 -7.36
C LYS B 131 -37.65 26.27 -6.06
N ALA B 132 -38.32 26.43 -4.91
CA ALA B 132 -37.69 26.38 -3.57
C ALA B 132 -37.17 24.95 -3.36
N LYS B 133 -35.96 24.81 -2.81
CA LYS B 133 -35.27 23.50 -2.73
C LYS B 133 -35.82 22.72 -1.52
N ILE B 134 -35.85 23.37 -0.36
CA ILE B 134 -36.18 22.69 0.93
C ILE B 134 -37.60 23.09 1.35
N VAL B 135 -38.53 22.14 1.29
CA VAL B 135 -39.99 22.37 1.47
C VAL B 135 -40.61 21.18 2.19
N PRO B 136 -41.68 21.43 2.99
CA PRO B 136 -42.40 20.36 3.68
C PRO B 136 -43.13 19.46 2.69
N LEU B 137 -43.42 18.23 3.10
CA LEU B 137 -44.12 17.20 2.28
C LEU B 137 -45.58 17.61 2.00
N ARG B 138 -46.19 18.49 2.81
CA ARG B 138 -47.52 19.08 2.49
C ARG B 138 -47.41 19.91 1.21
N VAL B 139 -46.23 20.45 0.88
CA VAL B 139 -45.99 21.18 -0.39
C VAL B 139 -45.49 20.21 -1.48
N ALA B 140 -44.55 19.33 -1.15
CA ALA B 140 -43.92 18.42 -2.14
C ALA B 140 -44.68 17.10 -2.18
N THR B 141 -45.89 17.13 -2.74
CA THR B 141 -46.89 16.05 -2.62
C THR B 141 -46.50 14.90 -3.56
N ASP B 142 -45.52 15.12 -4.44
CA ASP B 142 -44.98 14.09 -5.37
C ASP B 142 -43.82 13.33 -4.67
N PHE B 143 -43.43 13.73 -3.47
CA PHE B 143 -42.36 13.07 -2.67
C PHE B 143 -43.01 12.24 -1.56
N SER B 144 -42.47 11.04 -1.31
CA SER B 144 -42.91 10.13 -0.23
C SER B 144 -41.71 9.66 0.60
N ILE B 145 -42.00 8.99 1.71
CA ILE B 145 -41.00 8.22 2.51
C ILE B 145 -40.92 6.84 1.87
N ALA B 146 -39.72 6.27 1.80
CA ALA B 146 -39.47 4.96 1.17
C ALA B 146 -40.18 3.87 1.99
N GLU B 147 -40.80 2.91 1.30
CA GLU B 147 -41.35 1.67 1.90
C GLU B 147 -40.24 1.05 2.75
N GLY B 148 -40.48 0.89 4.07
CA GLY B 148 -39.56 0.23 5.01
C GLY B 148 -39.11 1.13 6.15
N ASP B 149 -39.16 2.46 5.99
CA ASP B 149 -38.66 3.40 7.01
C ASP B 149 -39.82 3.96 7.85
N VAL B 150 -39.48 4.48 9.01
CA VAL B 150 -40.42 5.14 9.96
C VAL B 150 -40.97 6.39 9.29
N ASP B 151 -42.30 6.47 9.08
CA ASP B 151 -43.03 7.74 8.89
C ASP B 151 -43.15 8.41 10.25
N PRO B 152 -42.41 9.50 10.54
CA PRO B 152 -42.37 10.06 11.89
C PRO B 152 -43.55 10.99 12.21
N ARG B 153 -44.44 11.22 11.24
CA ARG B 153 -45.64 12.08 11.40
C ARG B 153 -46.58 11.42 12.42
N GLY B 154 -46.90 12.14 13.49
CA GLY B 154 -47.74 11.66 14.61
C GLY B 154 -46.93 11.39 15.86
N LEU B 155 -45.63 11.13 15.73
CA LEU B 155 -44.77 10.63 16.84
C LEU B 155 -44.36 11.77 17.77
N PRO B 156 -44.17 11.47 19.07
CA PRO B 156 -43.68 12.45 20.04
C PRO B 156 -42.17 12.71 19.92
N VAL B 157 -41.75 13.91 20.33
CA VAL B 157 -40.34 14.38 20.39
C VAL B 157 -39.95 14.50 21.87
N VAL B 158 -39.05 13.63 22.33
CA VAL B 158 -38.55 13.56 23.72
C VAL B 158 -37.22 14.31 23.80
N ALA B 159 -37.14 15.37 24.62
CA ALA B 159 -35.94 16.22 24.77
C ALA B 159 -34.97 15.58 25.77
N ALA B 160 -33.93 16.32 26.18
CA ALA B 160 -32.76 15.82 26.93
C ALA B 160 -33.17 15.40 28.35
N ASP B 161 -34.21 16.04 28.89
CA ASP B 161 -34.66 15.94 30.31
C ASP B 161 -35.72 14.84 30.44
N GLY B 162 -35.97 14.08 29.36
CA GLY B 162 -36.97 13.00 29.31
C GLY B 162 -38.38 13.49 29.04
N VAL B 163 -38.63 14.80 29.08
CA VAL B 163 -39.98 15.39 28.85
C VAL B 163 -40.28 15.41 27.34
N GLU B 164 -41.51 15.03 26.97
CA GLU B 164 -42.08 15.21 25.61
C GLU B 164 -42.25 16.70 25.33
N ALA B 165 -41.64 17.23 24.27
CA ALA B 165 -41.59 18.69 23.97
C ALA B 165 -42.59 19.05 22.86
N GLY B 166 -43.10 18.07 22.11
CA GLY B 166 -44.01 18.32 20.98
C GLY B 166 -44.26 17.08 20.15
N THR B 167 -44.97 17.24 19.02
CA THR B 167 -45.38 16.15 18.09
C THR B 167 -44.90 16.49 16.68
N VAL B 168 -44.38 15.51 15.94
CA VAL B 168 -43.92 15.72 14.54
C VAL B 168 -45.14 15.93 13.63
N THR B 169 -45.20 17.09 12.95
CA THR B 169 -46.26 17.49 11.99
C THR B 169 -45.82 17.20 10.55
N ASP B 170 -44.53 17.36 10.20
CA ASP B 170 -44.06 17.22 8.78
C ASP B 170 -42.54 16.92 8.69
N LEU B 171 -42.10 16.54 7.49
CA LEU B 171 -40.67 16.47 7.07
C LEU B 171 -40.41 17.49 5.95
N TRP B 172 -39.28 18.19 6.02
CA TRP B 172 -38.78 19.06 4.93
C TRP B 172 -37.75 18.28 4.10
N VAL B 173 -38.06 18.10 2.81
CA VAL B 173 -37.23 17.36 1.83
C VAL B 173 -36.42 18.37 1.03
N ASP B 174 -35.17 18.02 0.71
CA ASP B 174 -34.33 18.66 -0.33
C ASP B 174 -34.76 18.12 -1.69
N ARG B 175 -35.34 18.95 -2.54
CA ARG B 175 -35.94 18.52 -3.83
C ARG B 175 -34.84 18.31 -4.88
N SER B 176 -33.71 19.00 -4.72
CA SER B 176 -32.53 18.86 -5.60
C SER B 176 -31.84 17.50 -5.35
N GLU B 177 -31.73 17.06 -4.08
CA GLU B 177 -30.89 15.90 -3.71
C GLU B 177 -31.73 14.71 -3.23
N HIS B 178 -33.05 14.85 -3.08
CA HIS B 178 -33.97 13.74 -2.68
C HIS B 178 -33.52 13.21 -1.31
N TYR B 179 -33.50 14.08 -0.31
CA TYR B 179 -32.89 13.81 1.01
C TYR B 179 -33.63 14.67 2.05
N PHE B 180 -34.18 14.06 3.09
CA PHE B 180 -34.83 14.79 4.21
C PHE B 180 -33.75 15.51 5.02
N ARG B 181 -34.01 16.75 5.41
CA ARG B 181 -33.01 17.62 6.07
C ARG B 181 -33.55 18.17 7.40
N TYR B 182 -34.88 18.33 7.55
CA TYR B 182 -35.53 18.82 8.80
C TYR B 182 -36.84 18.07 9.11
N LEU B 183 -37.14 17.97 10.41
CA LEU B 183 -38.48 17.64 10.94
C LEU B 183 -39.10 18.94 11.44
N GLU B 184 -40.40 19.09 11.22
CA GLU B 184 -41.24 20.13 11.84
C GLU B 184 -42.08 19.49 12.96
N LEU B 185 -42.03 20.03 14.17
CA LEU B 185 -42.90 19.63 15.30
C LEU B 185 -43.72 20.82 15.82
N SER B 186 -44.99 20.60 16.20
CA SER B 186 -45.74 21.54 17.07
C SER B 186 -45.15 21.44 18.48
N VAL B 187 -44.81 22.59 19.06
CA VAL B 187 -44.29 22.72 20.46
C VAL B 187 -45.51 22.67 21.40
N ALA B 188 -45.55 21.67 22.31
CA ALA B 188 -46.51 21.58 23.43
C ALA B 188 -46.48 22.89 24.24
N GLY B 189 -47.64 23.50 24.46
CA GLY B 189 -47.81 24.69 25.33
C GLY B 189 -47.61 26.01 24.59
N SER B 190 -47.40 25.97 23.26
CA SER B 190 -47.37 27.16 22.36
C SER B 190 -48.31 26.92 21.18
N ALA B 191 -48.62 27.99 20.44
CA ALA B 191 -49.38 27.95 19.17
C ALA B 191 -48.39 28.10 18.01
N ARG B 192 -47.24 27.40 18.10
CA ARG B 192 -46.09 27.58 17.17
C ARG B 192 -45.50 26.24 16.73
N THR B 193 -44.78 26.32 15.61
CA THR B 193 -44.05 25.23 14.94
C THR B 193 -42.55 25.45 15.20
N ALA B 194 -41.75 24.40 15.25
CA ALA B 194 -40.27 24.48 15.24
C ALA B 194 -39.72 23.47 14.22
N LEU B 195 -38.69 23.87 13.46
CA LEU B 195 -37.86 22.95 12.62
C LEU B 195 -36.73 22.40 13.49
N ILE B 196 -36.37 21.15 13.26
CA ILE B 196 -35.12 20.58 13.84
C ILE B 196 -34.38 19.85 12.74
N PRO B 197 -33.06 20.10 12.60
CA PRO B 197 -32.23 19.34 11.65
C PRO B 197 -32.20 17.85 12.01
N LEU B 198 -32.37 16.98 11.01
CA LEU B 198 -32.43 15.50 11.24
C LEU B 198 -31.14 15.01 11.89
N GLY B 199 -30.04 15.76 11.74
CA GLY B 199 -28.73 15.42 12.36
C GLY B 199 -28.81 15.46 13.87
N PHE B 200 -29.78 16.19 14.44
CA PHE B 200 -30.01 16.27 15.90
C PHE B 200 -31.09 15.27 16.37
N CYS B 201 -31.55 14.37 15.50
CA CYS B 201 -32.71 13.49 15.74
C CYS B 201 -32.28 12.02 15.70
N ASP B 202 -32.52 11.34 16.82
CA ASP B 202 -32.50 9.86 16.97
C ASP B 202 -33.92 9.36 16.66
N VAL B 203 -34.11 8.76 15.48
CA VAL B 203 -35.43 8.32 14.94
C VAL B 203 -35.65 6.86 15.36
N LYS B 204 -36.45 6.65 16.41
CA LYS B 204 -36.90 5.30 16.87
C LYS B 204 -38.24 4.98 16.23
N LYS B 205 -38.77 3.78 16.48
CA LYS B 205 -40.06 3.31 15.91
C LYS B 205 -41.23 4.06 16.57
N ASP B 206 -41.12 4.43 17.85
CA ASP B 206 -42.24 5.02 18.64
C ASP B 206 -41.98 6.47 19.09
N LYS B 207 -40.82 7.06 18.78
CA LYS B 207 -40.46 8.43 19.24
C LYS B 207 -39.23 9.01 18.50
N ILE B 208 -39.03 10.31 18.66
CA ILE B 208 -37.82 11.06 18.22
C ILE B 208 -37.11 11.53 19.49
N VAL B 209 -35.86 11.12 19.71
CA VAL B 209 -35.05 11.55 20.89
C VAL B 209 -34.13 12.71 20.45
N VAL B 210 -34.18 13.82 21.17
CA VAL B 210 -33.31 15.01 20.97
C VAL B 210 -32.53 15.26 22.27
N THR B 211 -31.23 14.94 22.26
CA THR B 211 -30.34 15.13 23.44
C THR B 211 -29.74 16.55 23.47
N SER B 212 -29.90 17.35 22.43
CA SER B 212 -29.11 18.60 22.27
C SER B 212 -29.66 19.72 23.17
N ILE B 213 -30.99 19.82 23.34
CA ILE B 213 -31.65 20.85 24.21
C ILE B 213 -32.70 20.20 25.12
N LEU B 214 -33.14 20.95 26.14
CA LEU B 214 -34.22 20.57 27.09
C LEU B 214 -35.57 20.93 26.45
N SER B 215 -36.67 20.45 27.05
CA SER B 215 -38.07 20.58 26.55
C SER B 215 -38.51 22.05 26.47
N GLU B 216 -38.22 22.83 27.50
CA GLU B 216 -38.64 24.26 27.62
C GLU B 216 -37.93 25.11 26.56
N GLN B 217 -36.71 24.69 26.15
CA GLN B 217 -35.82 25.44 25.22
C GLN B 217 -36.34 25.37 23.78
N PHE B 218 -37.30 24.50 23.46
CA PHE B 218 -37.93 24.46 22.11
C PHE B 218 -38.78 25.73 21.92
N ALA B 219 -39.11 26.42 23.01
CA ALA B 219 -39.92 27.66 22.99
C ALA B 219 -39.23 28.69 22.09
N ASN B 220 -37.89 28.79 22.19
CA ASN B 220 -37.08 29.89 21.62
C ASN B 220 -36.24 29.43 20.41
N VAL B 221 -36.59 28.30 19.77
CA VAL B 221 -36.02 27.91 18.45
C VAL B 221 -36.33 29.08 17.51
N PRO B 222 -35.35 29.60 16.74
CA PRO B 222 -35.63 30.63 15.75
C PRO B 222 -36.84 30.31 14.86
N ARG B 223 -37.64 31.34 14.60
CA ARG B 223 -38.94 31.32 13.88
C ARG B 223 -38.73 31.68 12.42
N LEU B 224 -39.42 31.02 11.51
CA LEU B 224 -39.35 31.29 10.06
C LEU B 224 -40.23 32.49 9.75
N GLN B 225 -39.86 33.29 8.75
CA GLN B 225 -40.62 34.48 8.29
C GLN B 225 -41.90 33.98 7.63
N SER B 226 -41.87 32.74 7.17
CA SER B 226 -42.83 32.15 6.21
C SER B 226 -42.99 30.68 6.58
N ARG B 227 -44.12 30.06 6.26
CA ARG B 227 -44.52 28.77 6.86
C ARG B 227 -44.04 27.59 6.01
N ASP B 228 -43.94 27.75 4.68
CA ASP B 228 -43.76 26.65 3.70
C ASP B 228 -42.45 26.84 2.91
N GLN B 229 -41.51 27.63 3.43
CA GLN B 229 -40.17 27.81 2.81
C GLN B 229 -39.24 28.48 3.82
N ILE B 230 -37.94 28.29 3.63
CA ILE B 230 -36.87 28.73 4.58
C ILE B 230 -35.73 29.39 3.77
N THR B 231 -35.13 30.43 4.33
CA THR B 231 -33.96 31.14 3.76
C THR B 231 -32.64 30.53 4.28
N LEU B 232 -31.56 30.74 3.53
CA LEU B 232 -30.22 30.24 3.90
C LEU B 232 -29.84 30.74 5.28
N ARG B 233 -30.12 32.00 5.61
CA ARG B 233 -29.76 32.56 6.94
C ARG B 233 -30.61 31.85 7.99
N GLU B 234 -31.87 31.51 7.66
CA GLU B 234 -32.81 30.84 8.60
C GLU B 234 -32.32 29.42 8.89
N GLU B 235 -32.00 28.65 7.83
CA GLU B 235 -31.32 27.33 7.96
C GLU B 235 -30.13 27.43 8.93
N ASP B 236 -29.29 28.46 8.79
CA ASP B 236 -28.13 28.65 9.69
C ASP B 236 -28.63 28.89 11.11
N LYS B 237 -29.60 29.80 11.27
CA LYS B 237 -30.12 30.24 12.59
C LYS B 237 -30.67 29.02 13.37
N VAL B 238 -31.45 28.19 12.68
CA VAL B 238 -32.12 26.99 13.26
C VAL B 238 -31.06 25.97 13.69
N SER B 239 -30.17 25.61 12.78
CA SER B 239 -29.08 24.60 12.96
C SER B 239 -28.17 25.00 14.12
N ALA B 240 -27.85 26.29 14.22
CA ALA B 240 -26.88 26.84 15.20
C ALA B 240 -27.46 26.74 16.61
N TYR B 241 -28.78 26.89 16.74
CA TYR B 241 -29.49 26.96 18.05
C TYR B 241 -29.24 25.66 18.80
N TYR B 242 -29.47 24.52 18.14
CA TYR B 242 -29.34 23.16 18.70
C TYR B 242 -27.87 22.85 19.05
N ALA B 243 -26.93 23.30 18.22
CA ALA B 243 -25.47 23.18 18.45
C ALA B 243 -25.08 23.98 19.70
N GLY B 244 -25.71 25.14 19.90
CA GLY B 244 -25.61 25.92 21.15
C GLY B 244 -25.94 25.07 22.37
N GLY B 245 -27.02 24.29 22.27
CA GLY B 245 -27.47 23.35 23.31
C GLY B 245 -26.36 22.43 23.80
N LEU B 246 -25.49 21.97 22.90
CA LEU B 246 -24.37 21.04 23.22
C LEU B 246 -23.51 21.65 24.33
N LEU B 247 -23.29 22.96 24.31
CA LEU B 247 -22.41 23.66 25.29
C LEU B 247 -23.24 24.39 26.36
N TYR B 248 -24.50 24.74 26.11
CA TYR B 248 -25.26 25.77 26.89
C TYR B 248 -26.66 25.32 27.36
N ALA B 249 -27.14 24.11 27.01
CA ALA B 249 -28.48 23.63 27.42
C ALA B 249 -28.56 23.54 28.95
N THR B 250 -27.46 23.17 29.63
CA THR B 250 -27.33 23.19 31.12
C THR B 250 -26.02 23.88 31.50
N PRO B 251 -25.87 24.42 32.73
CA PRO B 251 -24.63 25.11 33.11
C PRO B 251 -23.37 24.23 33.03
N GLU B 252 -23.47 22.94 33.37
CA GLU B 252 -22.30 22.03 33.58
C GLU B 252 -21.88 21.38 32.26
N ARG B 253 -22.55 21.68 31.14
CA ARG B 253 -22.17 21.21 29.78
C ARG B 253 -20.99 22.04 29.25
N ALA B 254 -20.79 23.27 29.74
CA ALA B 254 -19.70 24.19 29.32
C ALA B 254 -18.51 24.08 30.28
N GLU B 255 -18.61 23.16 31.25
CA GLU B 255 -17.57 22.89 32.27
C GLU B 255 -16.74 21.68 31.79
N SER B 256 -15.62 21.38 32.45
CA SER B 256 -14.75 20.21 32.14
C SER B 256 -15.50 18.92 32.47
N LEU B 257 -14.90 17.78 32.13
CA LEU B 257 -15.18 16.44 32.71
C LEU B 257 -14.01 16.06 33.64
N LEU B 258 -13.51 17.05 34.42
CA LEU B 258 -12.18 17.03 35.11
C LEU B 258 -12.14 15.87 36.12
N ALA C 1 -5.21 39.74 14.18
CA ALA C 1 -4.81 38.33 14.31
C ALA C 1 -6.06 37.43 14.34
N LEU C 2 -7.25 37.93 13.99
CA LEU C 2 -8.53 37.16 13.91
C LEU C 2 -9.06 37.14 12.47
N LEU C 3 -9.62 36.02 12.02
CA LEU C 3 -10.39 35.99 10.75
C LEU C 3 -11.60 36.93 10.93
N SER C 4 -12.14 37.48 9.84
CA SER C 4 -13.18 38.53 9.87
C SER C 4 -14.43 38.00 10.59
N PHE C 5 -14.67 36.69 10.56
CA PHE C 5 -15.86 36.01 11.12
C PHE C 5 -15.55 35.24 12.42
N GLU C 6 -14.34 35.36 12.97
CA GLU C 6 -13.83 34.43 14.02
C GLU C 6 -14.29 34.83 15.44
N ARG C 7 -14.38 36.13 15.74
CA ARG C 7 -14.57 36.66 17.13
C ARG C 7 -15.78 35.99 17.80
N LYS C 8 -16.92 35.90 17.11
CA LYS C 8 -18.18 35.40 17.70
C LYS C 8 -18.05 33.95 18.19
N TYR C 9 -17.01 33.23 17.78
CA TYR C 9 -16.81 31.79 18.10
C TYR C 9 -15.82 31.61 19.26
N ARG C 10 -15.07 32.66 19.62
CA ARG C 10 -13.99 32.62 20.64
C ARG C 10 -14.54 32.74 22.07
N VAL C 11 -15.37 31.78 22.47
CA VAL C 11 -15.96 31.67 23.83
C VAL C 11 -15.20 30.64 24.68
N ARG C 12 -15.37 30.76 25.99
CA ARG C 12 -14.94 29.80 27.04
C ARG C 12 -15.71 28.49 26.84
N GLY C 13 -15.09 27.33 27.08
CA GLY C 13 -15.82 26.05 27.18
C GLY C 13 -15.30 24.95 26.27
N GLY C 14 -15.78 23.73 26.50
CA GLY C 14 -15.50 22.54 25.67
C GLY C 14 -14.29 21.75 26.12
N THR C 15 -13.44 22.27 27.02
CA THR C 15 -12.27 21.53 27.54
C THR C 15 -12.72 20.23 28.21
N LEU C 16 -11.86 19.21 28.19
CA LEU C 16 -12.04 17.92 28.92
C LEU C 16 -11.40 18.00 30.32
N ILE C 17 -10.29 18.73 30.48
CA ILE C 17 -9.53 18.81 31.76
C ILE C 17 -9.02 20.24 31.95
N GLY C 18 -9.01 20.69 33.22
CA GLY C 18 -8.32 21.92 33.68
C GLY C 18 -9.26 23.10 33.80
N GLY C 19 -10.54 22.93 33.48
CA GLY C 19 -11.54 24.02 33.43
C GLY C 19 -11.09 25.07 32.44
N ASP C 20 -10.94 26.32 32.88
CA ASP C 20 -10.50 27.41 31.98
C ASP C 20 -9.07 27.84 32.32
N LEU C 21 -8.31 27.01 33.04
CA LEU C 21 -6.88 27.28 33.36
C LEU C 21 -6.08 27.37 32.06
N PHE C 22 -6.38 26.49 31.09
CA PHE C 22 -5.66 26.41 29.78
C PHE C 22 -6.59 26.80 28.64
N ASP C 23 -7.79 27.30 28.96
CA ASP C 23 -8.83 27.66 27.95
C ASP C 23 -8.48 29.01 27.34
N PHE C 24 -7.49 29.05 26.45
CA PHE C 24 -7.07 30.28 25.74
C PHE C 24 -6.34 29.94 24.43
N TRP C 25 -5.93 30.99 23.70
CA TRP C 25 -5.25 30.97 22.39
C TRP C 25 -3.90 31.66 22.51
N VAL C 26 -2.89 31.17 21.78
CA VAL C 26 -1.63 31.89 21.47
C VAL C 26 -1.56 32.05 19.95
N GLY C 27 -1.73 33.27 19.45
CA GLY C 27 -1.96 33.55 18.03
C GLY C 27 -3.18 32.77 17.54
N PRO C 28 -3.07 32.00 16.43
CA PRO C 28 -4.21 31.25 15.91
C PRO C 28 -4.48 29.95 16.69
N TYR C 29 -3.51 29.49 17.45
CA TYR C 29 -3.49 28.15 18.09
C TYR C 29 -4.32 28.17 19.39
N PHE C 30 -5.31 27.29 19.50
CA PHE C 30 -5.91 26.94 20.80
C PHE C 30 -4.91 26.12 21.62
N VAL C 31 -4.91 26.31 22.94
CA VAL C 31 -3.99 25.56 23.85
C VAL C 31 -4.73 24.35 24.43
N GLY C 32 -5.45 24.53 25.53
CA GLY C 32 -6.04 23.45 26.33
C GLY C 32 -4.97 22.70 27.12
N PHE C 33 -5.37 21.75 27.96
CA PHE C 33 -4.44 20.90 28.73
C PHE C 33 -3.55 20.10 27.76
N PHE C 34 -4.15 19.55 26.71
CA PHE C 34 -3.52 18.63 25.72
C PHE C 34 -2.59 19.42 24.79
N GLY C 35 -2.82 20.73 24.63
CA GLY C 35 -1.87 21.59 23.93
C GLY C 35 -0.58 21.70 24.71
N VAL C 36 -0.70 21.86 26.04
CA VAL C 36 0.44 21.96 26.98
C VAL C 36 1.20 20.64 26.97
N SER C 37 0.50 19.50 27.11
CA SER C 37 1.12 18.13 27.15
C SER C 37 1.72 17.77 25.77
N ALA C 38 1.07 18.10 24.67
CA ALA C 38 1.65 18.00 23.30
C ALA C 38 3.03 18.67 23.30
N ILE C 39 3.10 19.94 23.73
CA ILE C 39 4.36 20.74 23.69
C ILE C 39 5.42 20.11 24.61
N PHE C 40 5.00 19.51 25.72
CA PHE C 40 5.88 18.79 26.67
C PHE C 40 6.56 17.65 25.91
N PHE C 41 5.73 16.74 25.38
CA PHE C 41 6.16 15.49 24.71
C PHE C 41 6.97 15.83 23.45
N ILE C 42 6.57 16.86 22.70
CA ILE C 42 7.35 17.34 21.52
C ILE C 42 8.72 17.82 21.99
N PHE C 43 8.77 18.57 23.10
CA PHE C 43 10.03 19.21 23.57
C PHE C 43 10.97 18.10 24.06
N LEU C 44 10.47 17.16 24.88
CA LEU C 44 11.27 15.97 25.30
C LEU C 44 11.83 15.29 24.04
N GLY C 45 10.94 14.85 23.14
CA GLY C 45 11.26 14.07 21.93
C GLY C 45 12.35 14.74 21.11
N VAL C 46 12.16 16.02 20.78
CA VAL C 46 13.17 16.77 19.95
C VAL C 46 14.48 16.85 20.72
N SER C 47 14.45 16.99 22.05
CA SER C 47 15.68 17.11 22.90
C SER C 47 16.50 15.82 22.77
N LEU C 48 15.81 14.68 22.91
CA LEU C 48 16.41 13.31 22.85
C LEU C 48 17.00 13.07 21.46
N ILE C 49 16.30 13.44 20.40
CA ILE C 49 16.82 13.35 19.00
C ILE C 49 18.11 14.17 18.88
N GLY C 50 18.16 15.33 19.53
CA GLY C 50 19.34 16.22 19.50
C GLY C 50 20.49 15.61 20.28
N TYR C 51 20.21 15.12 21.48
CA TYR C 51 21.20 14.45 22.36
C TYR C 51 21.77 13.25 21.59
N ALA C 52 20.92 12.36 21.05
CA ALA C 52 21.31 11.16 20.26
C ALA C 52 22.14 11.57 19.03
N ALA C 53 21.64 12.48 18.20
CA ALA C 53 22.34 13.05 17.02
C ALA C 53 23.78 13.50 17.38
N SER C 54 23.96 14.20 18.49
CA SER C 54 25.26 14.78 18.95
C SER C 54 26.27 13.68 19.29
N GLN C 55 25.79 12.51 19.74
CA GLN C 55 26.65 11.34 20.10
C GLN C 55 27.05 10.55 18.85
N GLY C 56 26.42 10.83 17.70
CA GLY C 56 26.57 10.05 16.45
C GLY C 56 27.49 10.74 15.46
N PRO C 57 27.73 10.10 14.28
CA PRO C 57 28.74 10.59 13.33
C PRO C 57 28.52 12.03 12.85
N THR C 58 27.30 12.35 12.42
CA THR C 58 26.98 13.52 11.55
C THR C 58 25.81 14.32 12.11
N TRP C 59 25.69 15.56 11.65
CA TRP C 59 24.59 16.51 12.00
C TRP C 59 23.62 16.69 10.82
N ASP C 60 23.94 16.13 9.64
CA ASP C 60 23.11 16.10 8.41
C ASP C 60 21.79 15.40 8.72
N PRO C 61 20.65 16.11 8.87
CA PRO C 61 19.43 15.48 9.40
C PRO C 61 18.81 14.41 8.49
N PHE C 62 19.34 14.20 7.28
CA PHE C 62 18.91 13.13 6.32
C PHE C 62 19.68 11.82 6.56
N ALA C 63 20.88 11.90 7.16
CA ALA C 63 21.73 10.75 7.52
C ALA C 63 21.50 10.31 8.96
N ILE C 64 20.89 11.17 9.78
CA ILE C 64 20.58 10.85 11.20
C ILE C 64 19.63 9.64 11.21
N SER C 65 19.89 8.69 12.10
CA SER C 65 19.07 7.49 12.30
C SER C 65 19.20 7.04 13.75
N ILE C 66 18.14 7.15 14.54
CA ILE C 66 18.09 6.57 15.90
C ILE C 66 17.41 5.21 15.74
N ASN C 67 18.12 4.12 16.05
CA ASN C 67 17.66 2.76 15.69
C ASN C 67 17.21 2.02 16.95
N PRO C 68 16.29 1.05 16.82
CA PRO C 68 15.90 0.22 17.94
C PRO C 68 17.06 -0.66 18.41
N PRO C 69 16.92 -1.43 19.50
CA PRO C 69 18.02 -2.27 19.98
C PRO C 69 18.21 -3.55 19.15
N ASP C 70 19.35 -4.25 19.32
CA ASP C 70 19.56 -5.63 18.81
C ASP C 70 18.43 -6.51 19.34
N LEU C 71 18.16 -7.63 18.68
CA LEU C 71 17.06 -8.56 19.06
C LEU C 71 17.33 -9.15 20.45
N LYS C 72 18.59 -9.35 20.80
CA LYS C 72 18.98 -10.09 22.03
C LYS C 72 18.43 -9.37 23.29
N TYR C 73 18.23 -8.05 23.25
CA TYR C 73 17.66 -7.26 24.38
C TYR C 73 16.18 -7.59 24.60
N GLY C 74 15.53 -8.37 23.72
CA GLY C 74 14.09 -8.68 23.81
C GLY C 74 13.25 -7.44 24.10
N LEU C 75 12.27 -7.60 25.01
CA LEU C 75 11.34 -6.54 25.50
C LEU C 75 11.93 -5.78 26.69
N GLY C 76 13.19 -6.04 27.05
CA GLY C 76 13.88 -5.34 28.15
C GLY C 76 14.28 -3.93 27.74
N ALA C 77 14.95 -3.24 28.64
CA ALA C 77 15.51 -1.89 28.40
C ALA C 77 16.91 -2.06 27.81
N ALA C 78 17.33 -1.11 26.99
CA ALA C 78 18.62 -1.16 26.28
C ALA C 78 19.43 0.06 26.68
N PRO C 79 20.78 0.00 26.59
CA PRO C 79 21.62 1.19 26.78
C PRO C 79 21.17 2.29 25.82
N LEU C 80 21.21 3.53 26.27
CA LEU C 80 20.76 4.72 25.52
C LEU C 80 21.25 4.65 24.07
N LEU C 81 22.56 4.51 23.89
CA LEU C 81 23.20 4.59 22.56
C LEU C 81 22.86 3.37 21.71
N GLU C 82 22.51 2.23 22.33
CA GLU C 82 22.21 0.93 21.66
C GLU C 82 20.70 0.68 21.62
N GLY C 83 19.89 1.73 21.51
CA GLY C 83 18.42 1.59 21.31
C GLY C 83 17.59 2.14 22.46
N GLY C 84 18.22 2.64 23.53
CA GLY C 84 17.51 3.30 24.65
C GLY C 84 16.86 4.60 24.20
N PHE C 85 17.62 5.42 23.46
CA PHE C 85 17.10 6.66 22.82
C PHE C 85 15.82 6.32 22.05
N TRP C 86 15.89 5.32 21.16
CA TRP C 86 14.77 4.85 20.32
C TRP C 86 13.53 4.60 21.21
N GLN C 87 13.71 3.97 22.38
CA GLN C 87 12.58 3.59 23.29
C GLN C 87 11.97 4.85 23.93
N ALA C 88 12.81 5.78 24.36
CA ALA C 88 12.39 7.01 25.04
C ALA C 88 11.54 7.79 24.04
N ILE C 89 12.07 7.94 22.82
CA ILE C 89 11.51 8.76 21.71
C ILE C 89 10.15 8.20 21.28
N THR C 90 9.97 6.88 21.27
CA THR C 90 8.70 6.21 20.88
C THR C 90 7.59 6.60 21.87
N VAL C 91 7.94 6.65 23.17
CA VAL C 91 7.01 7.03 24.28
C VAL C 91 6.60 8.49 24.07
N CYS C 92 7.56 9.39 23.85
CA CYS C 92 7.29 10.84 23.59
C CYS C 92 6.41 11.01 22.34
N ALA C 93 6.71 10.26 21.27
CA ALA C 93 5.95 10.25 20.00
C ALA C 93 4.48 9.89 20.28
N LEU C 94 4.22 8.80 20.99
CA LEU C 94 2.84 8.39 21.36
C LEU C 94 2.18 9.47 22.21
N GLY C 95 2.93 10.01 23.18
CA GLY C 95 2.47 11.09 24.05
C GLY C 95 1.96 12.26 23.22
N ALA C 96 2.80 12.75 22.30
CA ALA C 96 2.48 13.89 21.42
C ALA C 96 1.24 13.58 20.56
N PHE C 97 1.18 12.39 19.94
CA PHE C 97 0.12 12.00 18.99
C PHE C 97 -1.21 11.96 19.76
N ILE C 98 -1.24 11.27 20.91
CA ILE C 98 -2.48 11.10 21.73
C ILE C 98 -2.92 12.48 22.24
N SER C 99 -1.99 13.32 22.70
CA SER C 99 -2.26 14.72 23.12
C SER C 99 -2.96 15.45 21.96
N TRP C 100 -2.37 15.43 20.77
CA TRP C 100 -2.87 16.12 19.54
C TRP C 100 -4.31 15.67 19.23
N MET C 101 -4.58 14.39 19.37
CA MET C 101 -5.90 13.81 19.08
C MET C 101 -6.93 14.40 20.06
N LEU C 102 -6.58 14.45 21.36
CA LEU C 102 -7.50 14.88 22.46
C LEU C 102 -7.70 16.40 22.41
N ARG C 103 -6.67 17.15 22.05
CA ARG C 103 -6.77 18.60 21.74
C ARG C 103 -7.83 18.85 20.65
N GLU C 104 -7.88 18.03 19.61
CA GLU C 104 -8.86 18.21 18.51
C GLU C 104 -10.27 17.97 19.06
N VAL C 105 -10.43 17.08 20.05
CA VAL C 105 -11.74 16.86 20.72
C VAL C 105 -12.20 18.16 21.40
N GLU C 106 -11.33 18.83 22.15
CA GLU C 106 -11.66 20.06 22.91
C GLU C 106 -12.10 21.15 21.92
N ILE C 107 -11.36 21.29 20.83
CA ILE C 107 -11.67 22.24 19.73
C ILE C 107 -13.02 21.89 19.09
N SER C 108 -13.25 20.62 18.78
CA SER C 108 -14.56 20.18 18.22
C SER C 108 -15.69 20.60 19.17
N ARG C 109 -15.51 20.42 20.47
CA ARG C 109 -16.60 20.64 21.48
C ARG C 109 -16.90 22.14 21.58
N LYS C 110 -15.87 22.98 21.55
CA LYS C 110 -16.01 24.46 21.60
C LYS C 110 -16.82 24.96 20.40
N LEU C 111 -16.71 24.32 19.24
CA LEU C 111 -17.36 24.79 17.98
C LEU C 111 -18.71 24.10 17.79
N GLY C 112 -19.01 23.12 18.66
CA GLY C 112 -20.27 22.37 18.61
C GLY C 112 -20.37 21.54 17.34
N ILE C 113 -19.25 20.98 16.90
CA ILE C 113 -19.19 20.08 15.69
C ILE C 113 -18.92 18.64 16.14
N GLY C 114 -19.19 17.67 15.25
CA GLY C 114 -18.83 16.25 15.45
C GLY C 114 -17.35 16.07 15.78
N TRP C 115 -17.03 14.93 16.41
CA TRP C 115 -15.66 14.52 16.80
C TRP C 115 -15.00 13.73 15.66
N HIS C 116 -15.51 13.81 14.42
CA HIS C 116 -15.13 12.90 13.32
C HIS C 116 -13.62 13.00 13.04
N VAL C 117 -13.03 14.20 13.08
CA VAL C 117 -11.60 14.39 12.69
C VAL C 117 -10.69 13.66 13.69
N PRO C 118 -10.72 13.94 15.01
CA PRO C 118 -9.89 13.20 15.96
C PRO C 118 -10.12 11.68 15.91
N LEU C 119 -11.35 11.22 15.66
CA LEU C 119 -11.65 9.77 15.49
C LEU C 119 -10.88 9.26 14.28
N ALA C 120 -10.92 9.96 13.16
CA ALA C 120 -10.21 9.59 11.93
C ALA C 120 -8.70 9.53 12.21
N PHE C 121 -8.21 10.43 13.07
CA PHE C 121 -6.77 10.58 13.37
C PHE C 121 -6.28 9.41 14.24
N CYS C 122 -7.19 8.71 14.93
CA CYS C 122 -6.87 7.50 15.72
C CYS C 122 -6.38 6.39 14.78
N VAL C 123 -6.77 6.41 13.50
CA VAL C 123 -6.43 5.33 12.54
C VAL C 123 -4.91 5.29 12.33
N PRO C 124 -4.25 6.39 11.88
CA PRO C 124 -2.79 6.39 11.79
C PRO C 124 -2.03 6.15 13.10
N ILE C 125 -2.58 6.57 14.25
CA ILE C 125 -1.95 6.30 15.58
C ILE C 125 -1.97 4.78 15.84
N PHE C 126 -3.09 4.12 15.55
CA PHE C 126 -3.23 2.65 15.65
C PHE C 126 -2.16 1.99 14.79
N MET C 127 -2.01 2.42 13.54
CA MET C 127 -1.12 1.74 12.59
C MET C 127 0.33 1.88 13.07
N PHE C 128 0.68 3.05 13.62
CA PHE C 128 2.00 3.31 14.26
C PHE C 128 2.25 2.31 15.41
N CYS C 129 1.21 2.05 16.19
CA CYS C 129 1.25 1.12 17.35
C CYS C 129 1.44 -0.31 16.82
N VAL C 130 0.77 -0.67 15.74
CA VAL C 130 0.93 -2.01 15.10
C VAL C 130 2.40 -2.18 14.73
N LEU C 131 3.02 -1.18 14.11
CA LEU C 131 4.40 -1.30 13.58
C LEU C 131 5.40 -1.29 14.75
N GLN C 132 5.21 -0.40 15.71
CA GLN C 132 6.25 -0.11 16.74
C GLN C 132 5.99 -0.86 18.07
N VAL C 133 4.78 -1.33 18.35
CA VAL C 133 4.43 -1.85 19.71
C VAL C 133 3.85 -3.26 19.59
N PHE C 134 2.71 -3.44 18.92
CA PHE C 134 1.97 -4.73 18.91
C PHE C 134 2.81 -5.81 18.23
N ARG C 135 3.35 -5.55 17.04
CA ARG C 135 4.05 -6.62 16.26
C ARG C 135 5.33 -7.01 16.97
N PRO C 136 6.15 -6.06 17.47
CA PRO C 136 7.30 -6.40 18.32
C PRO C 136 6.95 -7.20 19.58
N LEU C 137 5.85 -6.90 20.27
CA LEU C 137 5.44 -7.69 21.47
C LEU C 137 5.25 -9.13 21.02
N LEU C 138 4.44 -9.36 19.98
CA LEU C 138 4.14 -10.71 19.46
C LEU C 138 5.42 -11.44 19.00
N LEU C 139 6.51 -10.78 18.61
CA LEU C 139 7.74 -11.48 18.18
C LEU C 139 8.79 -11.51 19.31
N GLY C 140 8.56 -10.77 20.41
CA GLY C 140 9.36 -10.85 21.64
C GLY C 140 10.58 -9.94 21.66
N SER C 141 10.70 -8.97 20.74
CA SER C 141 11.80 -7.99 20.80
C SER C 141 11.37 -6.66 20.16
N TRP C 142 11.79 -5.55 20.80
CA TRP C 142 11.72 -4.16 20.27
C TRP C 142 12.55 -4.00 19.00
N GLY C 143 13.54 -4.87 18.78
CA GLY C 143 14.47 -4.77 17.63
C GLY C 143 13.77 -4.95 16.27
N HIS C 144 12.52 -5.42 16.23
CA HIS C 144 11.70 -5.64 15.01
C HIS C 144 11.03 -4.33 14.53
N ALA C 145 11.09 -3.28 15.35
CA ALA C 145 10.47 -1.98 15.06
C ALA C 145 11.32 -1.22 14.05
N PHE C 146 10.74 -0.20 13.43
CA PHE C 146 11.40 0.57 12.34
C PHE C 146 12.18 1.69 12.99
N PRO C 147 13.34 2.06 12.40
CA PRO C 147 14.19 3.12 12.94
C PRO C 147 13.74 4.53 12.54
N TYR C 148 14.13 5.53 13.35
CA TYR C 148 13.78 6.96 13.16
C TYR C 148 14.92 7.61 12.40
N GLY C 149 14.87 7.48 11.08
CA GLY C 149 15.65 8.26 10.11
C GLY C 149 14.87 8.43 8.82
N ILE C 150 15.07 9.55 8.13
CA ILE C 150 14.26 9.91 6.93
C ILE C 150 14.51 8.87 5.85
N LEU C 151 15.76 8.49 5.62
CA LEU C 151 16.07 7.48 4.58
C LEU C 151 16.17 6.10 5.22
N SER C 152 16.73 5.97 6.41
CA SER C 152 16.96 4.64 7.03
C SER C 152 15.63 3.86 7.11
N HIS C 153 14.50 4.53 7.37
CA HIS C 153 13.19 3.84 7.56
C HIS C 153 12.77 3.15 6.25
N LEU C 154 13.20 3.63 5.07
CA LEU C 154 12.86 3.00 3.78
C LEU C 154 13.63 1.67 3.64
N ASP C 155 14.88 1.62 4.10
CA ASP C 155 15.71 0.39 4.06
C ASP C 155 15.05 -0.68 4.95
N TRP C 156 14.45 -0.30 6.08
CA TRP C 156 13.72 -1.26 6.96
C TRP C 156 12.47 -1.82 6.23
N VAL C 157 11.64 -0.96 5.61
CA VAL C 157 10.43 -1.42 4.89
C VAL C 157 10.83 -2.43 3.82
N ASN C 158 11.94 -2.12 3.13
CA ASN C 158 12.50 -2.88 2.00
C ASN C 158 12.86 -4.30 2.46
N ASN C 159 13.76 -4.43 3.44
CA ASN C 159 14.22 -5.72 4.00
C ASN C 159 13.04 -6.50 4.61
N PHE C 160 12.16 -5.84 5.36
CA PHE C 160 10.94 -6.46 5.94
C PHE C 160 10.12 -7.16 4.82
N GLY C 161 9.90 -6.49 3.68
CA GLY C 161 9.14 -7.09 2.58
C GLY C 161 9.82 -8.34 2.06
N TYR C 162 11.12 -8.26 1.83
CA TYR C 162 11.95 -9.33 1.24
C TYR C 162 12.25 -10.44 2.25
N GLN C 163 11.94 -10.26 3.54
CA GLN C 163 11.96 -11.39 4.52
C GLN C 163 10.84 -12.36 4.18
N TYR C 164 9.84 -11.95 3.38
CA TYR C 164 8.69 -12.80 2.98
C TYR C 164 8.72 -13.00 1.45
N LEU C 165 9.91 -12.86 0.85
CA LEU C 165 10.27 -13.21 -0.56
C LEU C 165 9.61 -12.25 -1.56
N ASN C 166 8.28 -12.20 -1.62
CA ASN C 166 7.54 -11.17 -2.39
C ASN C 166 6.34 -10.66 -1.59
N TRP C 167 6.49 -9.46 -1.01
CA TRP C 167 5.49 -8.84 -0.10
C TRP C 167 4.20 -8.52 -0.85
N HIS C 168 4.27 -8.32 -2.17
CA HIS C 168 3.13 -8.01 -3.08
C HIS C 168 2.03 -9.09 -3.02
N TYR C 169 2.39 -10.34 -2.73
CA TYR C 169 1.40 -11.45 -2.66
C TYR C 169 0.75 -11.52 -1.27
N ASN C 170 1.06 -10.56 -0.40
CA ASN C 170 0.47 -10.52 0.96
C ASN C 170 -0.97 -10.05 0.80
N PRO C 171 -1.97 -10.84 1.21
CA PRO C 171 -3.37 -10.50 0.99
C PRO C 171 -3.83 -9.22 1.72
N GLY C 172 -3.41 -9.00 2.97
CA GLY C 172 -3.65 -7.71 3.64
C GLY C 172 -3.08 -6.53 2.86
N HIS C 173 -1.88 -6.70 2.27
CA HIS C 173 -1.18 -5.68 1.46
C HIS C 173 -1.95 -5.36 0.19
N MET C 174 -2.50 -6.37 -0.48
CA MET C 174 -3.30 -6.20 -1.72
C MET C 174 -4.53 -5.32 -1.44
N SER C 175 -5.19 -5.60 -0.34
CA SER C 175 -6.33 -4.81 0.18
C SER C 175 -5.86 -3.37 0.47
N SER C 176 -4.80 -3.21 1.25
CA SER C 176 -4.23 -1.89 1.65
C SER C 176 -3.92 -1.05 0.39
N VAL C 177 -3.24 -1.64 -0.59
CA VAL C 177 -2.81 -0.95 -1.84
C VAL C 177 -4.04 -0.54 -2.64
N SER C 178 -5.05 -1.40 -2.70
CA SER C 178 -6.31 -1.15 -3.46
C SER C 178 -7.00 0.09 -2.90
N PHE C 179 -7.10 0.20 -1.58
CA PHE C 179 -7.69 1.38 -0.90
C PHE C 179 -6.85 2.64 -1.17
N LEU C 180 -5.50 2.56 -1.15
CA LEU C 180 -4.63 3.74 -1.39
C LEU C 180 -4.87 4.31 -2.79
N PHE C 181 -5.01 3.41 -3.77
CA PHE C 181 -5.21 3.75 -5.20
C PHE C 181 -6.60 4.35 -5.41
N VAL C 182 -7.64 3.66 -4.94
CA VAL C 182 -9.04 4.13 -5.17
C VAL C 182 -9.25 5.44 -4.39
N ASN C 183 -8.61 5.61 -3.25
CA ASN C 183 -8.72 6.85 -2.45
C ASN C 183 -8.13 8.01 -3.25
N ALA C 184 -6.92 7.89 -3.79
CA ALA C 184 -6.25 8.97 -4.53
C ALA C 184 -7.06 9.38 -5.76
N MET C 185 -7.66 8.39 -6.42
CA MET C 185 -8.58 8.59 -7.58
C MET C 185 -9.85 9.31 -7.13
N ALA C 186 -10.50 8.82 -6.07
CA ALA C 186 -11.78 9.36 -5.55
C ALA C 186 -11.60 10.85 -5.19
N LEU C 187 -10.51 11.21 -4.51
CA LEU C 187 -10.17 12.61 -4.10
C LEU C 187 -9.98 13.50 -5.33
N GLY C 188 -9.36 12.98 -6.38
CA GLY C 188 -9.26 13.68 -7.67
C GLY C 188 -10.61 13.95 -8.29
N LEU C 189 -11.46 12.93 -8.36
CA LEU C 189 -12.82 13.05 -8.95
C LEU C 189 -13.64 14.04 -8.12
N HIS C 190 -13.59 13.94 -6.80
CA HIS C 190 -14.39 14.79 -5.90
C HIS C 190 -13.91 16.24 -6.00
N GLY C 191 -12.61 16.47 -5.85
CA GLY C 191 -11.97 17.79 -6.01
C GLY C 191 -12.27 18.41 -7.38
N GLY C 192 -12.01 17.67 -8.45
CA GLY C 192 -12.35 18.04 -9.84
C GLY C 192 -13.82 18.37 -10.03
N LEU C 193 -14.74 17.57 -9.48
CA LEU C 193 -16.19 17.80 -9.64
C LEU C 193 -16.58 19.16 -9.02
N ILE C 194 -16.19 19.39 -7.78
CA ILE C 194 -16.55 20.64 -7.07
C ILE C 194 -15.97 21.84 -7.85
N LEU C 195 -14.72 21.76 -8.30
CA LEU C 195 -14.10 22.88 -9.03
C LEU C 195 -14.85 23.08 -10.36
N SER C 196 -15.33 22.00 -10.99
CA SER C 196 -15.98 22.04 -12.34
C SER C 196 -17.29 22.82 -12.25
N VAL C 197 -17.97 22.76 -11.11
CA VAL C 197 -19.31 23.36 -10.90
C VAL C 197 -19.18 24.84 -10.50
N ALA C 198 -18.18 25.16 -9.69
CA ALA C 198 -17.99 26.52 -9.13
C ALA C 198 -17.21 27.38 -10.13
N ASN C 199 -16.61 26.75 -11.13
CA ASN C 199 -15.66 27.39 -12.08
C ASN C 199 -15.86 26.81 -13.47
N PRO C 200 -17.05 26.98 -14.08
CA PRO C 200 -17.30 26.48 -15.44
C PRO C 200 -16.47 27.20 -16.51
N GLY C 201 -15.97 28.41 -16.20
CA GLY C 201 -15.10 29.21 -17.06
C GLY C 201 -15.88 30.20 -17.90
N ASP C 202 -15.23 31.26 -18.38
CA ASP C 202 -15.71 32.19 -19.44
C ASP C 202 -16.91 33.00 -18.95
N GLY C 203 -16.93 33.41 -17.68
CA GLY C 203 -18.08 34.13 -17.06
C GLY C 203 -19.42 33.43 -17.28
N ASP C 204 -19.42 32.11 -17.43
CA ASP C 204 -20.64 31.25 -17.48
C ASP C 204 -21.12 31.11 -16.03
N LYS C 205 -22.33 30.58 -15.81
CA LYS C 205 -22.97 30.59 -14.46
C LYS C 205 -22.53 29.34 -13.66
N VAL C 206 -22.32 29.54 -12.36
CA VAL C 206 -22.15 28.43 -11.37
C VAL C 206 -23.32 27.45 -11.54
N LYS C 207 -23.05 26.16 -11.44
CA LYS C 207 -24.06 25.09 -11.62
C LYS C 207 -24.51 24.58 -10.25
N THR C 208 -25.17 23.42 -10.22
CA THR C 208 -26.09 23.02 -9.12
C THR C 208 -25.69 21.62 -8.64
N ALA C 209 -26.26 21.19 -7.52
CA ALA C 209 -26.28 19.78 -7.06
C ALA C 209 -26.85 18.87 -8.17
N GLU C 210 -27.89 19.33 -8.88
CA GLU C 210 -28.56 18.54 -9.96
C GLU C 210 -27.52 18.25 -11.05
N HIS C 211 -26.66 19.22 -11.38
CA HIS C 211 -25.59 19.06 -12.42
C HIS C 211 -24.55 18.04 -11.94
N GLU C 212 -24.20 18.05 -10.65
CA GLU C 212 -23.24 17.09 -10.04
C GLU C 212 -23.74 15.65 -10.28
N ASN C 213 -24.97 15.37 -9.84
CA ASN C 213 -25.63 14.03 -9.97
C ASN C 213 -25.72 13.66 -11.46
N GLN C 214 -26.13 14.57 -12.32
CA GLN C 214 -26.30 14.26 -13.75
C GLN C 214 -24.95 13.86 -14.34
N TYR C 215 -23.86 14.54 -13.96
CA TYR C 215 -22.54 14.34 -14.59
C TYR C 215 -22.14 12.87 -14.46
N PHE C 216 -22.23 12.31 -13.24
CA PHE C 216 -21.76 10.94 -12.93
C PHE C 216 -22.78 9.90 -13.38
N ARG C 217 -24.08 10.18 -13.30
CA ARG C 217 -25.10 9.29 -13.90
C ARG C 217 -24.77 9.11 -15.39
N ASP C 218 -24.43 10.18 -16.08
CA ASP C 218 -24.05 10.09 -17.51
C ASP C 218 -22.81 9.21 -17.64
N VAL C 219 -21.74 9.49 -16.87
CA VAL C 219 -20.40 8.91 -17.14
C VAL C 219 -20.33 7.45 -16.70
N VAL C 220 -20.92 7.07 -15.54
CA VAL C 220 -20.82 5.67 -15.01
C VAL C 220 -22.18 5.08 -14.61
N GLY C 221 -23.28 5.83 -14.72
CA GLY C 221 -24.63 5.29 -14.43
C GLY C 221 -25.01 5.40 -12.96
N TYR C 222 -24.23 6.08 -12.14
CA TYR C 222 -24.56 6.21 -10.70
C TYR C 222 -23.81 7.42 -10.14
N SER C 223 -24.47 8.12 -9.22
CA SER C 223 -23.92 9.24 -8.42
C SER C 223 -24.22 8.92 -6.95
N ILE C 224 -23.18 8.87 -6.09
CA ILE C 224 -23.36 8.45 -4.68
C ILE C 224 -23.99 9.59 -3.88
N GLY C 225 -23.74 10.84 -4.27
CA GLY C 225 -24.32 12.04 -3.63
C GLY C 225 -23.31 12.79 -2.78
N ALA C 226 -23.66 14.04 -2.42
CA ALA C 226 -22.76 15.05 -1.85
C ALA C 226 -22.32 14.67 -0.44
N LEU C 227 -23.25 14.32 0.44
CA LEU C 227 -22.89 13.90 1.80
C LEU C 227 -22.09 12.59 1.74
N SER C 228 -22.57 11.64 0.93
CA SER C 228 -22.11 10.24 0.88
C SER C 228 -20.65 10.16 0.39
N ILE C 229 -20.23 11.02 -0.54
CA ILE C 229 -18.84 11.01 -1.08
C ILE C 229 -17.89 11.35 0.05
N HIS C 230 -18.32 12.15 1.04
CA HIS C 230 -17.44 12.52 2.19
C HIS C 230 -17.33 11.33 3.14
N ARG C 231 -18.44 10.64 3.40
CA ARG C 231 -18.43 9.43 4.26
C ARG C 231 -17.60 8.34 3.57
N LEU C 232 -17.75 8.18 2.25
CA LEU C 232 -17.01 7.17 1.46
C LEU C 232 -15.51 7.48 1.54
N GLY C 233 -15.12 8.75 1.38
CA GLY C 233 -13.71 9.15 1.36
C GLY C 233 -13.03 8.84 2.69
N LEU C 234 -13.75 9.04 3.80
CA LEU C 234 -13.23 8.74 5.15
C LEU C 234 -13.11 7.22 5.25
N PHE C 235 -14.04 6.50 4.64
CA PHE C 235 -14.07 5.03 4.63
C PHE C 235 -12.87 4.47 3.82
N LEU C 236 -12.63 4.96 2.61
CA LEU C 236 -11.56 4.45 1.71
C LEU C 236 -10.19 4.75 2.33
N ALA C 237 -9.97 5.98 2.81
CA ALA C 237 -8.68 6.38 3.42
C ALA C 237 -8.43 5.54 4.68
N SER C 238 -9.43 5.42 5.55
CA SER C 238 -9.29 4.71 6.84
C SER C 238 -8.89 3.26 6.57
N ASN C 239 -9.44 2.65 5.53
CA ASN C 239 -9.27 1.22 5.20
C ASN C 239 -7.88 0.92 4.60
N ILE C 240 -7.16 1.93 4.12
CA ILE C 240 -5.73 1.74 3.77
C ILE C 240 -5.01 1.04 4.93
N PHE C 241 -5.20 1.53 6.16
CA PHE C 241 -4.48 1.06 7.38
C PHE C 241 -5.28 -0.02 8.12
N LEU C 242 -6.62 0.04 8.15
CA LEU C 242 -7.43 -0.98 8.88
C LEU C 242 -7.24 -2.34 8.22
N THR C 243 -7.20 -2.42 6.89
CA THR C 243 -6.90 -3.71 6.19
C THR C 243 -5.38 -3.95 6.23
N GLY C 244 -4.56 -2.92 6.03
CA GLY C 244 -3.08 -3.04 6.07
C GLY C 244 -2.59 -3.69 7.36
N ALA C 245 -3.15 -3.29 8.51
CA ALA C 245 -2.77 -3.76 9.86
C ALA C 245 -2.78 -5.29 9.96
N PHE C 246 -3.75 -5.99 9.37
CA PHE C 246 -3.82 -7.48 9.44
C PHE C 246 -2.65 -8.08 8.64
N GLY C 247 -2.28 -7.49 7.49
CA GLY C 247 -1.14 -7.95 6.68
C GLY C 247 0.20 -7.86 7.42
N THR C 248 0.40 -6.82 8.22
CA THR C 248 1.66 -6.54 8.96
C THR C 248 1.81 -7.48 10.17
N ILE C 249 0.76 -7.54 11.00
CA ILE C 249 0.60 -8.40 12.21
C ILE C 249 0.82 -9.87 11.83
N ALA C 250 0.33 -10.31 10.67
CA ALA C 250 0.34 -11.72 10.24
C ALA C 250 1.76 -12.12 9.86
N SER C 251 2.55 -11.17 9.37
CA SER C 251 3.92 -11.40 8.85
C SER C 251 4.89 -11.58 10.03
N GLY C 252 5.19 -12.84 10.35
CA GLY C 252 6.09 -13.28 11.44
C GLY C 252 5.31 -14.13 12.44
N PRO C 253 4.44 -13.49 13.25
CA PRO C 253 3.66 -14.18 14.28
C PRO C 253 2.67 -15.23 13.77
N PHE C 254 2.07 -15.03 12.59
CA PHE C 254 1.02 -15.93 12.04
C PHE C 254 1.46 -16.55 10.71
N TRP C 255 2.67 -16.25 10.23
CA TRP C 255 3.14 -16.76 8.92
C TRP C 255 4.63 -16.49 8.78
N THR C 256 5.42 -17.53 8.51
CA THR C 256 6.91 -17.50 8.49
C THR C 256 7.45 -17.76 7.08
N ARG C 257 6.64 -18.22 6.14
CA ARG C 257 7.08 -18.55 4.76
C ARG C 257 6.94 -17.30 3.86
N GLY C 258 7.34 -17.42 2.61
CA GLY C 258 7.04 -16.40 1.58
C GLY C 258 5.54 -16.20 1.43
N TRP C 259 5.11 -15.01 1.01
CA TRP C 259 3.66 -14.70 0.84
C TRP C 259 3.08 -15.41 -0.38
N PRO C 260 3.79 -15.58 -1.52
CA PRO C 260 3.23 -16.35 -2.64
C PRO C 260 2.73 -17.74 -2.21
N GLU C 261 3.51 -18.41 -1.36
CA GLU C 261 3.24 -19.80 -0.94
C GLU C 261 1.94 -19.88 -0.12
N TRP C 262 1.56 -18.78 0.53
CA TRP C 262 0.29 -18.71 1.29
C TRP C 262 -0.89 -19.10 0.40
N TRP C 263 -0.83 -18.79 -0.90
CA TRP C 263 -1.94 -19.01 -1.87
C TRP C 263 -2.03 -20.49 -2.25
N GLY C 264 -1.11 -21.34 -1.75
CA GLY C 264 -1.24 -22.81 -1.69
C GLY C 264 -2.62 -23.28 -1.21
N TRP C 265 -3.26 -22.61 -0.24
CA TRP C 265 -4.62 -22.99 0.23
C TRP C 265 -5.56 -23.11 -0.96
N TRP C 266 -5.41 -22.25 -1.98
CA TRP C 266 -6.21 -22.24 -3.23
C TRP C 266 -5.60 -23.20 -4.26
N LEU C 267 -4.31 -23.08 -4.51
CA LEU C 267 -3.68 -23.75 -5.66
C LEU C 267 -3.69 -25.28 -5.45
N ASP C 268 -3.51 -25.72 -4.18
CA ASP C 268 -3.20 -27.14 -3.81
C ASP C 268 -4.45 -27.88 -3.31
N ILE C 269 -5.64 -27.31 -3.51
CA ILE C 269 -6.91 -28.05 -3.24
C ILE C 269 -6.84 -29.34 -4.05
N PRO C 270 -7.05 -30.51 -3.42
CA PRO C 270 -6.93 -31.79 -4.10
C PRO C 270 -7.71 -31.97 -5.41
N PHE C 271 -8.97 -31.52 -5.50
CA PHE C 271 -9.85 -31.91 -6.64
C PHE C 271 -9.30 -31.35 -7.96
N TRP C 272 -8.51 -30.27 -7.98
CA TRP C 272 -7.95 -29.72 -9.25
C TRP C 272 -6.41 -29.77 -9.27
N SER C 273 -5.80 -30.44 -8.28
CA SER C 273 -4.32 -30.60 -8.17
C SER C 273 -3.84 -31.75 -9.06
N ALA D 1 -24.41 11.78 19.15
CA ALA D 1 -23.98 11.32 17.80
C ALA D 1 -24.95 11.85 16.75
N ASP D 2 -24.42 12.31 15.61
CA ASP D 2 -25.20 12.56 14.38
C ASP D 2 -25.28 11.23 13.61
N TYR D 3 -26.36 10.48 13.82
CA TYR D 3 -26.63 9.19 13.15
C TYR D 3 -26.68 9.38 11.63
N GLN D 4 -26.94 10.61 11.15
CA GLN D 4 -27.07 10.91 9.69
C GLN D 4 -25.70 10.75 9.01
N THR D 5 -24.61 11.01 9.75
CA THR D 5 -23.22 10.83 9.23
C THR D 5 -22.92 9.34 9.04
N ILE D 6 -23.63 8.44 9.73
CA ILE D 6 -23.45 6.98 9.61
C ILE D 6 -24.33 6.47 8.47
N TYR D 7 -25.64 6.77 8.49
CA TYR D 7 -26.62 6.29 7.48
C TYR D 7 -27.85 7.20 7.45
N THR D 8 -28.60 7.13 6.36
CA THR D 8 -29.89 7.82 6.17
C THR D 8 -30.98 7.07 6.97
N GLN D 9 -31.41 7.64 8.11
CA GLN D 9 -32.50 7.09 8.94
C GLN D 9 -33.81 6.99 8.13
N ILE D 10 -34.24 8.05 7.46
CA ILE D 10 -35.51 8.08 6.66
C ILE D 10 -35.19 8.52 5.22
N GLN D 11 -35.39 7.62 4.24
CA GLN D 11 -35.09 7.87 2.80
C GLN D 11 -36.26 8.58 2.14
N ALA D 12 -35.98 9.56 1.28
CA ALA D 12 -37.00 10.24 0.45
C ALA D 12 -37.10 9.51 -0.88
N ARG D 13 -38.29 9.49 -1.50
CA ARG D 13 -38.50 9.08 -2.91
C ARG D 13 -39.27 10.21 -3.59
N GLY D 14 -38.98 10.47 -4.88
CA GLY D 14 -39.57 11.57 -5.66
C GLY D 14 -39.34 11.34 -7.14
N PRO D 15 -39.84 12.24 -8.03
CA PRO D 15 -39.66 12.06 -9.47
C PRO D 15 -38.19 12.20 -9.93
N HIS D 16 -37.76 11.39 -10.90
CA HIS D 16 -36.36 11.36 -11.39
C HIS D 16 -36.07 12.67 -12.16
N ILE D 17 -35.06 13.43 -11.68
CA ILE D 17 -34.57 14.70 -12.28
C ILE D 17 -33.68 14.40 -13.49
N THR D 18 -33.80 15.20 -14.54
CA THR D 18 -32.93 15.15 -15.74
C THR D 18 -32.48 16.58 -16.05
N VAL D 19 -31.16 16.82 -16.01
CA VAL D 19 -30.56 18.11 -16.47
C VAL D 19 -30.19 17.94 -17.94
N SER D 20 -30.75 18.80 -18.78
CA SER D 20 -30.52 18.81 -20.23
C SER D 20 -29.10 19.31 -20.51
N GLY D 21 -28.38 18.69 -21.46
CA GLY D 21 -27.10 19.19 -22.01
C GLY D 21 -27.21 19.64 -23.47
N GLU D 22 -26.27 20.48 -23.93
CA GLU D 22 -26.19 21.04 -25.30
C GLU D 22 -26.45 19.94 -26.33
N TRP D 23 -25.99 18.71 -26.08
CA TRP D 23 -26.23 17.54 -26.95
C TRP D 23 -26.37 16.26 -26.12
N GLY D 24 -26.88 15.20 -26.74
CA GLY D 24 -26.79 13.81 -26.23
C GLY D 24 -28.00 13.33 -25.43
N ASP D 25 -28.95 14.21 -25.08
CA ASP D 25 -30.12 13.84 -24.24
C ASP D 25 -30.76 12.54 -24.75
N ASN D 26 -30.71 12.29 -26.06
CA ASN D 26 -31.40 11.13 -26.69
C ASN D 26 -30.56 9.85 -26.58
N ASP D 27 -29.28 9.95 -26.24
CA ASP D 27 -28.38 8.77 -26.08
C ASP D 27 -28.37 8.27 -24.61
N ARG D 28 -29.16 8.86 -23.71
CA ARG D 28 -29.38 8.29 -22.35
C ARG D 28 -30.36 7.11 -22.48
N VAL D 29 -30.07 6.02 -21.78
CA VAL D 29 -30.60 4.65 -22.02
C VAL D 29 -30.89 3.99 -20.67
N GLY D 30 -32.08 3.41 -20.53
CA GLY D 30 -32.48 2.64 -19.33
C GLY D 30 -33.53 3.38 -18.53
N LYS D 31 -34.28 2.65 -17.72
CA LYS D 31 -35.21 3.22 -16.72
C LYS D 31 -34.49 3.23 -15.38
N PRO D 32 -34.44 4.37 -14.66
CA PRO D 32 -33.91 4.42 -13.30
C PRO D 32 -34.66 3.43 -12.40
N PHE D 33 -33.94 2.74 -11.52
CA PHE D 33 -34.55 1.92 -10.45
C PHE D 33 -33.87 2.27 -9.13
N TYR D 34 -34.64 2.17 -8.05
CA TYR D 34 -34.24 2.58 -6.68
C TYR D 34 -33.82 1.31 -5.93
N SER D 35 -32.86 1.43 -5.00
CA SER D 35 -32.33 0.32 -4.19
C SER D 35 -32.36 0.73 -2.71
N TYR D 36 -33.17 0.05 -1.92
CA TYR D 36 -33.42 0.44 -0.52
C TYR D 36 -32.09 0.39 0.25
N TRP D 37 -31.26 -0.62 0.00
CA TRP D 37 -30.07 -0.90 0.84
C TRP D 37 -28.92 0.06 0.46
N LEU D 38 -28.79 0.38 -0.82
CA LEU D 38 -27.87 1.44 -1.32
C LEU D 38 -28.25 2.78 -0.70
N GLY D 39 -29.56 3.06 -0.60
CA GLY D 39 -30.13 4.31 -0.10
C GLY D 39 -29.74 4.59 1.34
N LYS D 40 -29.34 3.58 2.09
CA LYS D 40 -28.91 3.79 3.50
C LYS D 40 -27.60 4.57 3.51
N ILE D 41 -26.68 4.30 2.57
CA ILE D 41 -25.29 4.82 2.63
C ILE D 41 -25.00 5.73 1.41
N GLY D 42 -25.98 5.96 0.55
CA GLY D 42 -25.81 6.78 -0.65
C GLY D 42 -27.12 7.05 -1.32
N ASP D 43 -27.08 7.58 -2.55
CA ASP D 43 -28.29 7.85 -3.35
C ASP D 43 -28.84 6.50 -3.84
N ALA D 44 -30.17 6.33 -3.77
CA ALA D 44 -30.87 5.07 -4.06
C ALA D 44 -30.95 4.82 -5.57
N GLN D 45 -30.87 5.89 -6.39
CA GLN D 45 -31.15 5.78 -7.84
C GLN D 45 -29.95 5.19 -8.55
N ILE D 46 -30.15 4.10 -9.27
CA ILE D 46 -29.20 3.52 -10.25
C ILE D 46 -29.78 3.77 -11.64
N GLY D 47 -28.96 4.26 -12.57
CA GLY D 47 -29.38 4.61 -13.93
C GLY D 47 -30.05 5.99 -13.99
N PRO D 48 -30.40 6.45 -15.21
CA PRO D 48 -29.97 5.80 -16.45
C PRO D 48 -28.48 6.08 -16.72
N ILE D 49 -27.97 5.61 -17.86
CA ILE D 49 -26.58 5.88 -18.30
C ILE D 49 -26.59 6.46 -19.72
N TYR D 50 -25.70 7.41 -19.97
CA TYR D 50 -25.40 7.97 -21.31
C TYR D 50 -24.51 6.99 -22.08
N LEU D 51 -24.83 6.74 -23.35
CA LEU D 51 -23.95 5.94 -24.25
C LEU D 51 -23.09 6.88 -25.09
N GLY D 52 -23.62 7.36 -26.20
CA GLY D 52 -22.87 8.06 -27.26
C GLY D 52 -21.81 7.15 -27.88
N ALA D 53 -21.06 7.70 -28.83
CA ALA D 53 -20.10 7.00 -29.69
C ALA D 53 -18.80 6.74 -28.93
N SER D 54 -18.30 7.72 -28.19
CA SER D 54 -17.08 7.60 -27.34
C SER D 54 -17.28 6.44 -26.35
N GLY D 55 -18.50 6.31 -25.81
CA GLY D 55 -18.92 5.20 -24.93
C GLY D 55 -18.75 3.87 -25.62
N ILE D 56 -19.42 3.70 -26.76
CA ILE D 56 -19.48 2.43 -27.54
C ILE D 56 -18.08 2.13 -28.09
N ALA D 57 -17.39 3.13 -28.61
CA ALA D 57 -16.00 2.97 -29.10
C ALA D 57 -15.14 2.38 -27.97
N ALA D 58 -15.28 2.88 -26.74
CA ALA D 58 -14.47 2.46 -25.57
C ALA D 58 -14.76 1.00 -25.23
N PHE D 59 -16.03 0.58 -25.23
CA PHE D 59 -16.47 -0.80 -24.90
C PHE D 59 -16.00 -1.76 -25.99
N ALA D 60 -16.02 -1.31 -27.25
CA ALA D 60 -15.62 -2.15 -28.40
C ALA D 60 -14.12 -2.43 -28.25
N PHE D 61 -13.34 -1.37 -28.08
CA PHE D 61 -11.86 -1.41 -28.00
C PHE D 61 -11.42 -2.19 -26.75
N GLY D 62 -12.03 -1.90 -25.60
CA GLY D 62 -11.74 -2.56 -24.32
C GLY D 62 -11.97 -4.05 -24.41
N SER D 63 -13.15 -4.46 -24.89
CA SER D 63 -13.57 -5.88 -25.05
C SER D 63 -12.54 -6.61 -25.91
N THR D 64 -12.05 -5.97 -26.98
CA THR D 64 -11.06 -6.56 -27.92
C THR D 64 -9.79 -6.91 -27.12
N ALA D 65 -9.26 -5.95 -26.34
CA ALA D 65 -8.08 -6.11 -25.45
C ALA D 65 -8.28 -7.29 -24.49
N ILE D 66 -9.43 -7.33 -23.82
CA ILE D 66 -9.76 -8.38 -22.81
C ILE D 66 -9.81 -9.76 -23.47
N LEU D 67 -10.43 -9.85 -24.65
CA LEU D 67 -10.56 -11.12 -25.42
C LEU D 67 -9.17 -11.61 -25.82
N ILE D 68 -8.30 -10.73 -26.34
CA ILE D 68 -6.90 -11.07 -26.70
C ILE D 68 -6.17 -11.59 -25.46
N ILE D 69 -6.35 -10.95 -24.30
CA ILE D 69 -5.64 -11.33 -23.05
C ILE D 69 -6.17 -12.69 -22.60
N LEU D 70 -7.50 -12.83 -22.53
CA LEU D 70 -8.17 -14.07 -22.05
C LEU D 70 -7.81 -15.25 -22.95
N PHE D 71 -7.75 -15.06 -24.28
CA PHE D 71 -7.45 -16.17 -25.22
C PHE D 71 -6.01 -16.64 -25.02
N ASN D 72 -5.04 -15.72 -24.90
CA ASN D 72 -3.61 -16.09 -24.67
C ASN D 72 -3.47 -16.78 -23.30
N MET D 73 -4.27 -16.40 -22.31
CA MET D 73 -4.26 -17.01 -20.94
C MET D 73 -4.80 -18.44 -21.00
N ALA D 74 -5.90 -18.66 -21.74
CA ALA D 74 -6.52 -19.97 -21.98
C ALA D 74 -5.52 -20.88 -22.72
N ALA D 75 -4.72 -20.34 -23.64
CA ALA D 75 -3.67 -21.09 -24.38
C ALA D 75 -2.57 -21.58 -23.43
N GLU D 76 -2.28 -20.83 -22.35
CA GLU D 76 -1.14 -21.08 -21.43
C GLU D 76 -1.46 -22.31 -20.56
N VAL D 77 -2.75 -22.66 -20.44
CA VAL D 77 -3.23 -23.91 -19.74
C VAL D 77 -3.79 -24.91 -20.76
N HIS D 78 -3.53 -24.72 -22.07
CA HIS D 78 -3.94 -25.65 -23.15
C HIS D 78 -5.47 -25.81 -23.17
N PHE D 79 -6.22 -24.78 -22.80
CA PHE D 79 -7.70 -24.69 -22.90
C PHE D 79 -8.39 -25.69 -21.97
N ASP D 80 -7.71 -26.19 -20.93
CA ASP D 80 -8.39 -26.92 -19.83
C ASP D 80 -9.15 -25.89 -19.00
N PRO D 81 -10.51 -25.89 -18.98
CA PRO D 81 -11.25 -24.86 -18.25
C PRO D 81 -11.10 -24.92 -16.71
N LEU D 82 -10.93 -26.09 -16.13
CA LEU D 82 -10.75 -26.22 -14.66
C LEU D 82 -9.37 -25.65 -14.28
N GLN D 83 -8.33 -25.98 -15.03
CA GLN D 83 -6.97 -25.47 -14.75
C GLN D 83 -6.98 -23.94 -14.93
N PHE D 84 -7.70 -23.41 -15.92
CA PHE D 84 -7.87 -21.96 -16.18
C PHE D 84 -8.40 -21.25 -14.93
N PHE D 85 -9.41 -21.83 -14.27
CA PHE D 85 -10.07 -21.23 -13.09
C PHE D 85 -9.07 -21.29 -11.93
N ARG D 86 -8.34 -22.39 -11.82
CA ARG D 86 -7.36 -22.66 -10.72
C ARG D 86 -6.18 -21.68 -10.80
N GLN D 87 -5.59 -21.55 -11.98
CA GLN D 87 -4.26 -20.94 -12.23
C GLN D 87 -4.42 -19.46 -12.61
N PHE D 88 -5.66 -18.95 -12.64
CA PHE D 88 -6.03 -17.68 -13.27
C PHE D 88 -5.04 -16.56 -12.86
N PHE D 89 -4.74 -16.44 -11.56
CA PHE D 89 -3.92 -15.32 -11.03
C PHE D 89 -2.49 -15.41 -11.59
N TRP D 90 -2.03 -16.62 -11.91
CA TRP D 90 -0.66 -16.96 -12.35
C TRP D 90 -0.52 -16.79 -13.87
N LEU D 91 -1.65 -16.68 -14.58
CA LEU D 91 -1.66 -16.65 -16.06
C LEU D 91 -1.42 -15.21 -16.51
N GLY D 92 -0.72 -15.04 -17.64
CA GLY D 92 -0.48 -13.71 -18.20
C GLY D 92 -0.23 -13.73 -19.69
N LEU D 93 -0.22 -12.52 -20.25
CA LEU D 93 0.18 -12.19 -21.64
C LEU D 93 1.42 -11.30 -21.54
N TYR D 94 2.54 -11.77 -22.07
CA TYR D 94 3.87 -11.19 -21.75
C TYR D 94 4.38 -10.38 -22.93
N PRO D 95 5.16 -9.31 -22.68
CA PRO D 95 5.90 -8.66 -23.76
C PRO D 95 7.02 -9.61 -24.21
N PRO D 96 7.74 -9.30 -25.31
CA PRO D 96 8.82 -10.15 -25.79
C PRO D 96 9.87 -10.46 -24.72
N LYS D 97 10.30 -11.73 -24.64
CA LYS D 97 11.37 -12.22 -23.74
C LYS D 97 12.74 -11.99 -24.37
N ALA D 98 12.81 -11.98 -25.69
CA ALA D 98 14.07 -11.70 -26.40
C ALA D 98 14.09 -10.22 -26.79
N GLN D 99 15.27 -9.79 -27.21
CA GLN D 99 15.59 -8.40 -27.58
C GLN D 99 15.42 -8.26 -29.09
N TYR D 100 14.30 -7.72 -29.52
CA TYR D 100 14.01 -7.36 -30.93
C TYR D 100 14.16 -5.84 -31.09
N GLY D 101 14.59 -5.16 -30.03
CA GLY D 101 14.65 -3.69 -29.97
C GLY D 101 13.25 -3.10 -30.09
N MET D 102 13.08 -2.08 -30.94
CA MET D 102 11.74 -1.53 -31.30
C MET D 102 11.07 -2.38 -32.39
N GLY D 103 11.75 -3.45 -32.84
CA GLY D 103 11.20 -4.41 -33.81
C GLY D 103 9.85 -4.91 -33.37
N ILE D 104 8.86 -4.87 -34.27
CA ILE D 104 7.55 -5.55 -34.03
C ILE D 104 7.84 -7.01 -33.73
N PRO D 105 7.46 -7.51 -32.54
CA PRO D 105 7.79 -8.87 -32.14
C PRO D 105 6.89 -9.85 -32.89
N PRO D 106 7.31 -11.13 -33.04
CA PRO D 106 6.42 -12.18 -33.53
C PRO D 106 5.27 -12.42 -32.55
N LEU D 107 4.13 -12.90 -33.05
CA LEU D 107 2.88 -13.10 -32.24
C LEU D 107 3.15 -13.99 -31.01
N HIS D 108 3.97 -15.03 -31.13
CA HIS D 108 4.21 -16.02 -30.03
C HIS D 108 5.09 -15.41 -28.93
N ASP D 109 5.87 -14.36 -29.23
CA ASP D 109 6.80 -13.71 -28.26
C ASP D 109 6.62 -12.18 -28.31
N GLY D 110 5.39 -11.70 -28.07
CA GLY D 110 5.11 -10.29 -27.75
C GLY D 110 4.14 -9.59 -28.70
N GLY D 111 3.77 -10.22 -29.82
CA GLY D 111 2.91 -9.59 -30.83
C GLY D 111 1.50 -9.38 -30.31
N TRP D 112 0.94 -10.37 -29.61
CA TRP D 112 -0.42 -10.27 -29.01
C TRP D 112 -0.41 -9.20 -27.92
N TRP D 113 0.67 -9.15 -27.15
CA TRP D 113 0.86 -8.17 -26.06
C TRP D 113 0.69 -6.76 -26.64
N LEU D 114 1.31 -6.51 -27.78
CA LEU D 114 1.35 -5.19 -28.45
C LEU D 114 -0.05 -4.88 -29.02
N MET D 115 -0.77 -5.90 -29.48
CA MET D 115 -2.17 -5.76 -29.96
C MET D 115 -3.07 -5.33 -28.79
N ALA D 116 -3.04 -6.09 -27.69
CA ALA D 116 -3.80 -5.84 -26.45
C ALA D 116 -3.51 -4.42 -25.94
N GLY D 117 -2.24 -4.00 -25.97
CA GLY D 117 -1.82 -2.64 -25.54
C GLY D 117 -2.46 -1.55 -26.39
N LEU D 118 -2.45 -1.74 -27.71
CA LEU D 118 -3.02 -0.77 -28.68
C LEU D 118 -4.51 -0.59 -28.39
N PHE D 119 -5.26 -1.68 -28.25
CA PHE D 119 -6.73 -1.60 -28.04
C PHE D 119 -7.04 -0.96 -26.66
N MET D 120 -6.27 -1.29 -25.62
CA MET D 120 -6.45 -0.67 -24.27
C MET D 120 -6.23 0.85 -24.40
N THR D 121 -5.17 1.27 -25.11
CA THR D 121 -4.86 2.70 -25.34
C THR D 121 -6.07 3.38 -26.00
N LEU D 122 -6.63 2.82 -27.09
CA LEU D 122 -7.76 3.44 -27.83
C LEU D 122 -9.01 3.48 -26.94
N SER D 123 -9.20 2.46 -26.11
CA SER D 123 -10.24 2.42 -25.05
C SER D 123 -10.08 3.65 -24.12
N LEU D 124 -8.88 3.85 -23.57
CA LEU D 124 -8.63 4.94 -22.60
C LEU D 124 -8.90 6.29 -23.27
N GLY D 125 -8.40 6.48 -24.50
CA GLY D 125 -8.55 7.75 -25.24
C GLY D 125 -10.01 8.09 -25.49
N SER D 126 -10.81 7.07 -25.80
CA SER D 126 -12.27 7.16 -26.05
C SER D 126 -12.96 7.55 -24.75
N TRP D 127 -12.57 6.91 -23.65
CA TRP D 127 -13.15 7.24 -22.34
C TRP D 127 -12.80 8.67 -21.97
N TRP D 128 -11.59 9.12 -22.29
CA TRP D 128 -11.17 10.50 -21.97
C TRP D 128 -12.10 11.51 -22.66
N ILE D 129 -12.44 11.27 -23.94
CA ILE D 129 -13.39 12.11 -24.73
C ILE D 129 -14.74 12.13 -24.03
N ARG D 130 -15.22 10.97 -23.55
CA ARG D 130 -16.51 10.86 -22.80
C ARG D 130 -16.47 11.75 -21.56
N VAL D 131 -15.37 11.69 -20.78
CA VAL D 131 -15.23 12.42 -19.48
C VAL D 131 -15.16 13.93 -19.74
N TYR D 132 -14.41 14.34 -20.76
CA TYR D 132 -14.26 15.75 -21.22
C TYR D 132 -15.59 16.27 -21.78
N SER D 133 -16.19 15.56 -22.74
CA SER D 133 -17.32 16.06 -23.53
C SER D 133 -18.56 16.15 -22.64
N ARG D 134 -18.79 15.19 -21.76
CA ARG D 134 -19.96 15.23 -20.83
C ARG D 134 -19.87 16.50 -19.96
N ALA D 135 -18.66 16.94 -19.60
CA ALA D 135 -18.44 18.15 -18.76
C ALA D 135 -18.89 19.40 -19.52
N ARG D 136 -18.51 19.49 -20.80
CA ARG D 136 -18.82 20.62 -21.71
C ARG D 136 -20.32 20.63 -21.99
N ALA D 137 -20.92 19.47 -22.27
CA ALA D 137 -22.38 19.32 -22.52
C ALA D 137 -23.19 19.93 -21.36
N LEU D 138 -22.73 19.82 -20.11
CA LEU D 138 -23.49 20.28 -18.92
C LEU D 138 -22.98 21.63 -18.40
N GLY D 139 -22.12 22.32 -19.17
CA GLY D 139 -21.60 23.65 -18.78
C GLY D 139 -20.71 23.59 -17.55
N LEU D 140 -19.91 22.54 -17.42
CA LEU D 140 -18.98 22.35 -16.26
C LEU D 140 -17.56 22.54 -16.76
N GLY D 141 -16.64 22.94 -15.87
CA GLY D 141 -15.19 22.95 -16.11
C GLY D 141 -14.68 21.55 -16.41
N THR D 142 -13.45 21.45 -16.92
CA THR D 142 -12.86 20.19 -17.41
C THR D 142 -11.80 19.66 -16.42
N HIS D 143 -11.91 20.00 -15.12
CA HIS D 143 -10.90 19.65 -14.08
C HIS D 143 -10.72 18.14 -14.01
N ILE D 144 -11.81 17.38 -14.10
CA ILE D 144 -11.76 15.90 -14.00
C ILE D 144 -10.94 15.36 -15.17
N ALA D 145 -11.22 15.83 -16.39
CA ALA D 145 -10.55 15.33 -17.60
C ALA D 145 -9.03 15.52 -17.50
N TRP D 146 -8.57 16.65 -16.95
CA TRP D 146 -7.12 16.94 -16.88
C TRP D 146 -6.48 16.05 -15.82
N ASN D 147 -7.18 15.76 -14.72
CA ASN D 147 -6.73 14.77 -13.71
C ASN D 147 -6.60 13.40 -14.42
N PHE D 148 -7.64 13.00 -15.14
CA PHE D 148 -7.71 11.69 -15.83
C PHE D 148 -6.55 11.58 -16.84
N ALA D 149 -6.22 12.69 -17.49
CA ALA D 149 -5.18 12.76 -18.53
C ALA D 149 -3.80 12.42 -17.94
N ALA D 150 -3.52 12.88 -16.72
CA ALA D 150 -2.28 12.59 -15.97
C ALA D 150 -2.18 11.07 -15.70
N ALA D 151 -3.28 10.46 -15.25
CA ALA D 151 -3.35 9.00 -15.02
C ALA D 151 -3.07 8.26 -16.33
N ILE D 152 -3.68 8.70 -17.43
CA ILE D 152 -3.48 8.05 -18.77
C ILE D 152 -2.02 8.23 -19.19
N PHE D 153 -1.44 9.42 -19.02
CA PHE D 153 -0.04 9.70 -19.42
C PHE D 153 0.89 8.71 -18.70
N PHE D 154 0.58 8.43 -17.43
CA PHE D 154 1.41 7.52 -16.60
C PHE D 154 1.35 6.09 -17.16
N VAL D 155 0.17 5.57 -17.51
CA VAL D 155 0.02 4.23 -18.15
C VAL D 155 0.81 4.22 -19.46
N LEU D 156 0.79 5.33 -20.22
CA LEU D 156 1.54 5.45 -21.50
C LEU D 156 3.04 5.36 -21.20
N CYS D 157 3.51 5.97 -20.11
CA CYS D 157 4.94 6.01 -19.75
C CYS D 157 5.45 4.57 -19.48
N ILE D 158 4.71 3.76 -18.70
CA ILE D 158 5.19 2.40 -18.32
C ILE D 158 4.89 1.42 -19.45
N GLY D 159 3.94 1.78 -20.33
CA GLY D 159 3.41 0.93 -21.40
C GLY D 159 4.16 1.04 -22.70
N CYS D 160 4.45 2.25 -23.20
CA CYS D 160 5.23 2.42 -24.46
C CYS D 160 6.28 3.54 -24.42
N ILE D 161 6.09 4.63 -23.68
CA ILE D 161 7.07 5.74 -23.80
C ILE D 161 8.42 5.29 -23.24
N HIS D 162 8.50 4.73 -22.03
CA HIS D 162 9.79 4.26 -21.46
C HIS D 162 10.42 3.22 -22.38
N PRO D 163 9.70 2.13 -22.77
CA PRO D 163 10.21 1.16 -23.74
C PRO D 163 10.82 1.76 -25.02
N THR D 164 10.17 2.77 -25.57
CA THR D 164 10.63 3.51 -26.77
C THR D 164 11.93 4.24 -26.45
N LEU D 165 11.98 4.99 -25.35
CA LEU D 165 13.16 5.82 -25.02
C LEU D 165 14.40 4.93 -24.85
N VAL D 166 14.27 3.73 -24.31
CA VAL D 166 15.45 2.84 -24.09
C VAL D 166 15.54 1.88 -25.25
N GLY D 167 14.47 1.75 -26.05
CA GLY D 167 14.49 1.06 -27.36
C GLY D 167 14.27 -0.44 -27.24
N SER D 168 13.41 -0.90 -26.32
CA SER D 168 13.04 -2.34 -26.20
C SER D 168 11.60 -2.50 -25.69
N TRP D 169 10.80 -3.28 -26.42
CA TRP D 169 9.40 -3.63 -26.02
C TRP D 169 9.45 -4.59 -24.82
N SER D 170 10.60 -5.22 -24.56
CA SER D 170 10.80 -6.19 -23.45
C SER D 170 10.53 -5.54 -22.08
N GLU D 171 10.61 -4.20 -21.97
CA GLU D 171 10.48 -3.45 -20.69
C GLU D 171 9.02 -3.19 -20.31
N GLY D 172 8.06 -3.61 -21.13
CA GLY D 172 6.63 -3.33 -20.93
C GLY D 172 6.04 -4.18 -19.81
N VAL D 173 4.88 -3.75 -19.32
CA VAL D 173 4.12 -4.38 -18.20
C VAL D 173 3.29 -5.52 -18.78
N PRO D 174 3.47 -6.77 -18.33
CA PRO D 174 2.60 -7.85 -18.77
C PRO D 174 1.16 -7.66 -18.28
N PHE D 175 0.19 -8.25 -19.00
CA PHE D 175 -1.23 -8.32 -18.58
C PHE D 175 -1.37 -9.58 -17.73
N GLY D 176 -1.89 -9.44 -16.52
CA GLY D 176 -2.19 -10.57 -15.62
C GLY D 176 -2.17 -10.10 -14.18
N ILE D 177 -2.78 -10.84 -13.27
CA ILE D 177 -2.87 -10.46 -11.83
C ILE D 177 -1.44 -10.48 -11.25
N TRP D 178 -0.84 -11.65 -11.08
CA TRP D 178 0.53 -11.77 -10.53
C TRP D 178 1.57 -11.27 -11.53
N PRO D 179 1.46 -11.59 -12.84
CA PRO D 179 2.49 -11.12 -13.79
C PRO D 179 2.75 -9.59 -13.77
N HIS D 180 1.71 -8.77 -13.65
CA HIS D 180 1.86 -7.29 -13.61
C HIS D 180 2.53 -6.87 -12.30
N ILE D 181 2.34 -7.63 -11.23
CA ILE D 181 2.94 -7.42 -9.89
C ILE D 181 4.44 -7.78 -9.96
N ASP D 182 4.76 -8.93 -10.58
CA ASP D 182 6.15 -9.43 -10.76
C ASP D 182 6.99 -8.37 -11.46
N TRP D 183 6.43 -7.65 -12.41
CA TRP D 183 7.12 -6.58 -13.19
C TRP D 183 7.64 -5.50 -12.23
N LEU D 184 6.89 -5.17 -11.18
CA LEU D 184 7.29 -4.09 -10.23
C LEU D 184 8.65 -4.45 -9.62
N THR D 185 8.87 -5.71 -9.24
CA THR D 185 10.14 -6.15 -8.61
C THR D 185 11.23 -6.24 -9.69
N ALA D 186 10.94 -6.78 -10.87
CA ALA D 186 11.93 -6.91 -11.97
C ALA D 186 12.48 -5.52 -12.30
N PHE D 187 11.58 -4.54 -12.44
CA PHE D 187 11.90 -3.15 -12.84
C PHE D 187 12.72 -2.44 -11.74
N SER D 188 12.30 -2.54 -10.49
CA SER D 188 13.02 -1.98 -9.32
C SER D 188 14.42 -2.59 -9.27
N ILE D 189 14.53 -3.91 -9.40
CA ILE D 189 15.84 -4.61 -9.37
C ILE D 189 16.70 -4.07 -10.51
N ARG D 190 16.20 -4.08 -11.74
CA ARG D 190 16.98 -3.66 -12.94
C ARG D 190 17.52 -2.24 -12.74
N TYR D 191 16.77 -1.36 -12.09
CA TYR D 191 17.13 0.08 -12.01
C TYR D 191 17.61 0.47 -10.60
N GLY D 192 18.09 -0.49 -9.81
CA GLY D 192 18.88 -0.20 -8.59
C GLY D 192 18.07 0.39 -7.44
N ASN D 193 16.86 -0.13 -7.21
CA ASN D 193 16.05 0.11 -5.99
C ASN D 193 15.22 1.40 -6.15
N PHE D 194 13.91 1.27 -6.42
CA PHE D 194 12.99 2.42 -6.60
C PHE D 194 12.84 3.28 -5.33
N TYR D 195 13.16 2.76 -4.13
CA TYR D 195 13.16 3.58 -2.89
C TYR D 195 14.11 4.77 -3.07
N TYR D 196 15.15 4.64 -3.90
CA TYR D 196 16.23 5.65 -4.10
C TYR D 196 15.96 6.51 -5.35
N CYS D 197 14.78 6.38 -5.96
CA CYS D 197 14.31 7.30 -7.01
C CYS D 197 13.52 8.42 -6.34
N PRO D 198 14.01 9.67 -6.35
CA PRO D 198 13.32 10.75 -5.66
C PRO D 198 11.86 10.95 -6.10
N TRP D 199 11.56 10.65 -7.37
CA TRP D 199 10.18 10.77 -7.94
C TRP D 199 9.26 9.68 -7.38
N HIS D 200 9.78 8.51 -7.02
CA HIS D 200 9.07 7.47 -6.22
C HIS D 200 8.66 8.09 -4.87
N GLY D 201 9.62 8.74 -4.19
CA GLY D 201 9.36 9.50 -2.95
C GLY D 201 8.25 10.52 -3.12
N PHE D 202 8.37 11.43 -4.09
CA PHE D 202 7.38 12.49 -4.35
C PHE D 202 6.00 11.84 -4.50
N SER D 203 5.91 10.87 -5.41
CA SER D 203 4.68 10.14 -5.76
C SER D 203 4.01 9.61 -4.47
N ILE D 204 4.82 9.05 -3.56
CA ILE D 204 4.35 8.38 -2.31
C ILE D 204 3.92 9.48 -1.32
N GLY D 205 4.69 10.55 -1.22
CA GLY D 205 4.30 11.72 -0.41
C GLY D 205 2.89 12.19 -0.75
N PHE D 206 2.60 12.34 -2.04
CA PHE D 206 1.29 12.82 -2.55
C PHE D 206 0.22 11.76 -2.36
N ALA D 207 0.56 10.47 -2.47
CA ALA D 207 -0.43 9.35 -2.36
C ALA D 207 -0.85 9.23 -0.89
N TYR D 208 0.12 9.21 0.02
CA TYR D 208 -0.09 9.27 1.49
C TYR D 208 -0.86 10.55 1.81
N GLY D 209 -0.45 11.63 1.17
CA GLY D 209 -1.09 12.96 1.28
C GLY D 209 -2.55 12.88 0.92
N CYS D 210 -2.91 12.13 -0.12
CA CYS D 210 -4.33 11.98 -0.56
C CYS D 210 -5.15 11.26 0.51
N GLY D 211 -4.53 10.28 1.19
CA GLY D 211 -5.15 9.59 2.33
C GLY D 211 -5.37 10.53 3.50
N LEU D 212 -4.36 11.31 3.86
CA LEU D 212 -4.44 12.32 4.96
C LEU D 212 -5.57 13.30 4.62
N LEU D 213 -5.55 13.87 3.41
CA LEU D 213 -6.49 14.94 2.98
C LEU D 213 -7.94 14.44 2.87
N PHE D 214 -8.20 13.23 2.37
CA PHE D 214 -9.60 12.74 2.22
C PHE D 214 -10.14 12.29 3.58
N ALA D 215 -9.33 11.66 4.43
CA ALA D 215 -9.72 11.39 5.85
C ALA D 215 -10.10 12.72 6.53
N ALA D 216 -9.20 13.69 6.52
CA ALA D 216 -9.40 15.01 7.15
C ALA D 216 -10.65 15.68 6.56
N HIS D 217 -10.79 15.66 5.23
CA HIS D 217 -11.82 16.47 4.54
C HIS D 217 -13.17 15.77 4.68
N GLY D 218 -13.21 14.45 4.49
CA GLY D 218 -14.41 13.61 4.71
C GLY D 218 -14.93 13.78 6.12
N ALA D 219 -14.06 13.66 7.11
CA ALA D 219 -14.39 13.83 8.54
C ALA D 219 -14.83 15.28 8.83
N THR D 220 -14.18 16.29 8.23
CA THR D 220 -14.52 17.73 8.49
C THR D 220 -15.98 17.97 8.07
N ILE D 221 -16.37 17.48 6.90
CA ILE D 221 -17.73 17.70 6.33
C ILE D 221 -18.78 16.91 7.12
N LEU D 222 -18.49 15.68 7.54
CA LEU D 222 -19.42 14.92 8.42
C LEU D 222 -19.55 15.65 9.75
N ALA D 223 -18.49 16.30 10.23
CA ALA D 223 -18.50 17.02 11.52
C ALA D 223 -19.41 18.26 11.45
N VAL D 224 -19.70 18.76 10.25
CA VAL D 224 -20.53 19.97 10.07
C VAL D 224 -21.73 19.69 9.16
N ALA D 225 -22.14 18.42 9.01
CA ALA D 225 -23.38 18.00 8.31
C ALA D 225 -24.64 18.63 8.95
N ARG D 226 -24.63 18.79 10.28
CA ARG D 226 -25.74 19.41 11.07
C ARG D 226 -26.06 20.80 10.51
N PHE D 227 -25.06 21.47 9.91
CA PHE D 227 -25.12 22.87 9.44
C PHE D 227 -25.16 22.93 7.90
N GLY D 228 -25.46 21.81 7.25
CA GLY D 228 -25.53 21.71 5.77
C GLY D 228 -24.17 21.81 5.07
N GLY D 229 -23.08 21.36 5.71
CA GLY D 229 -21.70 21.43 5.18
C GLY D 229 -21.52 20.65 3.89
N ASP D 230 -22.34 19.62 3.66
CA ASP D 230 -22.34 18.80 2.42
C ASP D 230 -22.76 19.64 1.21
N ARG D 231 -23.45 20.77 1.41
CA ARG D 231 -23.94 21.64 0.32
C ARG D 231 -22.82 22.60 -0.03
N GLU D 232 -21.74 22.05 -0.59
CA GLU D 232 -20.43 22.73 -0.71
C GLU D 232 -20.49 23.85 -1.76
N ILE D 233 -21.33 23.74 -2.78
CA ILE D 233 -21.43 24.76 -3.86
C ILE D 233 -21.89 26.09 -3.26
N GLU D 234 -23.03 26.07 -2.56
CA GLU D 234 -23.64 27.31 -2.03
C GLU D 234 -22.87 27.81 -0.81
N GLN D 235 -22.03 26.98 -0.19
CA GLN D 235 -21.12 27.41 0.91
C GLN D 235 -19.93 28.16 0.31
N ILE D 236 -19.62 27.90 -0.97
CA ILE D 236 -18.57 28.62 -1.76
C ILE D 236 -19.07 30.03 -2.06
N THR D 237 -20.26 30.14 -2.64
CA THR D 237 -20.86 31.41 -3.10
C THR D 237 -21.48 32.20 -1.93
N ASP D 238 -21.76 31.54 -0.80
CA ASP D 238 -22.38 32.19 0.39
C ASP D 238 -21.95 31.45 1.66
N ARG D 239 -20.75 31.78 2.17
CA ARG D 239 -20.15 31.23 3.42
C ARG D 239 -21.22 31.09 4.50
N GLY D 240 -21.52 29.85 4.92
CA GLY D 240 -22.38 29.50 6.06
C GLY D 240 -21.53 29.18 7.28
N THR D 241 -22.16 28.92 8.42
CA THR D 241 -21.48 28.61 9.70
C THR D 241 -20.73 27.28 9.55
N ALA D 242 -21.26 26.37 8.71
CA ALA D 242 -20.66 25.05 8.46
C ALA D 242 -19.17 25.21 8.13
N VAL D 243 -18.83 26.07 7.16
CA VAL D 243 -17.44 26.20 6.63
C VAL D 243 -16.67 27.25 7.46
N GLU D 244 -17.36 28.09 8.23
CA GLU D 244 -16.71 28.96 9.24
C GLU D 244 -16.16 28.10 10.38
N ARG D 245 -17.00 27.21 10.93
CA ARG D 245 -16.63 26.24 11.99
C ARG D 245 -15.52 25.34 11.46
N ALA D 246 -15.65 24.85 10.22
CA ALA D 246 -14.65 23.97 9.58
C ALA D 246 -13.29 24.69 9.51
N ALA D 247 -13.27 25.92 8.98
CA ALA D 247 -12.04 26.71 8.81
C ALA D 247 -11.36 26.93 10.17
N LEU D 248 -12.17 27.22 11.20
CA LEU D 248 -11.64 27.62 12.53
C LEU D 248 -11.13 26.39 13.27
N PHE D 249 -11.80 25.25 13.10
CA PHE D 249 -11.31 23.94 13.58
C PHE D 249 -9.85 23.76 13.15
N TRP D 250 -9.58 23.97 11.87
CA TRP D 250 -8.22 23.74 11.31
C TRP D 250 -7.28 24.87 11.70
N ARG D 251 -7.76 26.12 11.68
CA ARG D 251 -6.91 27.27 12.07
C ARG D 251 -6.45 27.07 13.53
N TRP D 252 -7.34 26.65 14.42
CA TRP D 252 -7.03 26.52 15.88
C TRP D 252 -6.15 25.29 16.16
N THR D 253 -6.19 24.28 15.29
CA THR D 253 -5.40 23.04 15.44
C THR D 253 -3.98 23.25 14.90
N ILE D 254 -3.83 23.71 13.64
CA ILE D 254 -2.51 23.73 12.91
C ILE D 254 -2.06 25.16 12.64
N GLY D 255 -2.93 26.16 12.82
CA GLY D 255 -2.53 27.58 12.76
C GLY D 255 -2.79 28.23 11.41
N PHE D 256 -3.39 27.50 10.47
CA PHE D 256 -3.76 28.06 9.15
C PHE D 256 -4.92 27.21 8.64
N ASN D 257 -5.53 27.61 7.53
CA ASN D 257 -6.79 26.99 7.05
C ASN D 257 -6.98 27.32 5.57
N ALA D 258 -7.77 26.49 4.90
CA ALA D 258 -8.23 26.67 3.51
C ALA D 258 -9.63 27.29 3.56
N THR D 259 -10.26 27.40 2.40
CA THR D 259 -11.70 27.70 2.23
C THR D 259 -12.35 26.42 1.75
N ILE D 260 -13.67 26.39 1.70
CA ILE D 260 -14.37 25.15 1.26
C ILE D 260 -14.06 24.93 -0.23
N GLU D 261 -13.79 26.00 -0.99
CA GLU D 261 -13.31 25.91 -2.39
C GLU D 261 -11.85 25.41 -2.43
N SER D 262 -10.92 26.08 -1.75
CA SER D 262 -9.45 25.90 -1.93
C SER D 262 -9.03 24.51 -1.46
N VAL D 263 -9.69 23.92 -0.46
CA VAL D 263 -9.35 22.54 -0.01
C VAL D 263 -9.56 21.54 -1.16
N HIS D 264 -10.56 21.76 -2.02
CA HIS D 264 -10.79 20.94 -3.23
C HIS D 264 -9.63 21.14 -4.21
N ARG D 265 -9.04 22.33 -4.30
CA ARG D 265 -7.83 22.58 -5.13
C ARG D 265 -6.64 21.79 -4.54
N TRP D 266 -6.44 21.83 -3.22
CA TRP D 266 -5.42 21.00 -2.52
C TRP D 266 -5.62 19.53 -2.91
N GLY D 267 -6.88 19.04 -2.85
CA GLY D 267 -7.21 17.63 -3.11
C GLY D 267 -6.85 17.27 -4.55
N TRP D 268 -7.28 18.11 -5.46
CA TRP D 268 -7.10 17.92 -6.91
C TRP D 268 -5.60 17.94 -7.24
N PHE D 269 -4.85 18.89 -6.69
CA PHE D 269 -3.39 19.05 -6.92
C PHE D 269 -2.62 17.82 -6.41
N PHE D 270 -2.93 17.35 -5.20
CA PHE D 270 -2.25 16.20 -4.56
C PHE D 270 -2.48 14.94 -5.40
N SER D 271 -3.69 14.75 -5.89
CA SER D 271 -4.10 13.59 -6.72
C SER D 271 -3.33 13.63 -8.05
N LEU D 272 -3.41 14.75 -8.75
CA LEU D 272 -2.68 14.99 -10.02
C LEU D 272 -1.19 14.69 -9.83
N MET D 273 -0.60 15.17 -8.73
CA MET D 273 0.88 15.18 -8.54
C MET D 273 1.39 13.76 -8.24
N VAL D 274 0.53 12.85 -7.78
CA VAL D 274 0.84 11.39 -7.69
C VAL D 274 1.27 10.92 -9.09
N MET D 275 0.50 11.29 -10.11
CA MET D 275 0.63 10.70 -11.46
C MET D 275 1.75 11.42 -12.21
N VAL D 276 1.85 12.73 -12.01
CA VAL D 276 2.88 13.58 -12.68
C VAL D 276 4.25 13.17 -12.16
N SER D 277 4.43 13.06 -10.84
CA SER D 277 5.70 12.71 -10.17
C SER D 277 6.16 11.31 -10.62
N ALA D 278 5.25 10.34 -10.67
CA ALA D 278 5.51 8.96 -11.14
C ALA D 278 6.04 8.96 -12.58
N SER D 279 5.33 9.64 -13.48
CA SER D 279 5.66 9.77 -14.92
C SER D 279 7.08 10.33 -15.10
N VAL D 280 7.41 11.41 -14.40
CA VAL D 280 8.76 12.04 -14.47
C VAL D 280 9.82 11.02 -14.02
N GLY D 281 9.52 10.21 -12.99
CA GLY D 281 10.43 9.15 -12.51
C GLY D 281 10.73 8.12 -13.59
N ILE D 282 9.69 7.67 -14.28
CA ILE D 282 9.79 6.65 -15.37
C ILE D 282 10.52 7.27 -16.56
N LEU D 283 10.23 8.51 -16.91
CA LEU D 283 10.92 9.12 -18.08
C LEU D 283 12.44 9.15 -17.83
N LEU D 284 12.87 9.40 -16.59
CA LEU D 284 14.30 9.51 -16.24
C LEU D 284 14.93 8.13 -16.12
N THR D 285 14.15 7.07 -15.92
CA THR D 285 14.67 5.73 -15.60
C THR D 285 15.15 5.06 -16.89
N GLY D 286 16.43 4.66 -16.94
CA GLY D 286 17.01 3.99 -18.12
C GLY D 286 17.49 4.98 -19.17
N THR D 287 16.82 6.11 -19.33
CA THR D 287 17.27 7.18 -20.24
C THR D 287 18.49 7.86 -19.62
N PHE D 288 18.39 8.37 -18.39
CA PHE D 288 19.41 9.25 -17.79
C PHE D 288 19.96 8.70 -16.48
N VAL D 289 19.35 7.65 -15.97
CA VAL D 289 19.76 6.97 -14.71
C VAL D 289 19.60 5.46 -14.89
N ASP D 290 20.67 4.73 -14.62
CA ASP D 290 20.71 3.25 -14.76
C ASP D 290 20.55 2.60 -13.39
N ASN D 291 21.03 3.23 -12.31
CA ASN D 291 21.01 2.64 -10.95
C ASN D 291 20.69 3.76 -9.96
N TRP D 292 19.50 3.73 -9.35
CA TRP D 292 19.04 4.86 -8.50
C TRP D 292 19.85 4.89 -7.19
N TYR D 293 20.16 3.73 -6.61
CA TYR D 293 20.98 3.66 -5.38
C TYR D 293 22.34 4.32 -5.63
N LEU D 294 23.05 3.93 -6.71
CA LEU D 294 24.40 4.45 -7.05
C LEU D 294 24.35 5.93 -7.42
N TRP D 295 23.21 6.40 -7.92
CA TRP D 295 22.98 7.83 -8.24
C TRP D 295 22.92 8.62 -6.94
N CYS D 296 22.22 8.11 -5.94
CA CYS D 296 22.17 8.71 -4.58
C CYS D 296 23.55 8.70 -3.94
N VAL D 297 24.30 7.60 -4.08
CA VAL D 297 25.70 7.49 -3.59
C VAL D 297 26.51 8.60 -4.25
N LYS D 298 26.40 8.77 -5.56
CA LYS D 298 27.15 9.78 -6.34
C LYS D 298 26.83 11.19 -5.83
N HIS D 299 25.66 11.42 -5.26
CA HIS D 299 25.20 12.77 -4.80
C HIS D 299 25.25 12.85 -3.27
N GLY D 300 25.81 11.85 -2.60
CA GLY D 300 26.05 11.89 -1.14
C GLY D 300 24.80 11.61 -0.32
N ALA D 301 23.71 11.20 -0.98
CA ALA D 301 22.34 11.09 -0.43
C ALA D 301 22.05 9.72 0.20
N ALA D 302 22.87 8.69 -0.04
CA ALA D 302 22.59 7.30 0.40
C ALA D 302 23.17 7.06 1.79
N PRO D 303 22.40 6.50 2.75
CA PRO D 303 22.94 6.18 4.06
C PRO D 303 23.80 4.92 4.05
N ASP D 304 24.72 4.82 5.01
CA ASP D 304 25.60 3.64 5.28
C ASP D 304 25.33 3.15 6.70
N TYR D 305 25.65 1.88 7.00
CA TYR D 305 25.38 1.28 8.33
C TYR D 305 26.59 0.48 8.77
N PRO D 306 26.86 0.38 10.08
CA PRO D 306 27.94 -0.47 10.56
C PRO D 306 27.72 -1.91 10.10
N ALA D 307 28.83 -2.64 9.97
CA ALA D 307 28.84 -4.12 9.85
C ALA D 307 28.09 -4.70 11.05
N TYR D 308 27.47 -5.86 10.90
CA TYR D 308 26.95 -6.67 12.03
C TYR D 308 27.53 -8.08 11.95
N LEU D 309 27.35 -8.76 10.82
CA LEU D 309 28.22 -9.89 10.42
C LEU D 309 29.35 -9.28 9.59
N PRO D 310 30.51 -9.97 9.47
CA PRO D 310 31.68 -9.37 8.81
C PRO D 310 31.32 -8.84 7.41
N ALA D 311 31.90 -7.71 7.03
CA ALA D 311 31.90 -7.26 5.63
C ALA D 311 32.40 -8.42 4.77
N THR D 312 31.81 -8.60 3.60
CA THR D 312 32.02 -9.76 2.71
C THR D 312 32.50 -9.28 1.36
N PRO D 313 33.77 -9.53 1.03
CA PRO D 313 34.31 -9.16 -0.27
C PRO D 313 33.64 -9.91 -1.42
N ASP D 314 33.53 -9.26 -2.58
CA ASP D 314 33.05 -9.87 -3.84
C ASP D 314 34.02 -11.01 -4.23
N PRO D 315 33.58 -12.29 -4.20
CA PRO D 315 34.46 -13.41 -4.57
C PRO D 315 34.97 -13.33 -6.01
N ALA D 316 34.16 -12.75 -6.90
CA ALA D 316 34.48 -12.50 -8.32
C ALA D 316 35.78 -11.72 -8.45
N SER D 317 36.09 -10.87 -7.46
CA SER D 317 37.25 -9.92 -7.45
C SER D 317 38.51 -10.57 -6.85
N LEU D 318 38.40 -11.70 -6.13
CA LEU D 318 39.56 -12.35 -5.44
C LEU D 318 40.52 -12.88 -6.49
N PRO D 319 41.84 -12.97 -6.21
CA PRO D 319 42.79 -13.55 -7.15
C PRO D 319 42.54 -15.06 -7.29
N GLY D 320 42.62 -15.57 -8.53
CA GLY D 320 42.44 -17.00 -8.89
C GLY D 320 40.99 -17.46 -8.81
N ALA D 321 40.02 -16.56 -8.93
CA ALA D 321 38.57 -16.86 -8.76
C ALA D 321 38.01 -17.24 -10.13
N PRO D 322 37.14 -18.25 -10.20
CA PRO D 322 36.56 -18.66 -11.48
C PRO D 322 35.54 -17.62 -11.95
N LYS D 323 35.25 -17.61 -13.26
CA LYS D 323 34.11 -16.92 -13.91
C LYS D 323 32.82 -17.14 -13.11
FE HEC E . 31.79 -52.87 -3.79
CHA HEC E . 34.82 -52.68 -5.38
CHB HEC E . 32.87 -55.52 -2.00
CHC HEC E . 28.87 -52.86 -2.10
CHD HEC E . 30.57 -50.41 -5.84
NA HEC E . 33.54 -53.93 -3.74
C1A HEC E . 34.65 -53.76 -4.53
C2A HEC E . 35.60 -54.81 -4.18
C3A HEC E . 35.04 -55.57 -3.25
C4A HEC E . 33.74 -55.03 -2.95
CMA HEC E . 35.69 -56.77 -2.58
CAA HEC E . 36.98 -55.08 -4.78
CBA HEC E . 36.75 -56.18 -5.86
CGA HEC E . 37.84 -56.31 -6.96
O1A HEC E . 38.10 -55.34 -7.73
O2A HEC E . 38.48 -57.39 -7.06
NB HEC E . 31.02 -53.97 -2.30
C1B HEC E . 31.64 -55.01 -1.66
C2B HEC E . 30.78 -55.53 -0.61
C3B HEC E . 29.65 -54.77 -0.63
C4B HEC E . 29.81 -53.79 -1.70
CMB HEC E . 31.11 -56.70 0.34
CAB HEC E . 28.42 -54.88 0.30
CBB HEC E . 28.92 -54.65 1.73
NC HEC E . 30.01 -51.84 -3.97
C1C HEC E . 28.91 -52.04 -3.18
C2C HEC E . 27.84 -51.19 -3.65
C3C HEC E . 28.32 -50.48 -4.68
C4C HEC E . 29.70 -50.91 -4.92
CMC HEC E . 26.44 -51.11 -3.05
CAC HEC E . 27.55 -49.50 -5.57
CBC HEC E . 26.89 -48.36 -4.79
ND HEC E . 32.58 -51.72 -5.27
C1D HEC E . 31.91 -50.71 -5.94
C2D HEC E . 32.84 -50.11 -6.86
C3D HEC E . 34.04 -50.76 -6.75
C4D HEC E . 33.87 -51.77 -5.73
CMD HEC E . 32.62 -48.97 -7.84
CAD HEC E . 35.31 -50.37 -7.49
CBD HEC E . 35.95 -49.26 -6.57
CGD HEC E . 37.18 -48.58 -7.17
O1D HEC E . 38.02 -48.01 -6.43
O2D HEC E . 37.33 -48.59 -8.40
FE HEC F . 25.06 -40.60 -6.58
CHA HEC F . 23.21 -41.64 -9.31
CHB HEC F . 26.02 -43.80 -6.03
CHC HEC F . 27.19 -39.53 -4.21
CHD HEC F . 23.76 -37.44 -6.87
NA HEC F . 24.68 -42.41 -7.52
C1A HEC F . 23.85 -42.62 -8.60
C2A HEC F . 23.84 -44.03 -8.88
C3A HEC F . 24.61 -44.63 -7.98
C4A HEC F . 25.16 -43.61 -7.10
CMA HEC F . 24.85 -46.14 -7.90
CAA HEC F . 23.02 -44.71 -9.99
CBA HEC F . 21.75 -45.10 -9.24
CGA HEC F . 20.64 -45.58 -10.20
O1A HEC F . 20.13 -46.69 -9.99
O2A HEC F . 20.23 -44.89 -11.16
NB HEC F . 26.40 -41.50 -5.33
C1B HEC F . 26.67 -42.84 -5.27
C2B HEC F . 27.70 -43.04 -4.26
C3B HEC F . 28.03 -41.86 -3.72
C4B HEC F . 27.19 -40.89 -4.40
CMB HEC F . 28.25 -44.43 -3.90
CAB HEC F . 29.05 -41.54 -2.60
CBB HEC F . 30.50 -41.89 -2.92
NC HEC F . 25.37 -38.77 -5.68
C1C HEC F . 26.31 -38.58 -4.70
C2C HEC F . 26.24 -37.18 -4.27
C3C HEC F . 25.29 -36.56 -5.03
C4C HEC F . 24.72 -37.59 -5.91
CMC HEC F . 27.17 -36.60 -3.18
CAC HEC F . 24.78 -35.12 -4.92
CBC HEC F . 25.72 -33.94 -5.08
ND HEC F . 23.73 -39.69 -7.88
C1D HEC F . 23.38 -38.35 -7.85
C2D HEC F . 22.48 -38.14 -8.95
C3D HEC F . 22.31 -39.33 -9.64
C4D HEC F . 23.10 -40.31 -8.94
CMD HEC F . 21.84 -36.80 -9.28
CAD HEC F . 21.50 -39.64 -10.94
CBD HEC F . 20.11 -40.24 -10.68
CGD HEC F . 20.12 -41.77 -10.59
O1D HEC F . 19.46 -42.31 -9.66
O2D HEC F . 20.77 -42.40 -11.47
FE HEC G . 20.34 -12.98 -4.30
CHA HEC G . 22.50 -12.15 -6.89
CHB HEC G . 18.17 -10.64 -5.31
CHC HEC G . 18.07 -14.29 -2.12
CHD HEC G . 22.77 -14.96 -2.91
NA HEC G . 20.36 -11.61 -5.81
C1A HEC G . 21.35 -11.41 -6.77
C2A HEC G . 20.91 -10.32 -7.64
C3A HEC G . 19.73 -9.91 -7.21
C4A HEC G . 19.35 -10.73 -6.05
CMA HEC G . 18.94 -8.78 -7.84
CAA HEC G . 21.67 -9.72 -8.84
CBA HEC G . 22.76 -8.79 -8.29
CGA HEC G . 23.61 -8.12 -9.41
O1A HEC G . 23.10 -7.85 -10.53
O2A HEC G . 24.82 -7.83 -9.18
NB HEC G . 18.43 -12.57 -3.81
C1B HEC G . 17.70 -11.55 -4.35
C2B HEC G . 16.36 -11.61 -3.75
C3B HEC G . 16.31 -12.65 -2.87
C4B HEC G . 17.65 -13.23 -2.90
CMB HEC G . 15.21 -10.65 -4.11
CAB HEC G . 15.12 -13.13 -2.01
CBB HEC G . 14.03 -13.47 -3.06
NC HEC G . 20.41 -14.35 -2.76
C1C HEC G . 19.35 -14.71 -1.96
C2C HEC G . 19.83 -15.66 -0.98
C3C HEC G . 21.18 -15.89 -1.16
C4C HEC G . 21.54 -15.04 -2.31
CMC HEC G . 18.97 -16.30 0.09
CAC HEC G . 22.11 -16.73 -0.29
CBC HEC G . 21.70 -18.09 0.28
ND HEC G . 22.27 -13.50 -4.84
C1D HEC G . 23.08 -14.36 -4.12
C2D HEC G . 24.35 -14.44 -4.85
C3D HEC G . 24.28 -13.66 -5.95
C4D HEC G . 22.97 -13.05 -5.95
CMD HEC G . 25.55 -15.29 -4.41
CAD HEC G . 25.34 -13.42 -6.99
CBD HEC G . 25.36 -14.57 -8.02
CGD HEC G . 26.52 -14.42 -9.01
O1D HEC G . 26.81 -15.44 -9.63
O2D HEC G . 27.12 -13.31 -9.14
FE HEC H . 25.38 -25.33 -0.02
CHA HEC H . 26.68 -24.48 3.06
CHB HEC H . 24.07 -22.19 -0.31
CHC HEC H . 24.39 -26.13 -3.12
CHD HEC H . 26.43 -28.65 0.44
NA HEC H . 25.35 -23.63 1.18
C1A HEC H . 25.97 -23.48 2.41
C2A HEC H . 25.72 -22.13 2.88
C3A HEC H . 24.98 -21.50 1.96
C4A HEC H . 24.74 -22.43 0.87
CMA HEC H . 24.48 -20.07 2.05
CAA HEC H . 26.23 -21.54 4.20
CBA HEC H . 25.23 -21.81 5.33
CGA HEC H . 25.68 -21.09 6.62
O1A HEC H . 26.80 -20.55 6.68
O2A HEC H . 24.89 -21.08 7.56
NB HEC H . 24.40 -24.33 -1.49
C1B HEC H . 23.97 -23.02 -1.42
C2B HEC H . 23.34 -22.70 -2.69
C3B HEC H . 23.43 -23.80 -3.51
C4B HEC H . 24.10 -24.84 -2.72
CMB HEC H . 22.73 -21.33 -2.97
CAB HEC H . 22.87 -23.98 -4.94
CBB HEC H . 23.59 -23.05 -5.94
NC HEC H . 25.40 -27.10 -1.14
C1C HEC H . 24.91 -27.18 -2.40
C2C HEC H . 25.04 -28.56 -2.86
C3C HEC H . 25.62 -29.31 -1.89
C4C HEC H . 25.84 -28.37 -0.78
CMC HEC H . 24.59 -29.06 -4.22
CAC HEC H . 25.92 -30.83 -1.89
CBC HEC H . 26.94 -31.29 -2.93
ND HEC H . 26.38 -26.36 1.47
C1D HEC H . 26.71 -27.70 1.43
C2D HEC H . 27.38 -27.98 2.67
C3D HEC H . 27.46 -26.84 3.40
C4D HEC H . 26.81 -25.79 2.66
CMD HEC H . 27.92 -29.37 3.04
CAD HEC H . 28.02 -26.72 4.80
CBD HEC H . 29.33 -25.96 5.03
CGD HEC H . 29.11 -25.50 6.48
O1D HEC H . 29.35 -24.27 6.66
O2D HEC H . 28.68 -26.31 7.37
CA1 DGA I . -8.08 -14.32 5.70
CA2 DGA I . -6.84 -13.59 5.27
CA3 DGA I . -6.45 -12.44 6.17
CA4 DGA I . -4.97 -12.43 6.53
CA5 DGA I . -4.59 -11.50 7.64
CA6 DGA I . -5.33 -11.74 8.93
CA7 DGA I . -4.48 -11.79 10.18
CA8 DGA I . -4.18 -13.20 10.65
CA9 DGA I . -4.66 -13.50 12.03
CAA DGA I . -5.36 -12.34 12.69
CBA DGA I . -4.55 -11.63 13.73
CCA DGA I . -5.33 -10.68 14.61
CDA DGA I . -5.53 -11.16 16.03
CEA DGA I . -5.03 -10.20 17.08
CFA DGA I . -3.90 -10.72 17.93
CGA DGA I . -4.23 -11.96 18.73
CHA DGA I . -3.76 -11.93 20.16
CIA DGA I . -2.59 -12.82 20.48
OA1 DGA I . -8.79 -13.97 6.60
CB1 DGA I . -9.22 -16.48 2.64
CB2 DGA I . -9.69 -15.58 1.98
CB3 DGA I . -9.91 -14.82 0.66
CB4 DGA I . -8.77 -13.85 0.32
CB5 DGA I . -9.20 -12.39 0.21
CB6 DGA I . -8.82 -11.72 -1.12
CB7 DGA I . -7.58 -10.84 -0.99
CB8 DGA I . -7.92 -9.35 -0.90
CB9 DGA I . -8.31 -8.79 -2.28
CAB DGA I . -8.11 -7.28 -2.34
CBB DGA I . -8.65 -6.61 -3.61
CCB DGA I . -7.88 -7.04 -4.86
CDB DGA I . -8.75 -7.77 -5.90
CEB DGA I . -7.99 -8.86 -6.66
CFB DGA I . -8.56 -9.14 -8.06
CGB DGA I . -9.73 -10.13 -8.10
CHB DGA I . -9.88 -10.84 -9.46
CIB DGA I . -10.09 -9.90 -10.63
OB1 DGA I . -8.06 -16.45 2.40
OG1 DGA I . -8.33 -15.38 4.92
CG1 DGA I . -8.47 -16.32 5.16
CG2 DGA I . -8.91 -16.78 4.28
OG2 DGA I . -9.69 -17.30 3.60
CG3 DGA I . -8.83 -18.24 3.81
OXT DGA I . -7.79 -19.02 4.48
C1 HTO J . 15.12 20.47 0.55
O1 HTO J . 14.35 19.43 1.17
C2 HTO J . 14.36 21.08 -0.65
O2 HTO J . 13.28 21.92 -0.16
C3 HTO J . 15.27 21.81 -1.69
O3 HTO J . 16.63 21.92 -1.22
C4 HTO J . 14.77 23.20 -2.16
C5 HTO J . 15.67 23.85 -3.24
C6 HTO J . 14.90 24.54 -4.38
C7 HTO J . 13.90 25.60 -3.93
C18 OLC K . 13.70 11.90 -1.53
C10 OLC K . 5.94 16.32 -1.15
C9 OLC K . 5.24 17.47 -1.06
C17 OLC K . 12.82 13.00 -2.14
C11 OLC K . 6.03 15.23 -0.09
C8 OLC K . 4.42 17.91 0.14
C24 OLC K . 1.60 29.11 5.07
C16 OLC K . 11.33 12.94 -1.76
C12 OLC K . 7.47 14.98 0.42
C7 OLC K . 4.05 19.41 0.15
C15 OLC K . 10.94 13.83 -0.56
C13 OLC K . 8.36 14.22 -0.55
C6 OLC K . 3.60 19.77 1.57
C14 OLC K . 9.57 13.55 0.11
C5 OLC K . 2.62 20.92 1.72
C4 OLC K . 2.39 21.22 3.21
C3 OLC K . 1.89 22.65 3.48
C2 OLC K . 2.88 23.59 4.21
C21 OLC K . 2.23 26.89 6.04
C1 OLC K . 2.31 25.01 4.32
C22 OLC K . 2.47 28.41 6.09
O19 OLC K . 1.23 25.23 3.80
O25 OLC K . 1.63 30.55 5.22
O23 OLC K . 2.09 28.92 7.38
O20 OLC K . 2.94 26.17 5.00
S SO4 L . -1.69 34.05 7.21
O1 SO4 L . -2.21 33.50 8.44
O2 SO4 L . -0.49 33.36 6.82
O3 SO4 L . -1.40 35.46 7.40
O4 SO4 L . -2.66 33.88 6.18
MG BCB M . 3.97 -1.51 0.82
CHA BCB M . 2.65 -1.40 3.97
CHB BCB M . 1.63 0.56 -0.32
CHC BCB M . 5.23 -2.12 -2.38
CHD BCB M . 6.70 -3.41 2.08
NA BCB M . 2.42 -0.54 1.66
C1A BCB M . 1.98 -0.65 2.88
C2A BCB M . 0.73 0.19 3.13
C3A BCB M . 0.74 1.12 1.92
C4A BCB M . 1.64 0.34 0.99
CMA BCB M . -0.66 1.42 1.44
CAA BCB M . 0.56 1.00 4.43
CBA BCB M . 1.69 2.00 4.70
CGA BCB M . 1.88 2.34 6.16
O1A BCB M . 1.89 1.54 7.04
O2A BCB M . 2.12 3.68 6.58
NB BCB M . 3.51 -0.87 -1.06
C1B BCB M . 2.51 -0.02 -1.37
C2B BCB M . 2.36 0.30 -2.82
C3B BCB M . 3.44 -0.52 -3.41
C4B BCB M . 4.07 -1.20 -2.24
CMB BCB M . 1.33 1.17 -3.46
CAB BCB M . 3.79 -0.70 -4.85
OBB BCB M . 4.51 -1.61 -5.20
CBB BCB M . 3.18 0.21 -5.88
NC BCB M . 5.58 -2.53 0.02
C1C BCB M . 5.98 -2.70 -1.26
C2C BCB M . 7.18 -3.49 -1.65
C3C BCB M . 7.56 -3.81 -0.28
C4C BCB M . 6.60 -3.19 0.65
CMC BCB M . 6.83 -4.77 -2.39
CAC BCB M . 8.97 -4.01 0.10
CBC BCB M . 10.08 -4.44 -0.84
ND BCB M . 4.62 -2.26 2.63
C1D BCB M . 5.67 -2.98 2.99
C2D BCB M . 5.62 -3.33 4.40
C3D BCB M . 4.39 -2.74 4.92
C4D BCB M . 3.89 -2.13 3.79
CMD BCB M . 6.55 -4.11 5.29
CAD BCB M . 3.37 -2.35 5.91
OBD BCB M . 3.49 -2.78 7.10
CBD BCB M . 2.25 -1.57 5.36
CGD BCB M . 1.06 -2.46 5.36
O1D BCB M . -0.07 -2.17 5.70
O2D BCB M . 1.27 -3.77 4.86
CED BCB M . 0.19 -4.67 4.77
C1 BCB M . 2.31 3.93 7.98
C2 BCB M . 2.20 5.40 8.29
C3 BCB M . 2.11 5.84 9.55
C4 BCB M . 2.13 4.91 10.70
C5 BCB M . 2.00 7.34 9.75
C6 BCB M . 1.70 7.75 11.19
C7 BCB M . 1.71 9.28 11.26
C8 BCB M . 1.77 9.79 12.71
C9 BCB M . 0.52 9.36 13.49
C10 BCB M . 1.91 11.28 12.70
C11 BCB M . 3.35 11.71 12.52
C12 BCB M . 3.42 13.21 12.75
C13 BCB M . 4.73 13.81 12.28
C14 BCB M . 5.87 13.19 13.07
C15 BCB M . 4.57 15.32 12.45
C16 BCB M . 5.70 16.15 11.87
C17 BCB M . 5.24 17.00 10.69
C18 BCB M . 5.28 18.51 10.91
C19 BCB M . 6.43 18.97 11.81
C20 BCB M . 3.99 19.06 11.46
MG BCB N . 7.38 7.17 5.72
CHA BCB N . 8.27 8.57 2.75
CHB BCB N . 7.49 10.20 7.18
CHC BCB N . 6.12 5.67 8.58
CHD BCB N . 7.13 4.00 4.14
NA BCB N . 7.84 9.06 5.11
C1A BCB N . 8.11 9.46 3.91
C2A BCB N . 8.20 10.97 3.77
C3A BCB N . 8.36 11.39 5.22
C4A BCB N . 7.87 10.14 5.91
CMA BCB N . 9.80 11.73 5.66
CAA BCB N . 6.95 11.61 3.14
CBA BCB N . 5.64 11.21 3.82
CGA BCB N . 4.44 12.04 3.44
O1A BCB N . 4.45 13.02 2.70
O2A BCB N . 3.16 11.62 4.01
NB BCB N . 6.91 7.84 7.60
C1B BCB N . 6.99 9.09 8.04
C2B BCB N . 6.57 9.30 9.44
C3B BCB N . 6.16 7.94 9.81
C4B BCB N . 6.41 7.12 8.63
CMB BCB N . 6.55 10.58 10.22
CAB BCB N . 5.64 7.46 11.11
OBB BCB N . 5.11 6.38 11.19
CBB BCB N . 5.79 8.33 12.32
NC BCB N . 6.77 5.28 6.27
C1C BCB N . 6.28 4.79 7.42
C2C BCB N . 6.17 3.33 7.73
C3C BCB N . 6.18 3.02 6.31
C4C BCB N . 6.72 4.14 5.52
CMC BCB N . 7.41 2.72 8.43
CAC BCB N . 5.92 1.67 5.78
CBC BCB N . 5.03 0.69 6.47
ND BCB N . 7.60 6.39 3.86
C1D BCB N . 7.53 5.16 3.36
C2D BCB N . 7.92 5.10 1.96
C3D BCB N . 8.24 6.47 1.60
C4D BCB N . 7.98 7.15 2.79
CMD BCB N . 8.02 4.03 0.91
CAD BCB N . 8.67 7.57 0.74
OBD BCB N . 8.96 7.29 -0.45
CBD BCB N . 8.68 8.92 1.38
CGD BCB N . 10.02 9.52 1.30
O1D BCB N . 10.29 10.27 0.39
O2D BCB N . 11.01 9.24 2.26
CED BCB N . 12.35 9.63 1.94
C1 BCB N . 2.02 12.41 3.73
C2 BCB N . 2.01 13.61 4.63
C3 BCB N . 2.05 14.87 4.23
C4 BCB N . 2.18 15.26 2.81
C5 BCB N . 2.04 15.96 5.28
C6 BCB N . 3.45 16.52 5.52
C7 BCB N . 4.34 15.59 6.35
C8 BCB N . 5.83 15.99 6.34
C9 BCB N . 6.41 16.18 4.94
C10 BCB N . 6.61 14.93 7.11
C11 BCB N . 7.94 15.38 7.68
C12 BCB N . 8.30 14.46 8.84
C13 BCB N . 9.59 14.85 9.54
C14 BCB N . 10.74 14.78 8.56
C15 BCB N . 9.83 13.93 10.75
C16 BCB N . 9.54 14.64 12.09
C17 BCB N . 10.73 15.46 12.63
C18 BCB N . 10.46 16.01 14.04
C19 BCB N . 9.81 17.39 14.01
C20 BCB N . 11.75 16.08 14.84
C1 BPB O . 2.01 16.41 17.12
C2 BPB O . 3.45 15.94 16.99
C3 BPB O . 4.43 16.72 16.50
C4 BPB O . 4.11 18.11 16.01
C5 BPB O . 5.87 16.24 16.40
C6 BPB O . 6.18 15.03 17.29
C7 BPB O . 7.68 14.83 17.38
C8 BPB O . 8.01 13.50 18.04
C9 BPB O . 7.93 13.63 19.55
NA BPB O . -0.93 13.59 10.11
NB BPB O . 0.02 11.46 8.43
NC BPB O . -2.78 10.36 8.12
ND BPB O . -3.70 12.36 9.64
C10 BPB O . 9.41 13.03 17.70
C11 BPB O . 9.60 12.35 16.35
C12 BPB O . 8.86 11.06 16.24
C13 BPB O . 9.43 10.07 15.21
C14 BPB O . 8.31 9.08 14.93
C15 BPB O . 9.95 10.69 13.91
C16 BPB O . 10.62 9.70 12.97
C17 BPB O . 10.37 10.08 11.53
C18 BPB O . 11.00 9.17 10.49
C19 BPB O . 11.38 9.98 9.26
C1A BPB O . -1.55 14.39 10.88
O1A BPB O . 0.70 14.60 15.60
C1B BPB O . 1.22 12.07 8.59
C1C BPB O . -2.06 9.43 7.49
C1D BPB O . -4.90 11.85 9.42
O1D BPB O . -3.38 17.64 12.20
C20 BPB O . 10.06 8.04 10.08
C2A BPB O . -0.67 15.39 11.57
O2A BPB O . 1.43 16.76 15.88
C2B BPB O . 2.34 11.39 7.91
C2C BPB O . -2.89 8.32 6.94
C2D BPB O . -5.94 12.64 10.06
O2D BPB O . -3.69 17.08 9.98
C3A BPB O . 0.58 15.27 10.72
C3B BPB O . 1.66 10.24 7.33
C3C BPB O . -4.30 8.83 7.14
C3D BPB O . -5.27 13.71 10.76
C4A BPB O . 0.34 13.98 9.99
C4B BPB O . 0.26 10.38 7.70
C4C BPB O . -4.01 10.01 8.03
C4D BPB O . -3.95 13.45 10.43
CAA BPB O . -0.43 14.99 13.03
CAB BPB O . 2.26 9.16 6.53
CAC BPB O . -5.40 7.88 7.60
CAD BPB O . -5.20 14.90 11.61
CBA BPB O . 0.38 16.08 13.73
CBB BPB O . 3.71 8.78 6.72
OBB BPB O . 1.53 8.64 5.72
CBC BPB O . -5.50 6.59 6.81
CBD BPB O . -3.79 15.35 11.81
OBD BPB O . -6.24 15.45 12.04
CED BPB O . -3.19 18.33 9.49
CGA BPB O . 0.82 15.72 15.11
CGD BPB O . -3.59 16.76 11.38
CHA BPB O . -3.00 14.39 11.03
CHB BPB O . 1.34 13.35 9.34
CHC BPB O . -0.75 9.41 7.29
CHD BPB O . -5.13 10.68 8.63
CMA BPB O . 0.77 16.39 9.73
CMB BPB O . 3.83 11.72 7.82
CMC BPB O . -2.62 8.18 5.45
CMD BPB O . -7.44 12.57 10.17
C1 HTO P . 6.62 2.20 24.47
O1 HTO P . 5.26 1.75 24.56
C2 HTO P . 7.67 1.07 24.47
O2 HTO P . 8.20 0.98 23.14
C3 HTO P . 8.84 1.25 25.50
O3 HTO P . 9.94 1.91 24.85
C4 HTO P . 9.36 -0.05 26.15
C5 HTO P . 10.22 0.13 27.42
C6 HTO P . 10.52 -1.22 28.10
C7 HTO P . 11.03 -1.15 29.53
C1 HTO Q . 12.05 3.53 28.73
O1 HTO Q . 10.86 4.33 28.62
C2 HTO Q . 13.30 4.25 28.17
O2 HTO Q . 13.44 5.52 28.80
C3 HTO Q . 14.61 3.44 28.25
O3 HTO Q . 14.28 2.16 28.82
C4 HTO Q . 15.83 4.00 29.03
C5 HTO Q . 16.86 2.89 29.32
C6 HTO Q . 18.21 3.38 29.87
C7 HTO Q . 18.83 2.44 30.90
C1 HTO R . -19.14 12.00 16.74
O1 HTO R . -19.66 12.92 17.72
C2 HTO R . -20.17 10.92 16.32
O2 HTO R . -21.09 11.43 15.31
C3 HTO R . -19.44 9.63 15.87
O3 HTO R . -18.17 9.93 15.29
C4 HTO R . -20.21 8.75 14.87
C5 HTO R . -19.42 7.50 14.47
C6 HTO R . -18.93 7.53 13.02
C7 HTO R . -17.48 7.92 12.86
C1 HTO S . -12.81 -4.42 4.16
O1 HTO S . -13.70 -3.72 5.05
C2 HTO S . -13.61 -5.19 3.08
O2 HTO S . -14.62 -4.29 2.56
C3 HTO S . -12.72 -5.86 1.98
O3 HTO S . -11.40 -6.13 2.50
C4 HTO S . -12.56 -5.13 0.61
C5 HTO S . -11.36 -5.61 -0.25
C6 HTO S . -11.52 -5.32 -1.76
C7 HTO S . -10.83 -4.06 -2.26
S SO4 T . 14.99 12.82 12.34
O1 SO4 T . 16.01 13.81 12.14
O2 SO4 T . 15.51 11.72 13.11
O3 SO4 T . 14.54 12.34 11.07
O4 SO4 T . 13.88 13.39 13.05
C1 UQ1 U . -20.82 11.89 -6.67
O1 UQ1 U . -21.94 11.39 -6.94
C2 UQ1 U . -20.86 13.17 -5.93
O2 UQ1 U . -22.06 13.72 -5.56
CM2 UQ1 U . -22.90 14.39 -6.50
C3 UQ1 U . -19.59 13.85 -5.58
O3 UQ1 U . -19.47 15.05 -4.87
CM3 UQ1 U . -20.42 16.08 -4.56
C4 UQ1 U . -18.32 13.22 -5.99
O4 UQ1 U . -17.31 13.83 -5.67
C5 UQ1 U . -18.24 11.93 -6.74
CM5 UQ1 U . -16.87 11.40 -7.09
C6 UQ1 U . -19.52 11.23 -7.08
C7 UQ1 U . -19.52 9.91 -7.89
C8 UQ1 U . -19.44 8.62 -7.09
C9 UQ1 U . -19.50 7.40 -7.69
C10 UQ1 U . -19.41 6.11 -6.90
C11 UQ1 U . -19.63 7.30 -9.19
C1 UQ1 V . -9.28 -17.01 -8.65
O1 UQ1 V . -8.50 -17.32 -9.57
C2 UQ1 V . -8.69 -16.90 -7.27
O2 UQ1 V . -7.34 -17.19 -7.20
CM2 UQ1 V . -6.50 -16.91 -6.09
C3 UQ1 V . -9.55 -16.53 -6.08
O3 UQ1 V . -9.00 -16.44 -4.79
CM3 UQ1 V . -9.55 -15.76 -3.66
C4 UQ1 V . -11.01 -16.27 -6.37
O4 UQ1 V . -11.75 -15.96 -5.41
C5 UQ1 V . -11.61 -16.37 -7.77
CM5 UQ1 V . -13.10 -16.09 -7.96
C6 UQ1 V . -10.73 -16.74 -8.94
C7 UQ1 V . -11.26 -16.87 -10.38
C8 UQ1 V . -11.44 -15.51 -11.07
C9 UQ1 V . -11.89 -15.34 -12.34
C10 UQ1 V . -12.28 -16.48 -13.22
C11 UQ1 V . -12.03 -13.94 -12.92
N1 LDA W . -18.38 6.09 9.17
O1 LDA W . -17.43 5.76 10.15
CM1 LDA W . -19.13 7.29 9.65
CM2 LDA W . -17.63 6.41 7.92
C1 LDA W . -19.32 4.92 8.95
C2 LDA W . -18.67 3.66 8.40
C3 LDA W . -19.62 2.46 8.28
C4 LDA W . -20.82 2.61 7.35
C5 LDA W . -20.59 3.40 6.07
C6 LDA W . -20.10 2.59 4.88
C7 LDA W . -20.04 3.39 3.57
C8 LDA W . -19.33 2.71 2.44
C9 LDA W . -19.97 1.40 1.95
C10 LDA W . -19.64 1.02 0.51
C11 LDA W . -19.18 -0.41 0.28
C12 LDA W . -17.74 -0.57 -0.23
C1 HTO X . -13.79 4.28 10.40
O1 HTO X . -14.59 4.52 9.23
C2 HTO X . -13.35 5.58 11.12
O2 HTO X . -14.34 6.61 10.95
C3 HTO X . -13.16 5.47 12.65
O3 HTO X . -12.94 6.84 13.10
C4 HTO X . -12.04 4.50 13.13
C5 HTO X . -11.87 4.30 14.66
C6 HTO X . -10.88 3.18 15.03
C7 HTO X . -9.72 3.61 15.92
FE FE2 Y . -15.92 18.16 -0.50
C1 MQ7 Z . -11.10 20.93 5.32
O1 MQ7 Z . -11.85 19.97 4.95
C2 MQ7 Z . -9.69 20.71 5.71
C2M MQ7 Z . -9.15 19.33 5.69
C3 MQ7 Z . -8.83 21.83 6.09
C4 MQ7 Z . -9.37 23.20 6.11
O4 MQ7 Z . -8.64 24.14 6.46
C5 MQ7 Z . -10.77 23.42 5.76
C6 MQ7 Z . -11.29 24.69 5.79
C7 MQ7 Z . -12.60 24.90 5.43
C8 MQ7 Z . -13.41 23.83 5.02
C9 MQ7 Z . -12.94 22.53 4.99
C10 MQ7 Z . -11.63 22.30 5.34
C11 MQ7 Z . -7.40 21.62 6.48
C12 MQ7 Z . -6.60 21.55 5.19
C13 MQ7 Z . -5.68 22.44 4.77
C14 MQ7 Z . -5.31 23.67 5.51
C15 MQ7 Z . -4.96 22.19 3.45
C16 MQ7 Z . -3.46 21.96 3.71
C17 MQ7 Z . -3.28 20.77 4.63
C18 MQ7 Z . -2.45 19.75 4.38
C19 MQ7 Z . -1.57 19.63 3.16
C20 MQ7 Z . -2.33 18.65 5.40
C21 MQ7 Z . -0.94 18.72 6.03
C22 MQ7 Z . -0.81 19.81 7.10
C23 MQ7 Z . 0.39 20.20 7.56
C24 MQ7 Z . 1.69 19.59 7.06
C25 MQ7 Z . 0.51 21.24 8.64
C26 MQ7 Z . 1.16 20.59 9.87
C27 MQ7 Z . 1.17 21.55 11.05
C28 MQ7 Z . 1.20 21.18 12.34
C29 MQ7 Z . 1.19 19.75 12.75
C30 MQ7 Z . 1.21 22.23 13.43
C31 MQ7 Z . 2.55 22.31 14.18
C32 MQ7 Z . 2.42 23.37 15.26
C33 MQ7 Z . 2.71 23.20 16.57
C34 MQ7 Z . 3.23 21.88 17.09
C35 MQ7 Z . 2.50 24.34 17.55
C36 MQ7 Z . 1.23 24.06 18.38
C37 MQ7 Z . 1.02 25.14 19.42
C38 MQ7 Z . 0.33 24.99 20.59
C39 MQ7 Z . -0.31 23.67 20.88
C40 MQ7 Z . 0.20 26.14 21.60
C41 MQ7 Z . 1.54 26.77 22.04
C42 MQ7 Z . 2.09 27.74 21.00
C43 MQ7 Z . 3.40 27.88 20.62
C44 MQ7 Z . 3.78 28.89 19.54
C45 MQ7 Z . 4.52 27.08 21.24
MG BCB AA . -2.40 -2.85 -10.49
CHA BCB AA . -3.32 -4.41 -7.66
CHB BCB AA . -5.37 -3.51 -11.91
CHC BCB AA . -1.38 -0.97 -13.26
CHD BCB AA . 0.67 -1.89 -8.91
NA BCB AA . -4.07 -3.80 -9.90
C1A BCB AA . -4.29 -4.33 -8.75
C2A BCB AA . -5.70 -4.81 -8.56
C3A BCB AA . -6.17 -4.87 -10.00
C4A BCB AA . -5.15 -3.99 -10.67
CMA BCB AA . -6.12 -6.29 -10.58
CAA BCB AA . -6.58 -3.87 -7.74
CBA BCB AA . -6.70 -2.48 -8.40
CGA BCB AA . -7.45 -1.46 -7.59
O1A BCB AA . -8.06 -1.73 -6.57
O2A BCB AA . -7.51 -0.11 -8.09
NB BCB AA . -3.24 -2.35 -12.29
C1B BCB AA . -4.47 -2.70 -12.72
C2B BCB AA . -4.86 -2.18 -14.03
C3B BCB AA . -3.66 -1.41 -14.40
C4B BCB AA . -2.73 -1.56 -13.28
CMB BCB AA . -6.13 -2.37 -14.80
CAB BCB AA . -3.50 -0.68 -15.66
OBB BCB AA . -4.03 -1.11 -16.67
CBB BCB AA . -2.72 0.57 -15.66
NC BCB AA . -0.74 -1.73 -10.98
C1C BCB AA . -0.46 -1.04 -12.11
C2C BCB AA . 0.87 -0.46 -12.35
C3C BCB AA . 1.29 -0.64 -10.99
C4C BCB AA . 0.34 -1.41 -10.24
CMC BCB AA . 1.75 -1.29 -13.27
CAC BCB AA . 2.16 0.39 -10.38
CBC BCB AA . 3.35 0.91 -11.14
ND BCB AA . -1.46 -3.04 -8.68
C1D BCB AA . -0.28 -2.68 -8.17
C2D BCB AA . -0.03 -3.18 -6.83
C3D BCB AA . -1.27 -3.90 -6.51
C4D BCB AA . -2.03 -3.73 -7.65
CMD BCB AA . 1.05 -3.09 -5.82
CAD BCB AA . -2.17 -4.71 -5.69
OBD BCB AA . -1.78 -5.04 -4.54
CBD BCB AA . -3.48 -5.04 -6.33
CGD BCB AA . -3.64 -6.50 -6.36
O1D BCB AA . -4.35 -7.07 -5.56
O2D BCB AA . -2.88 -7.26 -7.29
CED BCB AA . -3.14 -8.66 -7.24
C1 BCB AA . -8.46 0.78 -7.50
C2 BCB AA . -9.94 0.48 -7.74
C3 BCB AA . -10.73 1.27 -8.52
C4 BCB AA . -10.15 2.48 -9.18
C5 BCB AA . -12.21 1.00 -8.70
C6 BCB AA . -12.61 0.22 -9.92
C7 BCB AA . -14.07 -0.22 -9.69
C8 BCB AA . -14.87 -0.57 -10.95
C9 BCB AA . -16.28 -1.03 -10.53
C10 BCB AA . -14.15 -1.62 -11.85
C11 BCB AA . -13.48 -1.01 -13.08
C12 BCB AA . -13.21 -1.97 -14.26
C13 BCB AA . -14.32 -2.10 -15.33
C14 BCB AA . -14.12 -3.42 -16.10
C15 BCB AA . -14.45 -0.91 -16.31
C16 BCB AA . -15.41 0.23 -15.90
C17 BCB AA . -16.59 0.52 -16.85
C18 BCB AA . -17.78 1.14 -16.09
C19 BCB AA . -19.09 1.26 -16.89
C20 BCB AA . -17.38 2.49 -15.48
MG BCB BA . 6.20 1.76 -5.73
CHA BCB BA . 5.47 3.38 -8.56
CHB BCB BA . 3.90 3.49 -4.00
CHC BCB BA . 7.44 0.29 -2.85
CHD BCB BA . 8.09 -0.60 -7.60
NA BCB BA . 4.93 3.23 -6.20
C1A BCB BA . 4.82 3.85 -7.32
C2A BCB BA . 3.79 4.98 -7.25
C3A BCB BA . 2.99 4.62 -6.01
C4A BCB BA . 3.99 3.71 -5.31
CMA BCB BA . 2.52 5.82 -5.22
CAA BCB BA . 2.74 5.27 -8.33
CBA BCB BA . 1.94 4.08 -8.84
CGA BCB BA . 0.46 4.28 -8.93
O1A BCB BA . -0.19 5.17 -8.41
O2A BCB BA . -0.25 3.29 -9.69
NB BCB BA . 5.75 1.87 -3.74
C1B BCB BA . 4.77 2.62 -3.20
C2B BCB BA . 4.67 2.56 -1.74
C3B BCB BA . 5.73 1.59 -1.40
C4B BCB BA . 6.34 1.25 -2.69
CMB BCB BA . 3.66 3.30 -0.92
CAB BCB BA . 6.13 1.11 -0.04
OBB BCB BA . 7.10 0.41 0.11
CBB BCB BA . 5.32 1.51 1.18
NC BCB BA . 7.44 0.20 -5.30
C1C BCB BA . 7.90 -0.27 -4.13
C2C BCB BA . 9.10 -1.16 -4.08
C3C BCB BA . 8.94 -1.58 -5.46
C4C BCB BA . 8.08 -0.65 -6.16
CMC BCB BA . 10.38 -0.37 -3.91
CAC BCB BA . 9.18 -2.95 -5.90
CBC BCB BA . 10.22 -3.78 -5.21
ND BCB BA . 6.69 1.38 -7.66
C1D BCB BA . 7.42 0.48 -8.28
C2D BCB BA . 7.53 0.72 -9.71
C3D BCB BA . 6.75 1.92 -9.97
C4D BCB BA . 6.30 2.20 -8.67
CMD BCB BA . 8.20 0.03 -10.85
CAD BCB BA . 6.10 3.00 -10.73
OBD BCB BA . 6.27 3.10 -11.98
CBD BCB BA . 5.38 3.97 -9.91
CGD BCB BA . 6.25 5.20 -9.80
O1D BCB BA . 5.94 6.18 -9.17
O2D BCB BA . 7.53 5.23 -10.39
CED BCB BA . 8.39 6.36 -10.17
C1 BCB BA . -1.66 3.28 -9.69
C2 BCB BA . -2.30 4.06 -10.83
C3 BCB BA . -2.27 3.68 -12.12
C4 BCB BA . -1.55 2.43 -12.56
C5 BCB BA . -2.96 4.51 -13.17
C6 BCB BA . -4.00 3.68 -13.91
C7 BCB BA . -5.02 4.60 -14.57
C8 BCB BA . -5.76 3.98 -15.76
C9 BCB BA . -6.43 5.08 -16.55
C10 BCB BA . -6.80 2.98 -15.29
C11 BCB BA . -7.62 2.40 -16.43
C12 BCB BA . -7.95 0.95 -16.16
C13 BCB BA . -8.94 0.40 -17.17
C14 BCB BA . -10.33 0.86 -16.81
C15 BCB BA . -8.92 -1.13 -17.17
C16 BCB BA . -8.97 -1.75 -18.57
C17 BCB BA . -7.90 -2.82 -18.72
C18 BCB BA . -8.27 -3.90 -19.72
C19 BCB BA . -7.10 -4.85 -19.88
C20 BCB BA . -8.71 -3.34 -21.08
C1 BPB CA . -12.15 1.57 -20.58
C2 BPB CA . -13.53 1.11 -20.95
C3 BPB CA . -14.03 -0.12 -21.05
C4 BPB CA . -15.48 -0.08 -21.37
C5 BPB CA . -13.37 -1.46 -20.97
C6 BPB CA . -13.80 -2.34 -19.78
C7 BPB CA . -15.22 -2.96 -19.70
C8 BPB CA . -15.37 -4.41 -20.20
C9 BPB CA . -15.82 -4.36 -21.66
NA BPB CA . -10.32 4.99 -13.62
NB BPB CA . -8.01 3.99 -11.95
NC BPB CA . -6.99 6.78 -11.33
ND BPB CA . -9.17 7.67 -12.82
C10 BPB CA . -16.31 -5.28 -19.31
C11 BPB CA . -16.97 -6.50 -19.99
C12 BPB CA . -16.01 -7.59 -20.52
C13 BPB CA . -16.65 -8.69 -21.42
C14 BPB CA . -16.95 -8.19 -22.84
C15 BPB CA . -15.81 -9.97 -21.47
C16 BPB CA . -16.67 -11.26 -21.51
C17 BPB CA . -16.28 -12.23 -22.63
C18 BPB CA . -17.21 -13.46 -22.75
C19 BPB CA . -18.62 -13.11 -23.21
C1A BPB CA . -11.11 5.63 -14.37
O1A BPB CA . -10.92 4.11 -19.32
C1B BPB CA . -8.58 2.83 -12.26
C1C BPB CA . -6.05 6.05 -10.74
C1D BPB CA . -8.73 8.87 -12.39
O1D BPB CA . -14.47 7.63 -15.38
C20 BPB CA . -17.22 -14.28 -21.47
C2A BPB CA . -11.99 4.71 -15.17
O2A BPB CA . -12.60 2.55 -19.63
C2B BPB CA . -7.82 1.66 -11.78
C2C BPB CA . -5.03 6.90 -10.01
C2D BPB CA . -9.56 9.98 -12.92
O2D BPB CA . -13.91 7.70 -13.19
C3A BPB CA . -11.85 3.44 -14.34
C3B BPB CA . -6.68 2.29 -11.09
C3C BPB CA . -5.81 8.20 -9.94
C3D BPB CA . -10.60 9.33 -13.74
C4A BPB CA . -10.58 3.71 -13.59
C4B BPB CA . -6.85 3.71 -11.30
C4C BPB CA . -6.81 8.00 -11.03
C4D BPB CA . -10.28 7.99 -13.62
CAA BPB CA . -11.49 4.60 -16.60
CAB BPB CA . -5.51 1.62 -10.44
CAC BPB CA . -5.06 9.48 -9.99
CAD BPB CA . -11.80 9.36 -14.63
CBA BPB CA . -12.42 3.76 -17.46
CBB BPB CA . -5.01 2.19 -9.20
OBB BPB CA . -4.97 0.62 -10.91
CBC BPB CA . -4.14 9.62 -8.80
CBD BPB CA . -12.19 7.97 -15.04
OBD BPB CA . -12.30 10.48 -15.01
CED BPB CA . -15.23 7.20 -12.94
CGA BPB CA . -11.88 3.52 -18.85
CGD BPB CA . -13.57 7.75 -14.58
CHA BPB CA . -11.19 7.12 -14.36
CHB BPB CA . -9.86 2.74 -13.01
CHC BPB CA . -5.94 4.71 -10.73
CHD BPB CA . -7.57 9.10 -11.56
CMA BPB CA . -12.96 3.24 -13.31
CMB BPB CA . -8.14 0.21 -11.89
CMC BPB CA . -4.78 6.35 -8.59
CMD BPB CA . -9.54 11.49 -12.76
C1 NS5 DA . -9.99 -4.87 -13.04
CM1 NS5 DA . -9.66 -4.12 -14.33
CM2 NS5 DA . -10.50 -3.94 -11.92
C2 NS5 DA . -10.97 -6.02 -13.36
C3 NS5 DA . -10.31 -7.14 -14.19
C4 NS5 DA . -11.06 -7.51 -15.50
C5 NS5 DA . -10.08 -7.96 -16.59
C6 NS5 DA . -9.19 -6.89 -17.18
C7 NS5 DA . -10.00 -9.26 -17.00
C8 NS5 DA . -9.01 -9.77 -18.06
C9 NS5 DA . -7.82 -10.58 -17.48
C10 NS5 DA . -7.11 -9.70 -16.49
C11 NS5 DA . -7.75 -9.56 -15.14
C12 NS5 DA . -5.98 -9.04 -16.78
C13 NS5 DA . -5.39 -8.09 -15.82
C14 NS5 DA . -4.41 -7.33 -16.26
C15 NS5 DA . -3.75 -6.23 -15.54
C16 NS5 DA . -4.19 -5.94 -14.15
C17 NS5 DA . -2.89 -5.49 -16.29
C18 NS5 DA . -2.21 -4.30 -15.83
C19 NS5 DA . -1.35 -3.50 -16.49
C20 NS5 DA . -0.85 -3.52 -17.87
C21 NS5 DA . -0.29 -2.42 -18.46
C22 NS5 DA . -0.05 -1.14 -17.71
C23 NS5 DA . 0.10 -2.41 -19.90
C24 NS5 DA . 0.25 -1.28 -20.62
C25 NS5 DA . 0.54 -1.38 -22.08
C26 NS5 DA . 0.47 -0.38 -23.01
C27 NS5 DA . 0.21 1.07 -22.65
C28 NS5 DA . 0.75 -0.71 -24.44
C29 NS5 DA . 0.79 0.22 -25.41
C30 NS5 DA . 1.06 -0.15 -26.79
C31 NS5 DA . 1.08 0.67 -27.87
C32 NS5 DA . 0.83 2.16 -27.84
C33 NS5 DA . 1.38 -0.07 -29.17
C34 NS5 DA . 1.79 0.71 -30.43
C35 NS5 DA . 1.30 -0.10 -31.63
C36 NS5 DA . 1.96 -0.34 -32.79
CM3 NS5 DA . 3.34 0.21 -33.04
CM4 NS5 DA . 1.28 -1.18 -33.84
C1 HTO EA . -10.47 23.64 -16.36
O1 HTO EA . -11.62 24.20 -17.06
C2 HTO EA . -9.05 24.18 -16.72
O2 HTO EA . -8.81 25.40 -16.02
C3 HTO EA . -7.90 23.17 -16.45
O3 HTO EA . -8.27 22.39 -15.31
C4 HTO EA . -6.47 23.72 -16.21
C5 HTO EA . -5.45 22.65 -15.73
C6 HTO EA . -4.21 22.46 -16.62
C7 HTO EA . -3.11 21.62 -15.98
C1 HTO FA . -29.78 1.60 -15.31
O1 HTO FA . -31.01 1.17 -15.94
C2 HTO FA . -28.61 0.59 -15.34
O2 HTO FA . -28.59 0.03 -16.64
C3 HTO FA . -27.25 1.25 -15.03
O3 HTO FA . -26.64 1.61 -16.27
C4 HTO FA . -26.24 0.40 -14.21
C5 HTO FA . -24.95 1.13 -13.79
C6 HTO FA . -24.15 0.36 -12.72
C7 HTO FA . -22.96 1.11 -12.11
C1 HTO GA . -7.76 -13.47 -31.21
O1 HTO GA . -8.98 -12.73 -31.00
C2 HTO GA . -7.19 -14.11 -29.92
O2 HTO GA . -8.08 -15.14 -29.50
C3 HTO GA . -5.73 -14.65 -30.03
O3 HTO GA . -5.42 -14.77 -31.42
C4 HTO GA . -5.37 -15.98 -29.33
C5 HTO GA . -4.00 -16.55 -29.78
C6 HTO GA . -3.62 -17.90 -29.16
C7 HTO GA . -2.20 -18.36 -29.51
N1 LDA HA . -18.61 13.42 -30.46
O1 LDA HA . -17.78 14.18 -31.30
CM1 LDA HA . -18.77 14.18 -29.18
CM2 LDA HA . -19.95 13.27 -31.13
C1 LDA HA . -17.98 12.06 -30.23
C2 LDA HA . -16.80 11.68 -31.12
C3 LDA HA . -16.62 10.17 -31.31
C4 LDA HA . -15.38 9.57 -30.66
C5 LDA HA . -14.81 8.35 -31.36
C6 LDA HA . -13.55 7.79 -30.72
C7 LDA HA . -12.54 7.15 -31.67
C8 LDA HA . -11.13 7.77 -31.65
C9 LDA HA . -10.17 7.19 -30.62
C10 LDA HA . -9.31 8.22 -29.89
C11 LDA HA . -7.82 8.18 -30.19
C12 LDA HA . -6.95 8.64 -29.03
S SO4 IA . -23.69 14.80 20.00
O1 SO4 IA . -22.58 15.65 19.66
O2 SO4 IA . -23.24 13.78 20.93
O3 SO4 IA . -24.20 14.17 18.81
O4 SO4 IA . -24.73 15.56 20.62
S SO4 JA . -10.07 27.55 -12.31
O1 SO4 JA . -10.10 26.67 -11.18
O2 SO4 JA . -8.70 27.77 -12.72
O3 SO4 JA . -10.65 28.81 -11.95
O4 SO4 JA . -10.80 26.95 -13.40
S SO4 KA . -30.50 4.94 15.73
O1 SO4 KA . -29.79 3.79 15.25
O2 SO4 KA . -29.61 5.77 16.49
O3 SO4 KA . -31.00 5.69 14.60
O4 SO4 KA . -31.62 4.53 16.56
S SO4 LA . -19.96 11.35 -27.08
O1 SO4 LA . -20.08 10.17 -26.28
O2 SO4 LA . -18.57 11.73 -27.14
O3 SO4 LA . -20.45 11.11 -28.40
O4 SO4 LA . -20.72 12.43 -26.48
#